data_6LUK
#
_entry.id   6LUK
#
_cell.length_a   66.430
_cell.length_b   182.842
_cell.length_c   66.971
_cell.angle_alpha   90.000
_cell.angle_beta   93.320
_cell.angle_gamma   90.000
#
_symmetry.space_group_name_H-M   'P 1 21 1'
#
loop_
_entity.id
_entity.type
_entity.pdbx_description
1 polymer Atherin
2 non-polymer 'SULFATE ION'
3 water water
#
_entity_poly.entity_id   1
_entity_poly.type   'polypeptide(L)'
_entity_poly.pdbx_seq_one_letter_code
;SPVEWTVMDVVEYFTEAGFPEQATAFQEQEIDGKSLLLMQRTDVLTGLSIRLGPALKIYEHHIKVLQQG
;
_entity_poly.pdbx_strand_id   A,B,C,D,E,F,G,H,I,J,K,L,M,N,O,P,Q,R,S,T
#
# COMPACT_ATOMS: atom_id res chain seq x y z
N SER A 1 -22.56 -22.58 -32.01
CA SER A 1 -21.28 -23.25 -31.86
C SER A 1 -20.16 -22.24 -31.60
N PRO A 2 -19.37 -22.48 -30.56
CA PRO A 2 -18.40 -21.45 -30.13
C PRO A 2 -17.43 -21.01 -31.22
N VAL A 3 -16.95 -21.94 -32.05
CA VAL A 3 -15.94 -21.60 -33.05
C VAL A 3 -16.44 -20.53 -34.03
N GLU A 4 -17.76 -20.42 -34.20
CA GLU A 4 -18.33 -19.41 -35.10
C GLU A 4 -18.65 -18.10 -34.40
N TRP A 5 -18.46 -18.03 -33.09
CA TRP A 5 -18.87 -16.84 -32.34
C TRP A 5 -18.04 -15.63 -32.75
N THR A 6 -18.73 -14.51 -32.97
CA THR A 6 -18.07 -13.24 -33.14
C THR A 6 -17.65 -12.68 -31.78
N VAL A 7 -16.92 -11.56 -31.80
CA VAL A 7 -16.59 -10.90 -30.54
C VAL A 7 -17.86 -10.48 -29.81
N MET A 8 -18.88 -10.06 -30.56
CA MET A 8 -20.16 -9.73 -29.94
C MET A 8 -20.77 -10.94 -29.24
N ASP A 9 -20.70 -12.12 -29.87
CA ASP A 9 -21.22 -13.33 -29.26
C ASP A 9 -20.48 -13.66 -27.97
N VAL A 10 -19.16 -13.50 -27.97
CA VAL A 10 -18.37 -13.81 -26.77
C VAL A 10 -18.74 -12.86 -25.64
N VAL A 11 -18.93 -11.57 -25.96
CA VAL A 11 -19.35 -10.60 -24.96
C VAL A 11 -20.73 -10.96 -24.41
N GLU A 12 -21.66 -11.32 -25.30
CA GLU A 12 -23.00 -11.70 -24.85
C GLU A 12 -22.95 -12.94 -23.95
N TYR A 13 -22.09 -13.90 -24.29
CA TYR A 13 -22.01 -15.12 -23.49
C TYR A 13 -21.65 -14.80 -22.04
N PHE A 14 -20.58 -14.02 -21.85
CA PHE A 14 -20.10 -13.76 -20.49
C PHE A 14 -21.02 -12.78 -19.76
N THR A 15 -21.72 -11.92 -20.49
CA THR A 15 -22.74 -11.08 -19.87
C THR A 15 -23.89 -11.95 -19.35
N GLU A 16 -24.43 -12.80 -20.22
CA GLU A 16 -25.53 -13.68 -19.81
C GLU A 16 -25.08 -14.67 -18.74
N ALA A 17 -23.81 -15.07 -18.74
CA ALA A 17 -23.29 -15.98 -17.73
C ALA A 17 -23.06 -15.31 -16.39
N GLY A 18 -23.23 -14.00 -16.30
CA GLY A 18 -23.08 -13.30 -15.04
C GLY A 18 -21.76 -12.59 -14.83
N PHE A 19 -21.01 -12.29 -15.89
CA PHE A 19 -19.77 -11.52 -15.79
C PHE A 19 -19.85 -10.28 -16.68
N PRO A 20 -20.83 -9.39 -16.43
CA PRO A 20 -20.98 -8.24 -17.35
C PRO A 20 -19.83 -7.25 -17.27
N GLU A 21 -19.20 -7.11 -16.10
CA GLU A 21 -18.05 -6.22 -16.00
C GLU A 21 -16.82 -6.80 -16.67
N GLN A 22 -16.66 -8.13 -16.62
CA GLN A 22 -15.50 -8.77 -17.24
C GLN A 22 -15.70 -9.00 -18.73
N ALA A 23 -16.95 -9.07 -19.19
CA ALA A 23 -17.21 -9.27 -20.62
C ALA A 23 -16.59 -8.17 -21.46
N THR A 24 -16.42 -6.97 -20.87
CA THR A 24 -15.79 -5.87 -21.58
C THR A 24 -14.38 -6.22 -22.04
N ALA A 25 -13.64 -6.97 -21.22
CA ALA A 25 -12.26 -7.31 -21.58
C ALA A 25 -12.20 -8.12 -22.86
N PHE A 26 -13.24 -8.90 -23.17
CA PHE A 26 -13.21 -9.68 -24.40
C PHE A 26 -13.39 -8.80 -25.63
N GLN A 27 -14.10 -7.67 -25.49
CA GLN A 27 -14.11 -6.69 -26.57
C GLN A 27 -12.78 -5.96 -26.65
N GLU A 28 -12.21 -5.60 -25.50
CA GLU A 28 -10.95 -4.86 -25.50
C GLU A 28 -9.82 -5.67 -26.13
N GLN A 29 -9.82 -6.98 -25.93
CA GLN A 29 -8.81 -7.85 -26.50
C GLN A 29 -9.25 -8.49 -27.81
N GLU A 30 -10.44 -8.15 -28.30
CA GLU A 30 -10.94 -8.63 -29.59
C GLU A 30 -10.88 -10.15 -29.67
N ILE A 31 -11.56 -10.80 -28.73
CA ILE A 31 -11.54 -12.25 -28.59
C ILE A 31 -12.86 -12.78 -29.15
N ASP A 32 -12.78 -13.45 -30.29
CA ASP A 32 -13.94 -14.12 -30.86
C ASP A 32 -13.94 -15.58 -30.39
N GLY A 33 -14.86 -16.38 -30.92
CA GLY A 33 -14.94 -17.77 -30.52
C GLY A 33 -13.69 -18.56 -30.86
N LYS A 34 -13.13 -18.34 -32.05
CA LYS A 34 -11.90 -19.03 -32.43
C LYS A 34 -10.77 -18.72 -31.47
N SER A 35 -10.60 -17.44 -31.10
CA SER A 35 -9.57 -17.09 -30.14
C SER A 35 -9.92 -17.61 -28.75
N LEU A 36 -11.20 -17.61 -28.40
CA LEU A 36 -11.62 -18.16 -27.12
C LEU A 36 -11.16 -19.61 -26.96
N LEU A 37 -11.30 -20.41 -28.01
CA LEU A 37 -10.94 -21.82 -27.97
C LEU A 37 -9.43 -22.04 -27.97
N LEU A 38 -8.63 -20.99 -28.15
CA LEU A 38 -7.18 -21.07 -28.10
C LEU A 38 -6.62 -20.62 -26.75
N MET A 39 -7.44 -20.03 -25.89
CA MET A 39 -6.94 -19.43 -24.66
C MET A 39 -6.47 -20.50 -23.68
N GLN A 40 -5.42 -20.19 -22.95
CA GLN A 40 -4.94 -21.01 -21.85
C GLN A 40 -5.09 -20.24 -20.53
N ARG A 41 -4.77 -20.91 -19.43
CA ARG A 41 -5.05 -20.37 -18.10
C ARG A 41 -4.46 -18.98 -17.92
N THR A 42 -3.17 -18.82 -18.20
CA THR A 42 -2.52 -17.53 -17.96
C THR A 42 -3.08 -16.42 -18.85
N ASP A 43 -3.67 -16.76 -19.99
CA ASP A 43 -4.27 -15.74 -20.85
C ASP A 43 -5.46 -15.09 -20.16
N VAL A 44 -6.25 -15.87 -19.43
CA VAL A 44 -7.40 -15.34 -18.71
C VAL A 44 -6.96 -14.56 -17.48
N LEU A 45 -6.03 -15.12 -16.71
CA LEU A 45 -5.69 -14.54 -15.42
C LEU A 45 -4.84 -13.29 -15.53
N THR A 46 -3.99 -13.18 -16.56
CA THR A 46 -3.08 -12.06 -16.68
C THR A 46 -3.21 -11.29 -17.99
N GLY A 47 -3.99 -11.78 -18.95
CA GLY A 47 -4.05 -11.13 -20.25
C GLY A 47 -5.28 -10.29 -20.50
N LEU A 48 -6.24 -10.33 -19.57
CA LEU A 48 -7.50 -9.61 -19.74
C LEU A 48 -7.60 -8.35 -18.91
N SER A 49 -6.71 -8.15 -17.93
CA SER A 49 -6.77 -7.03 -17.00
C SER A 49 -8.10 -7.00 -16.25
N ILE A 50 -8.52 -8.17 -15.76
CA ILE A 50 -9.73 -8.29 -14.95
C ILE A 50 -9.34 -8.79 -13.57
N ARG A 51 -10.30 -8.76 -12.66
CA ARG A 51 -10.06 -9.17 -11.28
C ARG A 51 -9.87 -10.69 -11.22
N LEU A 52 -9.01 -11.11 -10.29
CA LEU A 52 -8.55 -12.49 -10.26
C LEU A 52 -9.65 -13.47 -9.89
N GLY A 53 -10.48 -13.11 -8.90
CA GLY A 53 -11.59 -13.92 -8.50
C GLY A 53 -12.49 -14.31 -9.65
N PRO A 54 -13.06 -13.31 -10.34
CA PRO A 54 -13.85 -13.63 -11.54
C PRO A 54 -13.05 -14.32 -12.63
N ALA A 55 -11.80 -13.93 -12.84
CA ALA A 55 -10.99 -14.55 -13.88
C ALA A 55 -10.82 -16.05 -13.63
N LEU A 56 -10.67 -16.44 -12.36
CA LEU A 56 -10.49 -17.86 -12.05
C LEU A 56 -11.73 -18.67 -12.42
N LYS A 57 -12.92 -18.13 -12.14
CA LYS A 57 -14.15 -18.83 -12.48
C LYS A 57 -14.44 -18.76 -13.97
N ILE A 58 -14.02 -17.67 -14.62
CA ILE A 58 -14.21 -17.55 -16.07
C ILE A 58 -13.44 -18.65 -16.80
N TYR A 59 -12.19 -18.88 -16.38
CA TYR A 59 -11.39 -19.91 -17.03
C TYR A 59 -11.92 -21.31 -16.71
N GLU A 60 -12.15 -21.58 -15.42
CA GLU A 60 -12.41 -22.95 -14.98
C GLU A 60 -13.78 -23.44 -15.46
N HIS A 61 -14.81 -22.62 -15.32
CA HIS A 61 -16.18 -23.06 -15.53
C HIS A 61 -16.79 -22.58 -16.83
N HIS A 62 -16.02 -21.89 -17.67
CA HIS A 62 -16.59 -21.38 -18.92
C HIS A 62 -15.66 -21.62 -20.09
N ILE A 63 -14.48 -20.99 -20.08
CA ILE A 63 -13.54 -21.18 -21.18
C ILE A 63 -13.11 -22.65 -21.24
N LYS A 64 -12.75 -23.22 -20.10
CA LYS A 64 -12.41 -24.64 -20.06
C LYS A 64 -13.58 -25.51 -20.47
N VAL A 65 -14.78 -25.18 -20.00
CA VAL A 65 -15.96 -25.98 -20.34
C VAL A 65 -16.26 -25.89 -21.83
N LEU A 66 -16.16 -24.69 -22.41
CA LEU A 66 -16.41 -24.53 -23.83
C LEU A 66 -15.38 -25.28 -24.67
N GLN A 67 -14.11 -25.26 -24.25
CA GLN A 67 -13.07 -25.94 -25.00
C GLN A 67 -13.25 -27.46 -24.97
N GLN A 68 -13.76 -27.99 -23.86
CA GLN A 68 -13.93 -29.43 -23.70
C GLN A 68 -15.28 -29.94 -24.21
N GLY A 69 -16.09 -29.07 -24.79
CA GLY A 69 -17.39 -29.46 -25.29
C GLY A 69 -17.41 -29.66 -26.79
N SER B 1 38.10 -16.20 -21.05
CA SER B 1 37.21 -17.17 -20.40
C SER B 1 35.93 -16.48 -19.93
N PRO B 2 34.78 -16.97 -20.39
CA PRO B 2 33.52 -16.23 -20.17
C PRO B 2 33.20 -15.97 -18.70
N VAL B 3 33.45 -16.94 -17.82
CA VAL B 3 33.14 -16.78 -16.41
C VAL B 3 33.95 -15.65 -15.78
N GLU B 4 35.05 -15.25 -16.41
CA GLU B 4 35.88 -14.17 -15.88
C GLU B 4 35.52 -12.80 -16.46
N TRP B 5 34.55 -12.74 -17.37
CA TRP B 5 34.23 -11.47 -18.03
C TRP B 5 33.66 -10.46 -17.05
N THR B 6 34.12 -9.22 -17.15
CA THR B 6 33.52 -8.13 -16.40
C THR B 6 32.22 -7.70 -17.07
N VAL B 7 31.54 -6.73 -16.45
CA VAL B 7 30.33 -6.18 -17.04
C VAL B 7 30.63 -5.59 -18.42
N MET B 8 31.69 -4.78 -18.51
CA MET B 8 32.00 -4.16 -19.80
C MET B 8 32.51 -5.18 -20.81
N ASP B 9 33.16 -6.25 -20.35
CA ASP B 9 33.45 -7.38 -21.24
C ASP B 9 32.19 -7.90 -21.90
N VAL B 10 31.12 -8.07 -21.11
CA VAL B 10 29.85 -8.53 -21.67
C VAL B 10 29.30 -7.50 -22.65
N VAL B 11 29.31 -6.22 -22.25
CA VAL B 11 28.87 -5.15 -23.14
C VAL B 11 29.67 -5.16 -24.43
N GLU B 12 30.99 -5.34 -24.32
CA GLU B 12 31.84 -5.40 -25.50
C GLU B 12 31.48 -6.59 -26.39
N TYR B 13 31.17 -7.74 -25.78
CA TYR B 13 30.83 -8.92 -26.56
C TYR B 13 29.60 -8.65 -27.44
N PHE B 14 28.53 -8.13 -26.85
CA PHE B 14 27.30 -7.99 -27.61
C PHE B 14 27.36 -6.83 -28.59
N THR B 15 28.18 -5.82 -28.30
CA THR B 15 28.45 -4.79 -29.29
C THR B 15 29.13 -5.38 -30.52
N GLU B 16 30.21 -6.15 -30.31
CA GLU B 16 30.91 -6.77 -31.42
C GLU B 16 30.05 -7.81 -32.12
N ALA B 17 29.15 -8.47 -31.39
CA ALA B 17 28.24 -9.42 -32.01
C ALA B 17 27.17 -8.76 -32.85
N GLY B 18 27.10 -7.43 -32.85
CA GLY B 18 26.12 -6.72 -33.65
C GLY B 18 24.87 -6.29 -32.92
N PHE B 19 24.91 -6.18 -31.59
CA PHE B 19 23.76 -5.72 -30.80
C PHE B 19 24.17 -4.53 -29.93
N PRO B 20 24.65 -3.44 -30.54
CA PRO B 20 25.15 -2.32 -29.72
C PRO B 20 24.07 -1.67 -28.88
N GLU B 21 22.84 -1.57 -29.38
CA GLU B 21 21.78 -0.94 -28.61
C GLU B 21 21.35 -1.80 -27.43
N GLN B 22 21.34 -3.12 -27.61
CA GLN B 22 20.97 -4.02 -26.52
C GLN B 22 22.11 -4.26 -25.53
N ALA B 23 23.36 -4.06 -25.96
CA ALA B 23 24.49 -4.30 -25.07
C ALA B 23 24.41 -3.43 -23.82
N THR B 24 23.79 -2.25 -23.93
CA THR B 24 23.67 -1.35 -22.79
C THR B 24 22.86 -1.97 -21.65
N ALA B 25 21.89 -2.83 -21.97
CA ALA B 25 21.08 -3.45 -20.93
C ALA B 25 21.92 -4.31 -20.00
N PHE B 26 23.01 -4.90 -20.51
CA PHE B 26 23.88 -5.70 -19.65
C PHE B 26 24.65 -4.84 -18.67
N GLN B 27 24.94 -3.59 -19.03
CA GLN B 27 25.47 -2.66 -18.04
C GLN B 27 24.39 -2.25 -17.04
N GLU B 28 23.18 -1.99 -17.54
CA GLU B 28 22.08 -1.55 -16.67
C GLU B 28 21.73 -2.60 -15.63
N GLN B 29 21.78 -3.88 -16.01
CA GLN B 29 21.45 -4.96 -15.08
C GLN B 29 22.66 -5.51 -14.36
N GLU B 30 23.84 -4.94 -14.57
CA GLU B 30 25.08 -5.35 -13.91
C GLU B 30 25.32 -6.86 -14.09
N ILE B 31 25.38 -7.26 -15.35
CA ILE B 31 25.55 -8.67 -15.72
C ILE B 31 26.99 -8.86 -16.17
N ASP B 32 27.79 -9.53 -15.33
CA ASP B 32 29.13 -9.92 -15.72
C ASP B 32 29.09 -11.32 -16.32
N GLY B 33 30.26 -11.88 -16.60
CA GLY B 33 30.30 -13.20 -17.22
C GLY B 33 29.73 -14.29 -16.33
N LYS B 34 29.98 -14.20 -15.02
CA LYS B 34 29.43 -15.17 -14.09
C LYS B 34 27.90 -15.15 -14.11
N SER B 35 27.31 -13.95 -14.11
CA SER B 35 25.86 -13.82 -14.20
C SER B 35 25.35 -14.25 -15.58
N LEU B 36 26.12 -13.96 -16.64
CA LEU B 36 25.70 -14.34 -17.98
C LEU B 36 25.51 -15.85 -18.10
N LEU B 37 26.38 -16.62 -17.45
CA LEU B 37 26.28 -18.07 -17.49
C LEU B 37 25.15 -18.62 -16.61
N LEU B 38 24.48 -17.77 -15.84
CA LEU B 38 23.33 -18.18 -15.06
C LEU B 38 22.00 -17.84 -15.71
N MET B 39 22.01 -17.10 -16.82
CA MET B 39 20.77 -16.61 -17.40
C MET B 39 20.02 -17.75 -18.08
N GLN B 40 18.70 -17.68 -17.99
CA GLN B 40 17.82 -18.55 -18.74
C GLN B 40 17.00 -17.70 -19.71
N ARG B 41 16.26 -18.39 -20.59
CA ARG B 41 15.62 -17.73 -21.72
C ARG B 41 14.77 -16.55 -21.29
N THR B 42 13.92 -16.75 -20.29
CA THR B 42 13.01 -15.68 -19.88
C THR B 42 13.75 -14.49 -19.26
N ASP B 43 14.95 -14.71 -18.73
CA ASP B 43 15.72 -13.59 -18.21
C ASP B 43 16.12 -12.63 -19.32
N VAL B 44 16.47 -13.18 -20.49
CA VAL B 44 16.87 -12.34 -21.62
C VAL B 44 15.64 -11.66 -22.22
N LEU B 45 14.51 -12.36 -22.29
CA LEU B 45 13.37 -11.85 -23.03
C LEU B 45 12.54 -10.85 -22.22
N THR B 46 12.50 -10.99 -20.89
CA THR B 46 11.66 -10.15 -20.06
C THR B 46 12.42 -9.34 -19.01
N GLY B 47 13.67 -9.67 -18.71
CA GLY B 47 14.40 -9.02 -17.65
C GLY B 47 15.41 -7.97 -18.07
N LEU B 48 15.56 -7.73 -19.37
CA LEU B 48 16.54 -6.77 -19.85
C LEU B 48 15.94 -5.49 -20.41
N SER B 49 14.62 -5.45 -20.61
CA SER B 49 13.93 -4.30 -21.22
C SER B 49 14.52 -3.97 -22.59
N ILE B 50 14.68 -5.01 -23.41
CA ILE B 50 15.18 -4.88 -24.77
C ILE B 50 14.11 -5.39 -25.73
N ARG B 51 14.23 -4.99 -27.00
CA ARG B 51 13.27 -5.41 -28.00
C ARG B 51 13.34 -6.92 -28.22
N LEU B 52 12.18 -7.51 -28.50
CA LEU B 52 12.06 -8.97 -28.49
C LEU B 52 12.89 -9.62 -29.58
N GLY B 53 12.89 -9.04 -30.78
CA GLY B 53 13.62 -9.58 -31.91
C GLY B 53 15.08 -9.82 -31.61
N PRO B 54 15.81 -8.76 -31.25
CA PRO B 54 17.22 -8.95 -30.83
C PRO B 54 17.37 -9.86 -29.62
N ALA B 55 16.46 -9.77 -28.66
CA ALA B 55 16.56 -10.60 -27.46
C ALA B 55 16.53 -12.09 -27.81
N LEU B 56 15.70 -12.48 -28.77
CA LEU B 56 15.61 -13.88 -29.15
C LEU B 56 16.93 -14.38 -29.73
N LYS B 57 17.58 -13.55 -30.56
CA LYS B 57 18.88 -13.94 -31.11
C LYS B 57 19.96 -13.90 -30.03
N ILE B 58 19.91 -12.90 -29.15
CA ILE B 58 20.91 -12.76 -28.10
C ILE B 58 20.95 -14.03 -27.25
N TYR B 59 19.77 -14.59 -26.93
CA TYR B 59 19.75 -15.80 -26.12
C TYR B 59 20.17 -17.02 -26.93
N GLU B 60 19.55 -17.21 -28.10
CA GLU B 60 19.72 -18.46 -28.84
C GLU B 60 21.11 -18.59 -29.44
N HIS B 61 21.62 -17.52 -30.05
CA HIS B 61 22.85 -17.59 -30.81
C HIS B 61 24.09 -17.15 -30.03
N HIS B 62 23.93 -16.70 -28.79
CA HIS B 62 25.09 -16.20 -28.07
C HIS B 62 25.11 -16.67 -26.62
N ILE B 63 24.07 -16.35 -25.86
CA ILE B 63 24.08 -16.74 -24.45
C ILE B 63 24.00 -18.26 -24.32
N LYS B 64 23.13 -18.90 -25.10
CA LYS B 64 23.05 -20.36 -25.08
C LYS B 64 24.35 -20.97 -25.60
N VAL B 65 24.95 -20.37 -26.62
CA VAL B 65 26.17 -20.91 -27.21
C VAL B 65 27.32 -20.81 -26.20
N LEU B 66 27.44 -19.69 -25.50
CA LEU B 66 28.51 -19.53 -24.52
C LEU B 66 28.32 -20.50 -23.36
N GLN B 67 27.08 -20.72 -22.93
CA GLN B 67 26.85 -21.62 -21.80
C GLN B 67 27.17 -23.07 -22.17
N GLN B 68 27.07 -23.43 -23.44
CA GLN B 68 27.28 -24.80 -23.90
C GLN B 68 28.67 -25.05 -24.46
N GLY B 69 29.51 -24.02 -24.54
CA GLY B 69 30.81 -24.15 -25.17
C GLY B 69 31.99 -24.03 -24.22
N SER C 1 -16.75 -26.63 3.45
CA SER C 1 -17.28 -25.31 3.79
C SER C 1 -16.45 -24.11 3.28
N PRO C 2 -15.12 -24.24 3.17
CA PRO C 2 -14.36 -23.17 2.49
C PRO C 2 -14.91 -22.83 1.12
N VAL C 3 -15.40 -23.83 0.37
CA VAL C 3 -16.00 -23.58 -0.94
C VAL C 3 -17.22 -22.67 -0.82
N GLU C 4 -17.80 -22.56 0.37
CA GLU C 4 -18.97 -21.71 0.60
C GLU C 4 -18.63 -20.32 1.12
N TRP C 5 -17.35 -20.04 1.36
CA TRP C 5 -16.97 -18.75 1.92
C TRP C 5 -17.27 -17.62 0.94
N THR C 6 -17.81 -16.53 1.47
CA THR C 6 -17.96 -15.31 0.71
C THR C 6 -16.61 -14.59 0.61
N VAL C 7 -16.58 -13.50 -0.17
CA VAL C 7 -15.39 -12.67 -0.21
C VAL C 7 -15.04 -12.17 1.19
N MET C 8 -16.05 -11.70 1.94
CA MET C 8 -15.81 -11.19 3.29
C MET C 8 -15.33 -12.31 4.21
N ASP C 9 -15.84 -13.53 4.03
CA ASP C 9 -15.33 -14.66 4.79
C ASP C 9 -13.84 -14.85 4.54
N VAL C 10 -13.43 -14.77 3.27
CA VAL C 10 -12.01 -14.89 2.93
C VAL C 10 -11.21 -13.76 3.56
N VAL C 11 -11.74 -12.54 3.51
CA VAL C 11 -11.05 -11.40 4.13
C VAL C 11 -10.93 -11.63 5.63
N GLU C 12 -12.00 -12.07 6.27
CA GLU C 12 -11.96 -12.30 7.72
C GLU C 12 -10.98 -13.41 8.07
N TYR C 13 -10.87 -14.45 7.23
CA TYR C 13 -9.95 -15.54 7.50
C TYR C 13 -8.52 -15.03 7.53
N PHE C 14 -8.11 -14.25 6.54
CA PHE C 14 -6.72 -13.82 6.49
C PHE C 14 -6.43 -12.71 7.49
N THR C 15 -7.44 -11.92 7.85
CA THR C 15 -7.27 -10.99 8.96
C THR C 15 -6.99 -11.74 10.25
N GLU C 16 -7.81 -12.75 10.57
CA GLU C 16 -7.62 -13.52 11.78
C GLU C 16 -6.38 -14.41 11.72
N ALA C 17 -5.92 -14.75 10.51
CA ALA C 17 -4.70 -15.53 10.37
C ALA C 17 -3.43 -14.69 10.51
N GLY C 18 -3.57 -13.37 10.69
CA GLY C 18 -2.42 -12.52 10.87
C GLY C 18 -1.95 -11.76 9.65
N PHE C 19 -2.77 -11.66 8.60
CA PHE C 19 -2.44 -10.90 7.40
C PHE C 19 -3.50 -9.84 7.13
N PRO C 20 -3.73 -8.93 8.08
CA PRO C 20 -4.83 -7.96 7.88
C PRO C 20 -4.55 -6.98 6.76
N GLU C 21 -3.28 -6.65 6.50
CA GLU C 21 -2.96 -5.74 5.40
C GLU C 21 -3.17 -6.42 4.05
N GLN C 22 -2.79 -7.69 3.92
CA GLN C 22 -2.96 -8.41 2.67
C GLN C 22 -4.38 -8.90 2.47
N ALA C 23 -5.16 -9.04 3.54
CA ALA C 23 -6.52 -9.54 3.42
C ALA C 23 -7.38 -8.67 2.51
N THR C 24 -7.13 -7.36 2.50
CA THR C 24 -7.93 -6.47 1.67
C THR C 24 -7.74 -6.75 0.18
N ALA C 25 -6.58 -7.30 -0.20
CA ALA C 25 -6.36 -7.63 -1.60
C ALA C 25 -7.31 -8.72 -2.08
N PHE C 26 -7.72 -9.63 -1.18
CA PHE C 26 -8.72 -10.63 -1.55
C PHE C 26 -10.07 -9.98 -1.79
N GLN C 27 -10.37 -8.88 -1.07
CA GLN C 27 -11.56 -8.11 -1.37
C GLN C 27 -11.41 -7.38 -2.70
N GLU C 28 -10.24 -6.80 -2.96
CA GLU C 28 -10.04 -6.05 -4.19
C GLU C 28 -10.18 -6.94 -5.42
N GLN C 29 -9.71 -8.18 -5.33
CA GLN C 29 -9.79 -9.12 -6.45
C GLN C 29 -11.06 -9.97 -6.42
N GLU C 30 -11.97 -9.72 -5.47
CA GLU C 30 -13.23 -10.44 -5.38
C GLU C 30 -13.01 -11.96 -5.34
N ILE C 31 -12.21 -12.39 -4.39
CA ILE C 31 -11.87 -13.80 -4.24
C ILE C 31 -12.70 -14.37 -3.09
N ASP C 32 -13.66 -15.23 -3.45
CA ASP C 32 -14.44 -15.95 -2.46
C ASP C 32 -13.79 -17.31 -2.22
N GLY C 33 -14.46 -18.19 -1.47
CA GLY C 33 -13.89 -19.50 -1.19
C GLY C 33 -13.73 -20.35 -2.43
N LYS C 34 -14.69 -20.27 -3.36
CA LYS C 34 -14.59 -21.04 -4.59
C LYS C 34 -13.39 -20.62 -5.43
N SER C 35 -13.18 -19.31 -5.55
CA SER C 35 -12.01 -18.81 -6.27
C SER C 35 -10.73 -19.13 -5.51
N LEU C 36 -10.78 -19.05 -4.18
CA LEU C 36 -9.62 -19.41 -3.37
C LEU C 36 -9.15 -20.82 -3.67
N LEU C 37 -10.09 -21.76 -3.78
CA LEU C 37 -9.75 -23.16 -4.06
C LEU C 37 -9.29 -23.38 -5.48
N LEU C 38 -9.34 -22.36 -6.34
CA LEU C 38 -8.84 -22.45 -7.70
C LEU C 38 -7.47 -21.82 -7.89
N MET C 39 -6.96 -21.11 -6.88
CA MET C 39 -5.73 -20.35 -7.06
C MET C 39 -4.52 -21.26 -7.14
N GLN C 40 -3.54 -20.84 -7.93
CA GLN C 40 -2.24 -21.49 -7.97
C GLN C 40 -1.19 -20.51 -7.45
N ARG C 41 0.06 -20.99 -7.37
CA ARG C 41 1.10 -20.25 -6.68
C ARG C 41 1.31 -18.87 -7.28
N THR C 42 1.42 -18.78 -8.60
CA THR C 42 1.67 -17.48 -9.23
C THR C 42 0.51 -16.52 -9.06
N ASP C 43 -0.71 -17.02 -8.87
CA ASP C 43 -1.85 -16.13 -8.63
C ASP C 43 -1.68 -15.36 -7.33
N VAL C 44 -1.17 -16.03 -6.30
CA VAL C 44 -0.96 -15.38 -5.00
C VAL C 44 0.25 -14.45 -5.07
N LEU C 45 1.32 -14.89 -5.70
CA LEU C 45 2.58 -14.16 -5.66
C LEU C 45 2.57 -12.93 -6.56
N THR C 46 1.86 -12.99 -7.69
CA THR C 46 1.88 -11.91 -8.67
C THR C 46 0.52 -11.31 -8.97
N GLY C 47 -0.57 -11.90 -8.48
CA GLY C 47 -1.89 -11.44 -8.88
C GLY C 47 -2.64 -10.63 -7.83
N LEU C 48 -2.06 -10.48 -6.64
CA LEU C 48 -2.73 -9.79 -5.54
C LEU C 48 -2.15 -8.42 -5.21
N SER C 49 -1.04 -8.03 -5.83
CA SER C 49 -0.37 -6.76 -5.54
C SER C 49 0.01 -6.66 -4.07
N ILE C 50 0.48 -7.77 -3.50
CA ILE C 50 0.93 -7.80 -2.11
C ILE C 50 2.42 -8.09 -2.07
N ARG C 51 3.03 -7.77 -0.94
CA ARG C 51 4.46 -8.00 -0.77
C ARG C 51 4.78 -9.49 -0.79
N LEU C 52 5.97 -9.81 -1.29
CA LEU C 52 6.32 -11.21 -1.59
C LEU C 52 6.45 -12.05 -0.32
N GLY C 53 6.97 -11.46 0.76
CA GLY C 53 7.14 -12.17 2.01
C GLY C 53 5.85 -12.78 2.54
N PRO C 54 4.86 -11.93 2.82
CA PRO C 54 3.55 -12.48 3.23
C PRO C 54 2.89 -13.35 2.18
N ALA C 55 3.01 -12.97 0.90
CA ALA C 55 2.39 -13.75 -0.17
C ALA C 55 2.86 -15.20 -0.14
N LEU C 56 4.17 -15.41 0.06
CA LEU C 56 4.72 -16.76 0.11
C LEU C 56 4.09 -17.58 1.23
N LYS C 57 3.90 -16.97 2.40
CA LYS C 57 3.30 -17.67 3.53
C LYS C 57 1.80 -17.84 3.35
N ILE C 58 1.13 -16.87 2.72
CA ILE C 58 -0.31 -16.98 2.48
C ILE C 58 -0.61 -18.18 1.61
N TYR C 59 0.20 -18.40 0.57
CA TYR C 59 -0.03 -19.54 -0.31
C TYR C 59 0.33 -20.86 0.37
N GLU C 60 1.55 -20.97 0.89
CA GLU C 60 2.03 -22.27 1.35
C GLU C 60 1.33 -22.73 2.63
N HIS C 61 1.01 -21.80 3.52
CA HIS C 61 0.51 -22.16 4.85
C HIS C 61 -0.99 -21.95 5.02
N HIS C 62 -1.70 -21.49 3.98
CA HIS C 62 -3.12 -21.24 4.14
C HIS C 62 -3.90 -21.65 2.90
N ILE C 63 -3.58 -21.07 1.75
CA ILE C 63 -4.29 -21.41 0.52
C ILE C 63 -4.04 -22.88 0.15
N LYS C 64 -2.78 -23.30 0.17
CA LYS C 64 -2.48 -24.70 -0.12
C LYS C 64 -3.06 -25.62 0.96
N VAL C 65 -3.02 -25.18 2.22
CA VAL C 65 -3.59 -25.98 3.29
C VAL C 65 -5.09 -26.11 3.11
N LEU C 66 -5.77 -25.01 2.77
CA LEU C 66 -7.21 -25.04 2.53
C LEU C 66 -7.56 -25.99 1.39
N GLN C 67 -6.78 -25.94 0.30
CA GLN C 67 -7.08 -26.75 -0.87
C GLN C 67 -6.87 -28.24 -0.61
N GLN C 68 -6.09 -28.59 0.40
CA GLN C 68 -5.75 -29.99 0.68
C GLN C 68 -6.57 -30.60 1.80
N GLY C 69 -7.30 -29.79 2.58
CA GLY C 69 -7.97 -30.28 3.77
C GLY C 69 -9.47 -30.43 3.63
N SER D 1 19.43 -21.01 12.89
CA SER D 1 19.10 -21.54 11.58
C SER D 1 18.28 -20.52 10.78
N PRO D 2 18.40 -20.56 9.46
CA PRO D 2 17.70 -19.56 8.63
C PRO D 2 16.21 -19.47 8.87
N VAL D 3 15.55 -20.58 9.23
CA VAL D 3 14.10 -20.58 9.38
C VAL D 3 13.62 -19.60 10.46
N GLU D 4 14.50 -19.25 11.40
CA GLU D 4 14.15 -18.33 12.48
C GLU D 4 14.61 -16.90 12.22
N TRP D 5 15.27 -16.65 11.09
CA TRP D 5 15.77 -15.32 10.79
C TRP D 5 14.63 -14.31 10.67
N THR D 6 14.83 -13.13 11.25
CA THR D 6 13.89 -12.04 11.06
C THR D 6 14.14 -11.37 9.72
N VAL D 7 13.29 -10.41 9.36
CA VAL D 7 13.53 -9.63 8.16
C VAL D 7 14.87 -8.89 8.24
N MET D 8 15.17 -8.32 9.42
CA MET D 8 16.43 -7.63 9.59
C MET D 8 17.61 -8.61 9.59
N ASP D 9 17.38 -9.85 10.02
CA ASP D 9 18.42 -10.87 9.87
C ASP D 9 18.70 -11.16 8.41
N VAL D 10 17.66 -11.18 7.57
CA VAL D 10 17.84 -11.42 6.14
C VAL D 10 18.62 -10.27 5.51
N VAL D 11 18.21 -9.03 5.78
CA VAL D 11 18.92 -7.87 5.25
C VAL D 11 20.38 -7.91 5.69
N GLU D 12 20.62 -8.24 6.96
CA GLU D 12 21.98 -8.35 7.46
C GLU D 12 22.77 -9.43 6.72
N TYR D 13 22.13 -10.58 6.46
CA TYR D 13 22.82 -11.67 5.77
C TYR D 13 23.31 -11.23 4.40
N PHE D 14 22.44 -10.60 3.60
CA PHE D 14 22.83 -10.20 2.25
C PHE D 14 23.75 -9.00 2.26
N THR D 15 23.71 -8.18 3.30
CA THR D 15 24.70 -7.11 3.43
C THR D 15 26.09 -7.71 3.63
N GLU D 16 26.21 -8.66 4.57
CA GLU D 16 27.49 -9.33 4.79
C GLU D 16 27.93 -10.14 3.57
N ALA D 17 26.97 -10.65 2.79
CA ALA D 17 27.30 -11.44 1.61
C ALA D 17 27.81 -10.59 0.46
N GLY D 18 27.72 -9.27 0.55
CA GLY D 18 28.17 -8.41 -0.51
C GLY D 18 27.09 -7.88 -1.42
N PHE D 19 25.82 -7.95 -1.01
CA PHE D 19 24.71 -7.35 -1.76
C PHE D 19 23.95 -6.37 -0.88
N PRO D 20 24.62 -5.35 -0.32
CA PRO D 20 23.90 -4.44 0.57
C PRO D 20 22.87 -3.59 -0.14
N GLU D 21 23.09 -3.28 -1.42
CA GLU D 21 22.09 -2.51 -2.16
C GLU D 21 20.84 -3.35 -2.43
N GLN D 22 21.01 -4.64 -2.71
CA GLN D 22 19.87 -5.52 -2.92
C GLN D 22 19.24 -5.96 -1.60
N ALA D 23 19.96 -5.87 -0.50
CA ALA D 23 19.42 -6.29 0.79
C ALA D 23 18.19 -5.49 1.18
N THR D 24 18.09 -4.23 0.75
CA THR D 24 16.92 -3.42 1.10
C THR D 24 15.65 -3.97 0.48
N ALA D 25 15.76 -4.69 -0.65
CA ALA D 25 14.58 -5.27 -1.28
C ALA D 25 13.93 -6.32 -0.40
N PHE D 26 14.73 -7.07 0.35
CA PHE D 26 14.15 -8.06 1.26
C PHE D 26 13.38 -7.39 2.40
N GLN D 27 13.86 -6.22 2.84
CA GLN D 27 13.09 -5.44 3.80
C GLN D 27 11.81 -4.90 3.16
N GLU D 28 11.92 -4.38 1.93
CA GLU D 28 10.75 -3.86 1.24
C GLU D 28 9.66 -4.91 1.10
N GLN D 29 10.04 -6.15 0.79
CA GLN D 29 9.08 -7.22 0.57
C GLN D 29 8.78 -8.03 1.84
N GLU D 30 9.34 -7.62 2.98
CA GLU D 30 9.07 -8.28 4.27
C GLU D 30 9.37 -9.77 4.23
N ILE D 31 10.56 -10.11 3.77
CA ILE D 31 10.99 -11.50 3.61
C ILE D 31 11.84 -11.87 4.81
N ASP D 32 11.31 -12.71 5.70
CA ASP D 32 12.07 -13.25 6.80
C ASP D 32 12.69 -14.59 6.38
N GLY D 33 13.32 -15.29 7.32
CA GLY D 33 13.99 -16.54 6.98
C GLY D 33 13.02 -17.61 6.51
N LYS D 34 11.82 -17.64 7.09
CA LYS D 34 10.81 -18.60 6.68
C LYS D 34 10.33 -18.30 5.26
N SER D 35 10.09 -17.03 4.94
CA SER D 35 9.76 -16.65 3.57
C SER D 35 10.93 -16.94 2.63
N LEU D 36 12.16 -16.71 3.09
CA LEU D 36 13.33 -16.94 2.25
C LEU D 36 13.42 -18.39 1.80
N LEU D 37 13.10 -19.34 2.69
CA LEU D 37 13.17 -20.74 2.33
C LEU D 37 11.99 -21.20 1.50
N LEU D 38 10.99 -20.34 1.28
CA LEU D 38 9.89 -20.62 0.37
C LEU D 38 10.12 -20.08 -1.04
N MET D 39 11.17 -19.28 -1.23
CA MET D 39 11.34 -18.57 -2.50
C MET D 39 11.76 -19.51 -3.62
N GLN D 40 11.24 -19.26 -4.81
CA GLN D 40 11.65 -19.94 -6.02
C GLN D 40 12.36 -18.94 -6.93
N ARG D 41 12.91 -19.46 -8.03
CA ARG D 41 13.82 -18.66 -8.87
C ARG D 41 13.16 -17.39 -9.36
N THR D 42 11.94 -17.49 -9.89
CA THR D 42 11.30 -16.31 -10.45
C THR D 42 10.95 -15.27 -9.38
N ASP D 43 10.81 -15.69 -8.12
CA ASP D 43 10.53 -14.74 -7.05
C ASP D 43 11.70 -13.79 -6.85
N VAL D 44 12.93 -14.29 -7.00
CA VAL D 44 14.10 -13.45 -6.81
C VAL D 44 14.35 -12.56 -8.03
N LEU D 45 14.15 -13.11 -9.23
CA LEU D 45 14.52 -12.39 -10.44
C LEU D 45 13.46 -11.39 -10.87
N THR D 46 12.20 -11.60 -10.48
CA THR D 46 11.12 -10.71 -10.89
C THR D 46 10.31 -10.13 -9.73
N GLY D 47 10.47 -10.64 -8.52
CA GLY D 47 9.61 -10.21 -7.43
C GLY D 47 10.26 -9.25 -6.44
N LEU D 48 11.56 -9.00 -6.61
CA LEU D 48 12.30 -8.14 -5.69
C LEU D 48 12.58 -6.75 -6.26
N SER D 49 12.39 -6.56 -7.57
CA SER D 49 12.67 -5.29 -8.23
C SER D 49 14.14 -4.90 -8.08
N ILE D 50 15.03 -5.87 -8.23
CA ILE D 50 16.47 -5.64 -8.18
C ILE D 50 17.06 -5.89 -9.56
N ARG D 51 18.33 -5.51 -9.71
CA ARG D 51 19.03 -5.73 -10.96
C ARG D 51 19.25 -7.22 -11.21
N LEU D 52 19.19 -7.62 -12.48
CA LEU D 52 19.15 -9.04 -12.83
C LEU D 52 20.47 -9.73 -12.53
N GLY D 53 21.60 -9.06 -12.79
CA GLY D 53 22.90 -9.63 -12.53
C GLY D 53 23.09 -10.06 -11.10
N PRO D 54 22.93 -9.14 -10.15
CA PRO D 54 22.98 -9.52 -8.73
C PRO D 54 21.90 -10.51 -8.34
N ALA D 55 20.71 -10.41 -8.95
CA ALA D 55 19.63 -11.33 -8.61
C ALA D 55 20.00 -12.77 -8.94
N LEU D 56 20.67 -12.98 -10.09
CA LEU D 56 21.05 -14.33 -10.48
C LEU D 56 22.03 -14.94 -9.49
N LYS D 57 22.97 -14.14 -8.99
CA LYS D 57 23.92 -14.64 -8.01
C LYS D 57 23.27 -14.82 -6.64
N ILE D 58 22.35 -13.92 -6.28
CA ILE D 58 21.65 -14.02 -5.00
C ILE D 58 20.87 -15.33 -4.92
N TYR D 59 20.24 -15.72 -6.02
CA TYR D 59 19.49 -16.98 -6.00
C TYR D 59 20.42 -18.18 -6.04
N GLU D 60 21.41 -18.17 -6.95
CA GLU D 60 22.19 -19.37 -7.20
C GLU D 60 23.14 -19.69 -6.05
N HIS D 61 23.74 -18.66 -5.45
CA HIS D 61 24.81 -18.87 -4.49
C HIS D 61 24.42 -18.57 -3.06
N HIS D 62 23.17 -18.23 -2.79
CA HIS D 62 22.79 -17.92 -1.42
C HIS D 62 21.42 -18.52 -1.07
N ILE D 63 20.39 -18.12 -1.79
CA ILE D 63 19.05 -18.63 -1.49
C ILE D 63 18.97 -20.13 -1.76
N LYS D 64 19.51 -20.58 -2.85
CA LYS D 64 19.54 -21.99 -3.17
C LYS D 64 20.38 -22.71 -2.15
N VAL D 65 21.53 -22.15 -1.87
CA VAL D 65 22.43 -22.79 -0.90
C VAL D 65 21.76 -22.91 0.46
N LEU D 66 21.09 -21.84 0.90
CA LEU D 66 20.42 -21.88 2.20
C LEU D 66 19.30 -22.91 2.22
N GLN D 67 18.53 -22.99 1.14
CA GLN D 67 17.43 -23.96 1.09
C GLN D 67 17.94 -25.39 1.04
N GLN D 68 19.15 -25.61 0.54
CA GLN D 68 19.71 -26.96 0.39
C GLN D 68 20.60 -27.36 1.56
N GLY D 69 20.86 -26.47 2.50
CA GLY D 69 21.72 -26.78 3.62
C GLY D 69 20.94 -27.07 4.90
N SER E 1 12.35 -18.40 -48.35
CA SER E 1 12.03 -19.06 -47.09
C SER E 1 11.98 -18.04 -45.95
N PRO E 2 11.10 -18.27 -44.98
CA PRO E 2 10.91 -17.29 -43.89
C PRO E 2 12.17 -16.90 -43.16
N VAL E 3 13.15 -17.81 -43.06
CA VAL E 3 14.38 -17.51 -42.31
C VAL E 3 15.12 -16.30 -42.87
N GLU E 4 14.89 -15.96 -44.14
CA GLU E 4 15.56 -14.85 -44.78
C GLU E 4 14.76 -13.56 -44.73
N TRP E 5 13.55 -13.58 -44.19
CA TRP E 5 12.70 -12.39 -44.18
C TRP E 5 13.32 -11.30 -43.32
N THR E 6 13.27 -10.07 -43.84
CA THR E 6 13.66 -8.90 -43.06
C THR E 6 12.52 -8.52 -42.11
N VAL E 7 12.76 -7.51 -41.28
CA VAL E 7 11.71 -7.00 -40.41
C VAL E 7 10.54 -6.50 -41.24
N MET E 8 10.82 -5.77 -42.33
CA MET E 8 9.76 -5.28 -43.19
C MET E 8 8.99 -6.44 -43.82
N ASP E 9 9.71 -7.49 -44.24
CA ASP E 9 9.04 -8.67 -44.79
C ASP E 9 8.03 -9.25 -43.79
N VAL E 10 8.43 -9.33 -42.51
CA VAL E 10 7.52 -9.83 -41.48
C VAL E 10 6.31 -8.91 -41.35
N VAL E 11 6.54 -7.59 -41.39
CA VAL E 11 5.44 -6.64 -41.29
C VAL E 11 4.49 -6.80 -42.46
N GLU E 12 5.03 -6.93 -43.68
CA GLU E 12 4.17 -7.10 -44.84
C GLU E 12 3.43 -8.43 -44.80
N TYR E 13 4.05 -9.49 -44.28
CA TYR E 13 3.36 -10.77 -44.18
C TYR E 13 2.12 -10.65 -43.31
N PHE E 14 2.26 -10.08 -42.11
CA PHE E 14 1.12 -10.01 -41.21
C PHE E 14 0.09 -8.99 -41.69
N THR E 15 0.54 -7.93 -42.38
CA THR E 15 -0.39 -7.03 -43.04
C THR E 15 -1.22 -7.79 -44.07
N GLU E 16 -0.56 -8.56 -44.94
CA GLU E 16 -1.26 -9.35 -45.95
C GLU E 16 -2.10 -10.45 -45.32
N ALA E 17 -1.69 -10.97 -44.16
CA ALA E 17 -2.42 -12.04 -43.49
C ALA E 17 -3.69 -11.55 -42.79
N GLY E 18 -3.95 -10.25 -42.80
CA GLY E 18 -5.13 -9.71 -42.15
C GLY E 18 -4.92 -9.19 -40.74
N PHE E 19 -3.68 -8.96 -40.33
CA PHE E 19 -3.36 -8.39 -39.02
C PHE E 19 -2.55 -7.10 -39.19
N PRO E 20 -3.09 -6.11 -39.90
CA PRO E 20 -2.30 -4.89 -40.14
C PRO E 20 -2.07 -4.08 -38.88
N GLU E 21 -3.02 -4.06 -37.96
CA GLU E 21 -2.83 -3.34 -36.70
C GLU E 21 -1.71 -3.96 -35.88
N GLN E 22 -1.67 -5.29 -35.79
CA GLN E 22 -0.64 -5.98 -35.02
C GLN E 22 0.69 -6.03 -35.74
N ALA E 23 0.69 -5.83 -37.07
CA ALA E 23 1.92 -5.94 -37.84
C ALA E 23 2.96 -4.92 -37.42
N THR E 24 2.52 -3.75 -36.94
CA THR E 24 3.48 -2.72 -36.52
C THR E 24 4.27 -3.16 -35.30
N ALA E 25 3.71 -4.06 -34.48
CA ALA E 25 4.44 -4.53 -33.30
C ALA E 25 5.68 -5.33 -33.69
N PHE E 26 5.66 -5.98 -34.86
CA PHE E 26 6.86 -6.68 -35.30
C PHE E 26 7.93 -5.71 -35.77
N GLN E 27 7.52 -4.55 -36.28
CA GLN E 27 8.48 -3.49 -36.55
C GLN E 27 9.03 -2.91 -35.25
N GLU E 28 8.15 -2.68 -34.28
CA GLU E 28 8.57 -2.11 -33.00
C GLU E 28 9.58 -3.02 -32.30
N GLN E 29 9.37 -4.32 -32.35
CA GLN E 29 10.25 -5.27 -31.66
C GLN E 29 11.39 -5.76 -32.54
N GLU E 30 11.51 -5.26 -33.77
CA GLU E 30 12.58 -5.60 -34.70
C GLU E 30 12.69 -7.11 -34.89
N ILE E 31 11.59 -7.70 -35.33
CA ILE E 31 11.48 -9.14 -35.49
C ILE E 31 11.57 -9.46 -36.98
N ASP E 32 12.67 -10.05 -37.40
CA ASP E 32 12.84 -10.52 -38.76
C ASP E 32 12.46 -12.00 -38.82
N GLY E 33 12.71 -12.65 -39.95
CA GLY E 33 12.31 -14.04 -40.12
C GLY E 33 13.02 -14.98 -39.17
N LYS E 34 14.32 -14.75 -38.94
CA LYS E 34 15.07 -15.60 -38.01
C LYS E 34 14.54 -15.47 -36.59
N SER E 35 14.26 -14.24 -36.13
CA SER E 35 13.65 -14.07 -34.83
C SER E 35 12.26 -14.72 -34.78
N LEU E 36 11.48 -14.52 -35.83
CA LEU E 36 10.15 -15.13 -35.92
C LEU E 36 10.20 -16.63 -35.67
N LEU E 37 11.19 -17.30 -36.24
CA LEU E 37 11.31 -18.75 -36.07
C LEU E 37 11.80 -19.15 -34.69
N LEU E 38 12.19 -18.20 -33.84
CA LEU E 38 12.60 -18.48 -32.48
C LEU E 38 11.51 -18.21 -31.45
N MET E 39 10.40 -17.63 -31.86
CA MET E 39 9.39 -17.19 -30.90
C MET E 39 8.65 -18.38 -30.30
N GLN E 40 8.31 -18.26 -29.03
CA GLN E 40 7.43 -19.20 -28.37
C GLN E 40 6.10 -18.51 -28.04
N ARG E 41 5.16 -19.30 -27.54
CA ARG E 41 3.78 -18.83 -27.40
C ARG E 41 3.72 -17.56 -26.55
N THR E 42 4.37 -17.57 -25.39
CA THR E 42 4.31 -16.41 -24.50
C THR E 42 4.97 -15.17 -25.11
N ASP E 43 5.92 -15.35 -26.03
CA ASP E 43 6.53 -14.20 -26.69
C ASP E 43 5.51 -13.44 -27.53
N VAL E 44 4.60 -14.14 -28.18
CA VAL E 44 3.58 -13.48 -28.98
C VAL E 44 2.51 -12.86 -28.09
N LEU E 45 2.08 -13.60 -27.07
CA LEU E 45 0.93 -13.18 -26.27
C LEU E 45 1.25 -12.07 -25.29
N THR E 46 2.50 -11.99 -24.83
CA THR E 46 2.90 -10.99 -23.84
C THR E 46 4.04 -10.08 -24.28
N GLY E 47 4.80 -10.44 -25.32
CA GLY E 47 5.98 -9.68 -25.66
C GLY E 47 5.82 -8.67 -26.78
N LEU E 48 4.65 -8.67 -27.43
CA LEU E 48 4.40 -7.77 -28.55
C LEU E 48 3.50 -6.60 -28.20
N SER E 49 2.87 -6.62 -27.02
CA SER E 49 1.95 -5.57 -26.60
C SER E 49 0.82 -5.39 -27.62
N ILE E 50 0.23 -6.51 -28.04
CA ILE E 50 -0.91 -6.51 -28.94
C ILE E 50 -2.10 -7.14 -28.23
N ARG E 51 -3.28 -6.97 -28.82
CA ARG E 51 -4.50 -7.53 -28.24
C ARG E 51 -4.44 -9.05 -28.27
N LEU E 52 -5.05 -9.66 -27.24
CA LEU E 52 -4.92 -11.09 -27.00
C LEU E 52 -5.56 -11.92 -28.10
N GLY E 53 -6.77 -11.54 -28.53
CA GLY E 53 -7.49 -12.22 -29.57
C GLY E 53 -6.67 -12.42 -30.83
N PRO E 54 -6.22 -11.32 -31.44
CA PRO E 54 -5.34 -11.45 -32.63
C PRO E 54 -4.05 -12.17 -32.34
N ALA E 55 -3.45 -11.95 -31.16
CA ALA E 55 -2.19 -12.59 -30.83
C ALA E 55 -2.32 -14.11 -30.80
N LEU E 56 -3.46 -14.62 -30.34
CA LEU E 56 -3.64 -16.06 -30.29
C LEU E 56 -3.69 -16.66 -31.69
N LYS E 57 -4.35 -15.98 -32.62
CA LYS E 57 -4.38 -16.45 -34.00
C LYS E 57 -3.03 -16.27 -34.68
N ILE E 58 -2.32 -15.19 -34.36
CA ILE E 58 -1.02 -14.93 -34.96
C ILE E 58 -0.04 -16.04 -34.61
N TYR E 59 -0.08 -16.53 -33.37
CA TYR E 59 0.81 -17.62 -32.99
C TYR E 59 0.35 -18.94 -33.59
N GLU E 60 -0.94 -19.25 -33.47
CA GLU E 60 -1.41 -20.59 -33.80
C GLU E 60 -1.42 -20.84 -35.30
N HIS E 61 -1.89 -19.88 -36.09
CA HIS E 61 -2.12 -20.10 -37.51
C HIS E 61 -1.05 -19.50 -38.41
N HIS E 62 -0.01 -18.90 -37.83
CA HIS E 62 1.03 -18.29 -38.65
C HIS E 62 2.42 -18.60 -38.13
N ILE E 63 2.76 -18.13 -36.94
CA ILE E 63 4.10 -18.33 -36.41
C ILE E 63 4.36 -19.82 -36.19
N LYS E 64 3.42 -20.51 -35.56
CA LYS E 64 3.57 -21.96 -35.38
C LYS E 64 3.64 -22.67 -36.73
N VAL E 65 2.80 -22.25 -37.69
CA VAL E 65 2.79 -22.88 -39.00
C VAL E 65 4.11 -22.66 -39.72
N LEU E 66 4.69 -21.47 -39.60
CA LEU E 66 5.99 -21.22 -40.23
C LEU E 66 7.10 -22.02 -39.56
N GLN E 67 7.04 -22.17 -38.25
CA GLN E 67 8.08 -22.93 -37.55
C GLN E 67 7.99 -24.42 -37.84
N GLN E 68 6.79 -24.93 -38.09
CA GLN E 68 6.60 -26.35 -38.37
C GLN E 68 6.75 -26.67 -39.85
N GLY E 69 6.98 -25.68 -40.70
CA GLY E 69 7.13 -25.91 -42.13
C GLY E 69 8.58 -25.96 -42.59
N SER F 1 5.66 49.84 -2.56
CA SER F 1 4.71 48.75 -2.38
C SER F 1 5.37 47.56 -1.69
N PRO F 2 4.73 47.04 -0.64
CA PRO F 2 5.39 46.03 0.21
C PRO F 2 5.94 44.82 -0.53
N VAL F 3 5.21 44.26 -1.49
CA VAL F 3 5.59 42.99 -2.09
C VAL F 3 6.93 43.07 -2.82
N GLU F 4 7.35 44.26 -3.23
CA GLU F 4 8.60 44.42 -3.96
C GLU F 4 9.77 44.77 -3.05
N TRP F 5 9.54 44.93 -1.75
CA TRP F 5 10.60 45.32 -0.84
C TRP F 5 11.67 44.24 -0.72
N THR F 6 12.92 44.66 -0.63
CA THR F 6 14.04 43.77 -0.34
C THR F 6 14.14 43.57 1.17
N VAL F 7 15.11 42.74 1.58
CA VAL F 7 15.36 42.56 3.01
C VAL F 7 15.78 43.89 3.63
N MET F 8 16.66 44.64 2.96
CA MET F 8 17.11 45.90 3.52
C MET F 8 16.01 46.96 3.51
N ASP F 9 15.06 46.87 2.56
CA ASP F 9 13.90 47.75 2.60
C ASP F 9 13.07 47.49 3.85
N VAL F 10 12.92 46.21 4.23
CA VAL F 10 12.17 45.87 5.44
C VAL F 10 12.90 46.37 6.68
N VAL F 11 14.23 46.17 6.73
CA VAL F 11 15.02 46.70 7.83
C VAL F 11 14.88 48.22 7.92
N GLU F 12 14.87 48.88 6.77
CA GLU F 12 14.70 50.34 6.76
C GLU F 12 13.34 50.74 7.31
N TYR F 13 12.30 49.96 6.99
CA TYR F 13 10.95 50.31 7.44
C TYR F 13 10.86 50.32 8.97
N PHE F 14 11.42 49.29 9.61
CA PHE F 14 11.25 49.16 11.05
C PHE F 14 12.21 50.05 11.83
N THR F 15 13.36 50.39 11.25
CA THR F 15 14.21 51.41 11.85
C THR F 15 13.51 52.76 11.85
N GLU F 16 12.87 53.10 10.73
CA GLU F 16 12.17 54.37 10.64
C GLU F 16 10.88 54.36 11.47
N ALA F 17 10.21 53.21 11.55
CA ALA F 17 8.98 53.11 12.33
C ALA F 17 9.24 53.10 13.84
N GLY F 18 10.50 53.17 14.26
CA GLY F 18 10.82 53.27 15.68
C GLY F 18 11.28 52.00 16.35
N PHE F 19 11.70 50.99 15.58
CA PHE F 19 12.20 49.73 16.13
C PHE F 19 13.60 49.42 15.60
N PRO F 20 14.59 50.28 15.88
CA PRO F 20 15.94 50.01 15.37
C PRO F 20 16.59 48.80 16.03
N GLU F 21 16.32 48.56 17.32
CA GLU F 21 16.87 47.37 17.96
C GLU F 21 16.30 46.09 17.37
N GLN F 22 15.06 46.13 16.87
CA GLN F 22 14.42 44.95 16.31
C GLN F 22 14.62 44.82 14.80
N ALA F 23 14.99 45.90 14.11
CA ALA F 23 15.03 45.87 12.66
C ALA F 23 16.06 44.86 12.14
N THR F 24 17.18 44.69 12.85
CA THR F 24 18.20 43.76 12.38
C THR F 24 17.69 42.33 12.33
N ALA F 25 16.71 41.98 13.17
CA ALA F 25 16.18 40.61 13.16
C ALA F 25 15.55 40.26 11.81
N PHE F 26 14.99 41.24 11.11
CA PHE F 26 14.45 40.97 9.78
C PHE F 26 15.56 40.70 8.78
N GLN F 27 16.73 41.30 8.97
CA GLN F 27 17.88 40.93 8.15
C GLN F 27 18.39 39.54 8.52
N GLU F 28 18.43 39.23 9.81
CA GLU F 28 18.88 37.91 10.24
C GLU F 28 17.99 36.81 9.70
N GLN F 29 16.68 37.02 9.70
CA GLN F 29 15.74 36.03 9.20
C GLN F 29 15.49 36.17 7.70
N GLU F 30 16.18 37.09 7.03
CA GLU F 30 16.10 37.26 5.58
C GLU F 30 14.65 37.45 5.11
N ILE F 31 13.96 38.38 5.77
CA ILE F 31 12.55 38.65 5.51
C ILE F 31 12.47 39.85 4.57
N ASP F 32 12.11 39.60 3.32
CA ASP F 32 11.83 40.66 2.36
C ASP F 32 10.34 40.99 2.39
N GLY F 33 9.89 41.79 1.43
CA GLY F 33 8.50 42.22 1.44
C GLY F 33 7.52 41.09 1.22
N LYS F 34 7.84 40.18 0.30
CA LYS F 34 6.92 39.07 0.03
C LYS F 34 6.85 38.12 1.22
N SER F 35 7.97 37.90 1.91
CA SER F 35 7.96 37.10 3.13
C SER F 35 7.17 37.81 4.22
N LEU F 36 7.30 39.14 4.31
CA LEU F 36 6.54 39.92 5.29
C LEU F 36 5.05 39.69 5.13
N LEU F 37 4.55 39.72 3.89
CA LEU F 37 3.14 39.52 3.63
C LEU F 37 2.66 38.11 3.97
N LEU F 38 3.57 37.16 4.21
CA LEU F 38 3.24 35.81 4.60
C LEU F 38 3.29 35.57 6.11
N MET F 39 3.82 36.52 6.87
CA MET F 39 4.02 36.31 8.29
C MET F 39 2.69 36.26 9.03
N GLN F 40 2.64 35.40 10.05
CA GLN F 40 1.53 35.33 10.98
C GLN F 40 2.03 35.69 12.38
N ARG F 41 1.11 35.71 13.33
CA ARG F 41 1.40 36.28 14.65
C ARG F 41 2.57 35.56 15.33
N THR F 42 2.52 34.23 15.38
CA THR F 42 3.57 33.50 16.08
C THR F 42 4.92 33.61 15.39
N ASP F 43 4.94 33.91 14.08
CA ASP F 43 6.22 34.11 13.40
C ASP F 43 6.98 35.29 13.97
N VAL F 44 6.26 36.36 14.29
CA VAL F 44 6.89 37.56 14.85
C VAL F 44 7.28 37.34 16.31
N LEU F 45 6.41 36.69 17.08
CA LEU F 45 6.62 36.59 18.52
C LEU F 45 7.68 35.56 18.88
N THR F 46 7.81 34.49 18.10
CA THR F 46 8.74 33.41 18.42
C THR F 46 9.78 33.14 17.35
N GLY F 47 9.63 33.68 16.13
CA GLY F 47 10.52 33.33 15.05
C GLY F 47 11.62 34.33 14.75
N LEU F 48 11.57 35.50 15.40
CA LEU F 48 12.53 36.56 15.15
C LEU F 48 13.58 36.68 16.25
N SER F 49 13.37 36.03 17.39
CA SER F 49 14.27 36.15 18.53
C SER F 49 14.40 37.60 19.00
N ILE F 50 13.26 38.29 19.06
CA ILE F 50 13.22 39.66 19.55
C ILE F 50 12.43 39.70 20.86
N ARG F 51 12.53 40.82 21.56
CA ARG F 51 11.81 40.99 22.81
C ARG F 51 10.31 41.03 22.56
N LEU F 52 9.55 40.48 23.50
CA LEU F 52 8.13 40.23 23.29
C LEU F 52 7.33 41.52 23.18
N GLY F 53 7.65 42.51 24.01
CA GLY F 53 6.96 43.79 23.99
C GLY F 53 6.94 44.44 22.63
N PRO F 54 8.12 44.74 22.08
CA PRO F 54 8.15 45.28 20.70
C PRO F 54 7.59 44.34 19.67
N ALA F 55 7.78 43.02 19.83
CA ALA F 55 7.24 42.06 18.88
C ALA F 55 5.73 42.17 18.76
N LEU F 56 5.04 42.37 19.88
CA LEU F 56 3.58 42.50 19.84
C LEU F 56 3.17 43.75 19.08
N LYS F 57 3.86 44.87 19.30
CA LYS F 57 3.55 46.10 18.59
C LYS F 57 3.91 45.99 17.11
N ILE F 58 5.04 45.34 16.82
CA ILE F 58 5.49 45.20 15.43
C ILE F 58 4.46 44.43 14.62
N TYR F 59 3.91 43.34 15.19
CA TYR F 59 2.92 42.57 14.46
C TYR F 59 1.59 43.31 14.36
N GLU F 60 1.12 43.85 15.48
CA GLU F 60 -0.23 44.43 15.51
C GLU F 60 -0.30 45.72 14.70
N HIS F 61 0.66 46.62 14.88
CA HIS F 61 0.57 47.96 14.33
C HIS F 61 1.39 48.15 13.06
N HIS F 62 2.01 47.09 12.54
CA HIS F 62 2.84 47.27 11.35
C HIS F 62 2.68 46.12 10.36
N ILE F 63 2.98 44.90 10.80
CA ILE F 63 2.90 43.75 9.89
C ILE F 63 1.47 43.53 9.44
N LYS F 64 0.52 43.55 10.39
CA LYS F 64 -0.88 43.41 10.01
C LYS F 64 -1.37 44.59 9.18
N VAL F 65 -0.92 45.79 9.52
CA VAL F 65 -1.33 46.99 8.78
C VAL F 65 -0.87 46.89 7.34
N LEU F 66 0.40 46.53 7.12
CA LEU F 66 0.91 46.38 5.76
C LEU F 66 0.16 45.29 5.01
N GLN F 67 -0.17 44.19 5.68
CA GLN F 67 -0.86 43.09 5.02
C GLN F 67 -2.29 43.46 4.65
N GLN F 68 -2.89 44.41 5.36
CA GLN F 68 -4.29 44.76 5.13
C GLN F 68 -4.46 46.06 4.36
N GLY F 69 -3.37 46.78 4.07
CA GLY F 69 -3.45 48.07 3.44
C GLY F 69 -3.09 48.09 1.96
N SER G 1 -2.52 -6.45 22.87
CA SER G 1 -3.36 -5.28 22.64
C SER G 1 -2.58 -4.00 22.92
N PRO G 2 -2.70 -3.02 22.02
CA PRO G 2 -1.90 -1.78 22.15
C PRO G 2 -1.94 -1.14 23.52
N VAL G 3 -3.12 -1.04 24.15
CA VAL G 3 -3.22 -0.42 25.45
C VAL G 3 -2.40 -1.17 26.51
N GLU G 4 -2.11 -2.44 26.28
CA GLU G 4 -1.33 -3.23 27.23
C GLU G 4 0.16 -3.25 26.92
N TRP G 5 0.59 -2.59 25.84
CA TRP G 5 2.00 -2.64 25.45
C TRP G 5 2.87 -1.98 26.50
N THR G 6 4.04 -2.58 26.74
CA THR G 6 5.06 -1.96 27.56
C THR G 6 5.90 -1.01 26.71
N VAL G 7 6.82 -0.31 27.37
CA VAL G 7 7.74 0.56 26.64
C VAL G 7 8.56 -0.28 25.65
N MET G 8 8.99 -1.47 26.07
CA MET G 8 9.76 -2.34 25.20
C MET G 8 8.94 -2.79 24.00
N ASP G 9 7.65 -3.09 24.23
CA ASP G 9 6.75 -3.41 23.13
C ASP G 9 6.68 -2.28 22.12
N VAL G 10 6.58 -1.04 22.60
CA VAL G 10 6.55 0.11 21.72
C VAL G 10 7.84 0.21 20.93
N VAL G 11 8.98 0.05 21.62
CA VAL G 11 10.28 0.08 20.95
C VAL G 11 10.35 -1.00 19.88
N GLU G 12 9.87 -2.21 20.22
CA GLU G 12 9.91 -3.30 19.25
C GLU G 12 9.01 -3.01 18.06
N TYR G 13 7.85 -2.39 18.28
CA TYR G 13 6.94 -2.10 17.17
C TYR G 13 7.62 -1.17 16.16
N PHE G 14 8.20 -0.08 16.63
CA PHE G 14 8.79 0.89 15.72
C PHE G 14 10.13 0.42 15.16
N THR G 15 10.83 -0.48 15.85
CA THR G 15 12.00 -1.12 15.26
C THR G 15 11.58 -2.00 14.09
N GLU G 16 10.62 -2.89 14.32
CA GLU G 16 10.14 -3.77 13.24
C GLU G 16 9.44 -2.98 12.14
N ALA G 17 8.84 -1.84 12.48
CA ALA G 17 8.19 -1.01 11.47
C ALA G 17 9.19 -0.32 10.54
N GLY G 18 10.47 -0.36 10.87
CA GLY G 18 11.49 0.28 10.05
C GLY G 18 12.01 1.60 10.57
N PHE G 19 11.81 1.90 11.84
CA PHE G 19 12.32 3.14 12.46
C PHE G 19 13.16 2.81 13.68
N PRO G 20 14.25 2.05 13.52
CA PRO G 20 15.03 1.65 14.69
C PRO G 20 15.73 2.82 15.38
N GLU G 21 16.20 3.81 14.62
CA GLU G 21 16.81 4.97 15.23
C GLU G 21 15.80 5.76 16.06
N GLN G 22 14.59 5.90 15.55
CA GLN G 22 13.57 6.67 16.25
C GLN G 22 12.91 5.91 17.38
N ALA G 23 12.97 4.57 17.35
CA ALA G 23 12.38 3.78 18.43
C ALA G 23 13.04 4.08 19.76
N THR G 24 14.31 4.50 19.74
CA THR G 24 15.02 4.85 20.96
C THR G 24 14.30 5.97 21.72
N ALA G 25 13.71 6.92 20.99
CA ALA G 25 13.06 8.05 21.64
C ALA G 25 11.87 7.61 22.49
N PHE G 26 11.20 6.53 22.10
CA PHE G 26 10.07 6.06 22.89
C PHE G 26 10.54 5.44 24.21
N GLN G 27 11.76 4.90 24.24
CA GLN G 27 12.36 4.54 25.51
C GLN G 27 12.79 5.78 26.28
N GLU G 28 13.41 6.75 25.60
CA GLU G 28 13.85 7.96 26.26
C GLU G 28 12.69 8.70 26.91
N GLN G 29 11.54 8.71 26.25
CA GLN G 29 10.37 9.41 26.76
C GLN G 29 9.44 8.50 27.56
N GLU G 30 9.80 7.24 27.75
CA GLU G 30 9.05 6.30 28.58
C GLU G 30 7.60 6.22 28.12
N ILE G 31 7.42 5.92 26.84
CA ILE G 31 6.11 5.87 26.21
C ILE G 31 5.72 4.41 26.07
N ASP G 32 4.76 3.98 26.87
CA ASP G 32 4.21 2.63 26.73
C ASP G 32 3.00 2.69 25.79
N GLY G 33 2.27 1.58 25.69
CA GLY G 33 1.09 1.55 24.83
C GLY G 33 0.03 2.54 25.26
N LYS G 34 -0.13 2.70 26.57
CA LYS G 34 -1.14 3.62 27.06
C LYS G 34 -0.82 5.06 26.69
N SER G 35 0.45 5.45 26.84
CA SER G 35 0.88 6.79 26.47
C SER G 35 0.82 6.98 24.96
N LEU G 36 1.18 5.94 24.20
CA LEU G 36 1.09 6.02 22.75
C LEU G 36 -0.31 6.43 22.30
N LEU G 37 -1.34 5.82 22.89
CA LEU G 37 -2.71 6.09 22.50
C LEU G 37 -3.19 7.47 22.94
N LEU G 38 -2.40 8.20 23.71
CA LEU G 38 -2.72 9.57 24.10
C LEU G 38 -2.00 10.62 23.27
N MET G 39 -1.03 10.21 22.45
CA MET G 39 -0.21 11.17 21.72
C MET G 39 -1.01 11.86 20.62
N GLN G 40 -0.73 13.14 20.44
CA GLN G 40 -1.23 13.91 19.31
C GLN G 40 -0.07 14.30 18.40
N ARG G 41 -0.41 14.87 17.24
CA ARG G 41 0.58 15.10 16.18
C ARG G 41 1.80 15.86 16.69
N THR G 42 1.57 16.93 17.46
CA THR G 42 2.69 17.76 17.89
C THR G 42 3.60 17.03 18.88
N ASP G 43 3.05 16.06 19.62
CA ASP G 43 3.89 15.30 20.55
C ASP G 43 4.96 14.50 19.80
N VAL G 44 4.59 13.94 18.65
CA VAL G 44 5.55 13.16 17.87
C VAL G 44 6.58 14.09 17.21
N LEU G 45 6.11 15.19 16.61
CA LEU G 45 6.98 16.04 15.81
C LEU G 45 7.93 16.89 16.66
N THR G 46 7.53 17.26 17.88
CA THR G 46 8.35 18.14 18.70
C THR G 46 8.70 17.56 20.07
N GLY G 47 8.07 16.48 20.51
CA GLY G 47 8.29 15.99 21.85
C GLY G 47 9.23 14.80 21.96
N LEU G 48 9.64 14.23 20.82
CA LEU G 48 10.47 13.03 20.81
C LEU G 48 11.94 13.31 20.49
N SER G 49 12.27 14.51 20.02
CA SER G 49 13.63 14.86 19.61
C SER G 49 14.13 13.94 18.49
N ILE G 50 13.25 13.63 17.55
CA ILE G 50 13.62 12.83 16.39
C ILE G 50 13.52 13.69 15.14
N ARG G 51 14.02 13.16 14.03
CA ARG G 51 14.05 13.90 12.78
C ARG G 51 12.64 14.01 12.19
N LEU G 52 12.40 15.14 11.51
CA LEU G 52 11.05 15.51 11.11
C LEU G 52 10.47 14.52 10.11
N GLY G 53 11.27 14.11 9.12
CA GLY G 53 10.83 13.19 8.09
C GLY G 53 10.25 11.91 8.64
N PRO G 54 11.04 11.16 9.42
CA PRO G 54 10.50 9.94 10.05
C PRO G 54 9.39 10.23 11.04
N ALA G 55 9.45 11.36 11.76
CA ALA G 55 8.39 11.68 12.71
C ALA G 55 7.05 11.81 12.02
N LEU G 56 7.01 12.39 10.82
CA LEU G 56 5.75 12.56 10.11
C LEU G 56 5.16 11.21 9.72
N LYS G 57 5.99 10.27 9.28
CA LYS G 57 5.48 8.94 8.94
C LYS G 57 5.08 8.17 10.19
N ILE G 58 5.87 8.31 11.26
CA ILE G 58 5.57 7.60 12.51
C ILE G 58 4.19 7.97 13.03
N TYR G 59 3.85 9.27 12.98
CA TYR G 59 2.54 9.68 13.45
C TYR G 59 1.44 9.27 12.48
N GLU G 60 1.61 9.61 11.20
CA GLU G 60 0.52 9.43 10.24
C GLU G 60 0.26 7.96 9.96
N HIS G 61 1.31 7.16 9.79
CA HIS G 61 1.17 5.78 9.33
C HIS G 61 1.22 4.75 10.45
N HIS G 62 1.35 5.18 11.70
CA HIS G 62 1.51 4.21 12.77
C HIS G 62 0.78 4.63 14.04
N ILE G 63 1.18 5.76 14.64
CA ILE G 63 0.51 6.21 15.85
C ILE G 63 -0.96 6.48 15.58
N LYS G 64 -1.27 7.10 14.44
CA LYS G 64 -2.65 7.39 14.10
C LYS G 64 -3.45 6.12 13.86
N VAL G 65 -2.90 5.17 13.08
CA VAL G 65 -3.68 3.99 12.74
C VAL G 65 -3.83 3.06 13.94
N LEU G 66 -2.87 3.09 14.87
CA LEU G 66 -3.03 2.33 16.12
C LEU G 66 -4.14 2.93 16.98
N GLN G 67 -4.22 4.27 17.03
CA GLN G 67 -5.28 4.91 17.80
C GLN G 67 -6.65 4.70 17.17
N GLN G 68 -6.71 4.57 15.85
CA GLN G 68 -7.98 4.43 15.14
C GLN G 68 -8.37 2.98 14.89
N GLY G 69 -7.61 2.04 15.43
CA GLY G 69 -7.88 0.63 15.20
C GLY G 69 -8.30 -0.12 16.45
N SER H 1 -6.36 53.67 30.84
CA SER H 1 -5.21 54.02 31.68
C SER H 1 -4.10 52.96 31.68
N PRO H 2 -4.44 51.67 31.77
CA PRO H 2 -3.38 50.65 31.60
C PRO H 2 -2.62 50.81 30.30
N VAL H 3 -3.30 51.21 29.23
CA VAL H 3 -2.66 51.47 27.95
C VAL H 3 -1.61 52.58 28.06
N GLU H 4 -1.67 53.39 29.10
CA GLU H 4 -0.68 54.45 29.31
C GLU H 4 0.51 54.02 30.14
N TRP H 5 0.49 52.82 30.72
CA TRP H 5 1.55 52.38 31.60
C TRP H 5 2.87 52.22 30.83
N THR H 6 3.96 52.68 31.44
CA THR H 6 5.28 52.40 30.91
C THR H 6 5.69 50.98 31.26
N VAL H 7 6.87 50.57 30.78
CA VAL H 7 7.38 49.24 31.15
C VAL H 7 7.60 49.16 32.65
N MET H 8 8.18 50.21 33.24
CA MET H 8 8.40 50.21 34.69
C MET H 8 7.09 50.19 35.47
N ASP H 9 6.05 50.83 34.95
CA ASP H 9 4.73 50.75 35.58
C ASP H 9 4.24 49.31 35.61
N VAL H 10 4.43 48.58 34.51
CA VAL H 10 4.04 47.17 34.47
C VAL H 10 4.84 46.38 35.49
N VAL H 11 6.15 46.61 35.55
CA VAL H 11 6.99 45.96 36.54
C VAL H 11 6.48 46.26 37.94
N GLU H 12 6.16 47.53 38.21
CA GLU H 12 5.63 47.90 39.52
C GLU H 12 4.31 47.19 39.80
N TYR H 13 3.41 47.14 38.81
CA TYR H 13 2.12 46.47 39.02
C TYR H 13 2.31 45.04 39.50
N PHE H 14 3.11 44.26 38.79
CA PHE H 14 3.27 42.86 39.16
C PHE H 14 4.10 42.70 40.43
N THR H 15 4.93 43.68 40.77
CA THR H 15 5.58 43.66 42.08
C THR H 15 4.56 43.87 43.19
N GLU H 16 3.69 44.87 43.05
CA GLU H 16 2.64 45.10 44.04
C GLU H 16 1.63 43.96 44.07
N ALA H 17 1.41 43.30 42.93
CA ALA H 17 0.46 42.20 42.87
C ALA H 17 0.98 40.93 43.54
N GLY H 18 2.21 40.93 44.02
CA GLY H 18 2.77 39.77 44.69
C GLY H 18 3.63 38.88 43.83
N PHE H 19 4.14 39.38 42.70
CA PHE H 19 5.02 38.61 41.81
C PHE H 19 6.34 39.35 41.59
N PRO H 20 7.08 39.67 42.65
CA PRO H 20 8.31 40.44 42.45
C PRO H 20 9.36 39.68 41.66
N GLU H 21 9.43 38.36 41.82
CA GLU H 21 10.42 37.57 41.09
C GLU H 21 10.15 37.56 39.59
N GLN H 22 8.88 37.59 39.20
CA GLN H 22 8.52 37.55 37.79
C GLN H 22 8.39 38.93 37.17
N ALA H 23 8.34 39.99 37.99
CA ALA H 23 8.05 41.32 37.47
C ALA H 23 9.14 41.80 36.52
N THR H 24 10.40 41.49 36.80
CA THR H 24 11.49 41.95 35.96
C THR H 24 11.47 41.34 34.57
N ALA H 25 10.77 40.22 34.38
CA ALA H 25 10.63 39.67 33.04
C ALA H 25 9.91 40.64 32.11
N PHE H 26 9.00 41.44 32.65
CA PHE H 26 8.36 42.46 31.84
C PHE H 26 9.33 43.57 31.46
N GLN H 27 10.31 43.85 32.32
CA GLN H 27 11.41 44.73 31.92
C GLN H 27 12.25 44.07 30.83
N GLU H 28 12.59 42.80 31.02
CA GLU H 28 13.47 42.11 30.07
C GLU H 28 12.84 42.03 28.69
N GLN H 29 11.53 41.86 28.62
CA GLN H 29 10.82 41.81 27.35
C GLN H 29 10.27 43.16 26.92
N GLU H 30 10.50 44.21 27.72
CA GLU H 30 10.09 45.58 27.40
C GLU H 30 8.58 45.65 27.11
N ILE H 31 7.79 45.12 28.02
CA ILE H 31 6.34 45.09 27.88
C ILE H 31 5.77 46.28 28.66
N ASP H 32 5.24 47.26 27.93
CA ASP H 32 4.53 48.37 28.55
C ASP H 32 3.04 48.03 28.61
N GLY H 33 2.20 49.02 28.94
CA GLY H 33 0.78 48.77 29.03
C GLY H 33 0.15 48.43 27.69
N LYS H 34 0.61 49.08 26.62
CA LYS H 34 0.10 48.78 25.29
C LYS H 34 0.35 47.32 24.92
N SER H 35 1.60 46.87 25.08
CA SER H 35 1.92 45.48 24.78
C SER H 35 1.16 44.52 25.67
N LEU H 36 0.99 44.87 26.95
CA LEU H 36 0.23 44.04 27.88
C LEU H 36 -1.17 43.75 27.35
N LEU H 37 -1.84 44.78 26.82
CA LEU H 37 -3.19 44.60 26.28
C LEU H 37 -3.19 43.82 24.98
N LEU H 38 -2.02 43.49 24.43
CA LEU H 38 -1.90 42.67 23.24
C LEU H 38 -1.53 41.22 23.53
N MET H 39 -1.13 40.90 24.76
CA MET H 39 -0.62 39.58 25.07
C MET H 39 -1.72 38.54 25.05
N GLN H 40 -1.39 37.34 24.58
CA GLN H 40 -2.25 36.17 24.66
C GLN H 40 -1.64 35.15 25.62
N ARG H 41 -2.38 34.07 25.86
CA ARG H 41 -2.00 33.12 26.90
C ARG H 41 -0.60 32.56 26.67
N THR H 42 -0.31 32.12 25.45
CA THR H 42 1.00 31.54 25.18
C THR H 42 2.13 32.55 25.33
N ASP H 43 1.86 33.85 25.19
CA ASP H 43 2.90 34.86 25.35
C ASP H 43 3.36 34.93 26.81
N VAL H 44 2.42 34.77 27.74
CA VAL H 44 2.79 34.79 29.16
C VAL H 44 3.50 33.49 29.55
N LEU H 45 2.97 32.35 29.08
CA LEU H 45 3.44 31.06 29.56
C LEU H 45 4.78 30.66 28.95
N THR H 46 5.05 31.08 27.71
CA THR H 46 6.26 30.66 27.00
C THR H 46 7.17 31.81 26.57
N GLY H 47 6.71 33.06 26.66
CA GLY H 47 7.46 34.19 26.15
C GLY H 47 8.20 35.02 27.17
N LEU H 48 8.06 34.72 28.46
CA LEU H 48 8.67 35.53 29.51
C LEU H 48 9.81 34.83 30.25
N SER H 49 10.00 33.53 30.04
CA SER H 49 11.01 32.74 30.74
C SER H 49 10.80 32.80 32.25
N ILE H 50 9.54 32.77 32.67
CA ILE H 50 9.20 32.68 34.08
C ILE H 50 8.64 31.28 34.36
N ARG H 51 8.58 30.94 35.64
CA ARG H 51 8.11 29.61 36.01
C ARG H 51 6.60 29.50 35.81
N LEU H 52 6.16 28.28 35.51
CA LEU H 52 4.82 28.05 35.00
C LEU H 52 3.75 28.36 36.04
N GLY H 53 4.01 28.04 37.30
CA GLY H 53 3.06 28.29 38.37
C GLY H 53 2.62 29.73 38.45
N PRO H 54 3.58 30.63 38.66
CA PRO H 54 3.23 32.07 38.66
C PRO H 54 2.70 32.54 37.31
N ALA H 55 3.25 32.04 36.21
CA ALA H 55 2.80 32.47 34.88
C ALA H 55 1.30 32.24 34.69
N LEU H 56 0.80 31.10 35.18
CA LEU H 56 -0.62 30.81 35.03
C LEU H 56 -1.47 31.83 35.77
N LYS H 57 -1.09 32.16 37.01
CA LYS H 57 -1.84 33.15 37.76
C LYS H 57 -1.66 34.55 37.19
N ILE H 58 -0.46 34.84 36.69
CA ILE H 58 -0.19 36.16 36.11
C ILE H 58 -1.11 36.43 34.92
N TYR H 59 -1.31 35.41 34.08
CA TYR H 59 -2.20 35.59 32.93
C TYR H 59 -3.66 35.61 33.37
N GLU H 60 -4.06 34.66 34.23
CA GLU H 60 -5.47 34.45 34.52
C GLU H 60 -6.04 35.55 35.39
N HIS H 61 -5.34 35.92 36.46
CA HIS H 61 -5.87 36.83 37.45
C HIS H 61 -5.44 38.27 37.27
N HIS H 62 -4.63 38.57 36.26
CA HIS H 62 -4.15 39.94 36.11
C HIS H 62 -4.19 40.40 34.65
N ILE H 63 -3.44 39.74 33.78
CA ILE H 63 -3.40 40.15 32.38
C ILE H 63 -4.77 40.04 31.75
N LYS H 64 -5.43 38.89 31.94
CA LYS H 64 -6.80 38.73 31.45
C LYS H 64 -7.73 39.77 32.08
N VAL H 65 -7.57 40.01 33.39
CA VAL H 65 -8.45 40.95 34.08
C VAL H 65 -8.21 42.37 33.60
N LEU H 66 -6.94 42.74 33.41
CA LEU H 66 -6.63 44.08 32.92
C LEU H 66 -7.18 44.30 31.52
N GLN H 67 -7.12 43.27 30.67
CA GLN H 67 -7.59 43.42 29.29
C GLN H 67 -9.10 43.59 29.23
N GLN H 68 -9.83 43.09 30.22
CA GLN H 68 -11.28 43.12 30.19
C GLN H 68 -11.86 44.42 30.71
N GLY H 69 -11.03 45.44 30.93
CA GLY H 69 -11.52 46.79 31.13
C GLY H 69 -11.77 47.22 32.56
N SER I 1 -9.99 20.29 49.03
CA SER I 1 -10.14 20.54 47.61
C SER I 1 -8.84 21.04 47.00
N PRO I 2 -8.56 20.65 45.75
CA PRO I 2 -7.26 20.99 45.14
C PRO I 2 -6.94 22.47 45.13
N VAL I 3 -7.93 23.35 45.18
CA VAL I 3 -7.68 24.79 45.02
C VAL I 3 -6.80 25.31 46.15
N GLU I 4 -6.83 24.68 47.32
CA GLU I 4 -6.07 25.13 48.47
C GLU I 4 -4.78 24.36 48.67
N TRP I 5 -4.41 23.49 47.73
CA TRP I 5 -3.16 22.75 47.83
C TRP I 5 -1.96 23.68 47.69
N THR I 6 -0.96 23.48 48.54
CA THR I 6 0.31 24.16 48.39
C THR I 6 1.15 23.47 47.31
N VAL I 7 2.31 24.04 47.01
CA VAL I 7 3.23 23.40 46.07
C VAL I 7 3.63 22.02 46.58
N MET I 8 3.96 21.92 47.87
CA MET I 8 4.36 20.62 48.42
C MET I 8 3.18 19.65 48.45
N ASP I 9 1.96 20.15 48.62
CA ASP I 9 0.79 19.29 48.50
C ASP I 9 0.71 18.70 47.09
N VAL I 10 1.01 19.50 46.07
CA VAL I 10 0.98 19.01 44.70
C VAL I 10 2.08 17.98 44.49
N VAL I 11 3.28 18.25 45.03
CA VAL I 11 4.38 17.30 44.88
C VAL I 11 4.03 15.96 45.52
N GLU I 12 3.44 15.99 46.71
CA GLU I 12 3.11 14.74 47.38
C GLU I 12 1.93 14.03 46.69
N TYR I 13 1.04 14.77 46.04
CA TYR I 13 -0.02 14.13 45.26
C TYR I 13 0.57 13.29 44.14
N PHE I 14 1.44 13.88 43.33
CA PHE I 14 1.98 13.15 42.19
C PHE I 14 2.99 12.09 42.60
N THR I 15 3.58 12.22 43.79
CA THR I 15 4.39 11.12 44.33
C THR I 15 3.52 9.94 44.72
N GLU I 16 2.43 10.21 45.44
CA GLU I 16 1.48 9.15 45.79
C GLU I 16 0.81 8.58 44.55
N ALA I 17 0.67 9.38 43.51
CA ALA I 17 0.05 8.92 42.26
C ALA I 17 0.97 8.04 41.43
N GLY I 18 2.22 7.86 41.84
CA GLY I 18 3.16 7.06 41.08
C GLY I 18 4.01 7.81 40.09
N PHE I 19 4.12 9.14 40.22
CA PHE I 19 4.99 9.94 39.37
C PHE I 19 5.94 10.77 40.24
N PRO I 20 6.72 10.14 41.11
CA PRO I 20 7.59 10.93 42.00
C PRO I 20 8.73 11.62 41.26
N GLU I 21 9.20 11.04 40.15
CA GLU I 21 10.22 11.70 39.35
C GLU I 21 9.70 12.99 38.72
N GLN I 22 8.47 12.95 38.21
CA GLN I 22 7.87 14.13 37.59
C GLN I 22 7.36 15.12 38.62
N ALA I 23 7.09 14.67 39.85
CA ALA I 23 6.59 15.58 40.88
C ALA I 23 7.58 16.70 41.18
N THR I 24 8.87 16.46 40.93
CA THR I 24 9.86 17.52 41.17
C THR I 24 9.66 18.71 40.24
N ALA I 25 9.17 18.47 39.02
CA ALA I 25 8.93 19.57 38.10
C ALA I 25 7.86 20.52 38.61
N PHE I 26 6.87 19.99 39.34
CA PHE I 26 5.85 20.88 39.93
C PHE I 26 6.45 21.75 41.02
N GLN I 27 7.43 21.25 41.75
CA GLN I 27 8.16 22.09 42.69
C GLN I 27 9.03 23.11 41.97
N GLU I 28 9.67 22.69 40.87
CA GLU I 28 10.56 23.57 40.13
C GLU I 28 9.79 24.72 39.49
N GLN I 29 8.57 24.45 39.00
CA GLN I 29 7.74 25.47 38.40
C GLN I 29 6.79 26.13 39.39
N GLU I 30 6.90 25.79 40.68
CA GLU I 30 6.10 26.38 41.75
C GLU I 30 4.61 26.29 41.44
N ILE I 31 4.17 25.09 41.10
CA ILE I 31 2.76 24.83 40.77
C ILE I 31 2.05 24.42 42.06
N ASP I 32 1.20 25.32 42.57
CA ASP I 32 0.35 24.97 43.70
C ASP I 32 -1.00 24.47 43.16
N GLY I 33 -1.97 24.28 44.06
CA GLY I 33 -3.26 23.77 43.63
C GLY I 33 -3.99 24.72 42.71
N LYS I 34 -3.95 26.02 43.01
CA LYS I 34 -4.61 27.00 42.15
C LYS I 34 -4.04 26.98 40.75
N SER I 35 -2.70 26.94 40.63
CA SER I 35 -2.08 26.87 39.32
C SER I 35 -2.39 25.55 38.61
N LEU I 36 -2.43 24.45 39.37
CA LEU I 36 -2.79 23.16 38.80
C LEU I 36 -4.13 23.23 38.09
N LEU I 37 -5.12 23.86 38.72
CA LEU I 37 -6.46 23.98 38.13
C LEU I 37 -6.46 24.85 36.88
N LEU I 38 -5.39 25.61 36.62
CA LEU I 38 -5.31 26.48 35.46
C LEU I 38 -4.56 25.86 34.29
N MET I 39 -3.91 24.71 34.49
CA MET I 39 -3.06 24.15 33.46
C MET I 39 -3.87 23.59 32.30
N GLN I 40 -3.30 23.67 31.11
CA GLN I 40 -3.83 23.05 29.90
C GLN I 40 -2.82 22.02 29.39
N ARG I 41 -3.20 21.32 28.33
CA ARG I 41 -2.45 20.14 27.89
C ARG I 41 -1.00 20.50 27.57
N THR I 42 -0.78 21.54 26.76
CA THR I 42 0.57 21.90 26.35
C THR I 42 1.43 22.35 27.52
N ASP I 43 0.81 22.85 28.60
CA ASP I 43 1.57 23.25 29.78
C ASP I 43 2.22 22.05 30.45
N VAL I 44 1.53 20.90 30.44
CA VAL I 44 2.13 19.69 31.01
C VAL I 44 3.14 19.08 30.06
N LEU I 45 2.82 19.04 28.76
CA LEU I 45 3.65 18.31 27.81
C LEU I 45 4.93 19.05 27.46
N THR I 46 4.92 20.37 27.46
CA THR I 46 6.08 21.15 27.07
C THR I 46 6.57 22.11 28.14
N GLY I 47 5.80 22.38 29.18
CA GLY I 47 6.17 23.39 30.14
C GLY I 47 6.85 22.89 31.40
N LEU I 48 6.87 21.57 31.61
CA LEU I 48 7.44 20.99 32.82
C LEU I 48 8.81 20.37 32.61
N SER I 49 9.24 20.18 31.36
CA SER I 49 10.52 19.55 31.04
C SER I 49 10.58 18.13 31.63
N ILE I 50 9.51 17.39 31.49
CA ILE I 50 9.45 15.99 31.93
C ILE I 50 9.26 15.10 30.71
N ARG I 51 9.44 13.80 30.90
CA ARG I 51 9.32 12.86 29.81
C ARG I 51 7.87 12.80 29.31
N LEU I 52 7.74 12.61 28.00
CA LEU I 52 6.43 12.74 27.34
C LEU I 52 5.46 11.67 27.79
N GLY I 53 5.93 10.43 27.92
CA GLY I 53 5.09 9.33 28.35
C GLY I 53 4.36 9.62 29.65
N PRO I 54 5.11 9.84 30.73
CA PRO I 54 4.48 10.22 32.00
C PRO I 54 3.69 11.52 31.92
N ALA I 55 4.15 12.48 31.10
CA ALA I 55 3.44 13.76 31.00
C ALA I 55 2.03 13.57 30.45
N LEU I 56 1.88 12.68 29.47
CA LEU I 56 0.55 12.44 28.90
C LEU I 56 -0.39 11.83 29.93
N LYS I 57 0.09 10.87 30.72
CA LYS I 57 -0.74 10.28 31.76
C LYS I 57 -1.05 11.29 32.86
N ILE I 58 -0.08 12.13 33.20
CA ILE I 58 -0.28 13.11 34.27
C ILE I 58 -1.37 14.09 33.90
N TYR I 59 -1.41 14.52 32.63
CA TYR I 59 -2.47 15.41 32.19
C TYR I 59 -3.80 14.68 32.10
N GLU I 60 -3.81 13.52 31.43
CA GLU I 60 -5.08 12.86 31.12
C GLU I 60 -5.81 12.36 32.37
N HIS I 61 -5.08 11.76 33.33
CA HIS I 61 -5.70 11.07 34.46
C HIS I 61 -5.53 11.78 35.79
N HIS I 62 -4.94 12.96 35.83
CA HIS I 62 -4.78 13.53 37.15
C HIS I 62 -5.15 15.01 37.08
N ILE I 63 -4.47 15.76 36.23
CA ILE I 63 -4.77 17.18 36.15
C ILE I 63 -6.17 17.40 35.59
N LYS I 64 -6.54 16.68 34.53
CA LYS I 64 -7.86 16.88 33.95
C LYS I 64 -8.97 16.39 34.87
N VAL I 65 -8.79 15.24 35.51
CA VAL I 65 -9.84 14.74 36.39
C VAL I 65 -9.92 15.58 37.66
N LEU I 66 -8.82 16.20 38.06
CA LEU I 66 -8.88 17.15 39.18
C LEU I 66 -9.67 18.39 38.80
N GLN I 67 -9.46 18.89 37.58
CA GLN I 67 -10.17 20.09 37.14
C GLN I 67 -11.66 19.83 36.96
N GLN I 68 -12.04 18.60 36.65
CA GLN I 68 -13.43 18.27 36.37
C GLN I 68 -14.20 17.77 37.59
N GLY I 69 -13.53 17.60 38.72
CA GLY I 69 -14.15 17.01 39.90
C GLY I 69 -14.40 17.99 41.03
N SER J 1 6.24 11.36 -9.71
CA SER J 1 5.37 12.11 -8.82
C SER J 1 6.05 12.34 -7.48
N PRO J 2 5.68 13.42 -6.78
CA PRO J 2 6.37 13.75 -5.53
C PRO J 2 6.38 12.64 -4.50
N VAL J 3 5.32 11.83 -4.42
CA VAL J 3 5.24 10.80 -3.39
C VAL J 3 6.38 9.79 -3.50
N GLU J 4 6.96 9.63 -4.68
CA GLU J 4 8.04 8.68 -4.89
C GLU J 4 9.43 9.28 -4.69
N TRP J 5 9.51 10.55 -4.31
CA TRP J 5 10.80 11.23 -4.23
C TRP J 5 11.61 10.72 -3.04
N THR J 6 12.90 10.52 -3.27
CA THR J 6 13.84 10.20 -2.21
C THR J 6 14.24 11.49 -1.49
N VAL J 7 15.02 11.33 -0.41
CA VAL J 7 15.54 12.51 0.30
C VAL J 7 16.39 13.36 -0.64
N MET J 8 17.26 12.72 -1.43
CA MET J 8 18.07 13.48 -2.38
C MET J 8 17.23 14.16 -3.44
N ASP J 9 16.14 13.51 -3.88
CA ASP J 9 15.24 14.15 -4.83
C ASP J 9 14.67 15.44 -4.24
N VAL J 10 14.32 15.42 -2.96
CA VAL J 10 13.77 16.61 -2.31
C VAL J 10 14.84 17.70 -2.23
N VAL J 11 16.07 17.34 -1.88
CA VAL J 11 17.15 18.31 -1.82
C VAL J 11 17.38 18.92 -3.20
N GLU J 12 17.36 18.09 -4.24
CA GLU J 12 17.55 18.61 -5.60
C GLU J 12 16.41 19.52 -6.01
N TYR J 13 15.18 19.18 -5.63
CA TYR J 13 14.04 20.03 -5.98
C TYR J 13 14.22 21.43 -5.42
N PHE J 14 14.50 21.53 -4.12
CA PHE J 14 14.58 22.85 -3.50
C PHE J 14 15.84 23.60 -3.94
N THR J 15 16.88 22.87 -4.31
CA THR J 15 18.03 23.51 -4.95
C THR J 15 17.64 24.16 -6.27
N GLU J 16 17.01 23.37 -7.15
CA GLU J 16 16.59 23.89 -8.45
C GLU J 16 15.46 24.89 -8.34
N ALA J 17 14.69 24.86 -7.25
CA ALA J 17 13.59 25.79 -7.07
C ALA J 17 14.05 27.17 -6.60
N GLY J 18 15.32 27.33 -6.30
CA GLY J 18 15.85 28.60 -5.85
C GLY J 18 16.14 28.70 -4.37
N PHE J 19 16.23 27.58 -3.65
CA PHE J 19 16.57 27.59 -2.24
C PHE J 19 17.74 26.65 -1.96
N PRO J 20 18.91 26.92 -2.54
CA PRO J 20 20.05 26.00 -2.33
C PRO J 20 20.59 26.03 -0.92
N GLU J 21 20.53 27.18 -0.23
CA GLU J 21 20.99 27.23 1.15
C GLU J 21 20.15 26.35 2.06
N GLN J 22 18.84 26.35 1.85
CA GLN J 22 17.91 25.63 2.72
C GLN J 22 17.69 24.19 2.29
N ALA J 23 18.16 23.80 1.10
CA ALA J 23 17.81 22.50 0.56
C ALA J 23 18.32 21.36 1.43
N THR J 24 19.51 21.51 2.01
CA THR J 24 20.09 20.44 2.81
C THR J 24 19.42 20.29 4.17
N ALA J 25 18.59 21.24 4.58
CA ALA J 25 17.81 21.06 5.80
C ALA J 25 16.86 19.87 5.66
N PHE J 26 16.29 19.70 4.46
CA PHE J 26 15.45 18.52 4.21
C PHE J 26 16.28 17.24 4.28
N GLN J 27 17.57 17.31 3.93
CA GLN J 27 18.46 16.17 4.12
C GLN J 27 18.75 15.94 5.60
N GLU J 28 18.98 17.02 6.35
CA GLU J 28 19.19 16.89 7.80
C GLU J 28 18.02 16.18 8.46
N GLN J 29 16.79 16.55 8.09
CA GLN J 29 15.59 15.99 8.70
C GLN J 29 15.10 14.73 8.02
N GLU J 30 15.83 14.24 7.01
CA GLU J 30 15.49 12.99 6.31
C GLU J 30 14.06 13.02 5.77
N ILE J 31 13.75 14.11 5.07
CA ILE J 31 12.43 14.35 4.50
C ILE J 31 12.44 13.89 3.05
N ASP J 32 11.72 12.82 2.75
CA ASP J 32 11.54 12.37 1.38
C ASP J 32 10.23 12.94 0.84
N GLY J 33 9.82 12.49 -0.35
CA GLY J 33 8.61 13.02 -0.95
C GLY J 33 7.36 12.66 -0.16
N LYS J 34 7.32 11.45 0.40
CA LYS J 34 6.19 11.05 1.23
C LYS J 34 6.04 11.96 2.44
N SER J 35 7.14 12.21 3.15
CA SER J 35 7.09 13.10 4.31
C SER J 35 6.79 14.53 3.89
N LEU J 36 7.32 14.96 2.74
CA LEU J 36 7.05 16.30 2.23
C LEU J 36 5.55 16.55 2.14
N LEU J 37 4.82 15.58 1.60
CA LEU J 37 3.38 15.71 1.45
C LEU J 37 2.62 15.67 2.76
N LEU J 38 3.30 15.36 3.87
CA LEU J 38 2.67 15.37 5.19
C LEU J 38 2.96 16.64 5.97
N MET J 39 3.85 17.50 5.48
CA MET J 39 4.28 18.65 6.25
C MET J 39 3.17 19.69 6.36
N GLN J 40 3.11 20.35 7.51
CA GLN J 40 2.23 21.49 7.75
C GLN J 40 3.08 22.73 7.99
N ARG J 41 2.40 23.87 8.14
CA ARG J 41 3.10 25.16 8.18
C ARG J 41 4.17 25.20 9.26
N THR J 42 3.80 24.84 10.49
CA THR J 42 4.76 24.94 11.59
C THR J 42 5.91 23.95 11.45
N ASP J 43 5.73 22.86 10.70
CA ASP J 43 6.84 21.94 10.47
C ASP J 43 7.94 22.63 9.66
N VAL J 44 7.57 23.45 8.68
CA VAL J 44 8.55 24.15 7.86
C VAL J 44 9.16 25.32 8.63
N LEU J 45 8.32 26.09 9.33
CA LEU J 45 8.79 27.32 9.95
C LEU J 45 9.62 27.08 11.22
N THR J 46 9.36 25.98 11.93
CA THR J 46 10.05 25.72 13.19
C THR J 46 10.81 24.41 13.23
N GLY J 47 10.62 23.50 12.27
CA GLY J 47 11.21 22.19 12.33
C GLY J 47 12.42 21.94 11.44
N LEU J 48 12.85 22.92 10.65
CA LEU J 48 13.97 22.74 9.73
C LEU J 48 15.23 23.48 10.14
N SER J 49 15.15 24.36 11.14
CA SER J 49 16.28 25.19 11.56
C SER J 49 16.82 26.03 10.40
N ILE J 50 15.91 26.60 9.61
CA ILE J 50 16.26 27.55 8.56
C ILE J 50 15.64 28.90 8.91
N ARG J 51 16.11 29.94 8.21
CA ARG J 51 15.64 31.30 8.44
C ARG J 51 14.17 31.43 8.04
N LEU J 52 13.47 32.32 8.74
CA LEU J 52 12.02 32.42 8.61
C LEU J 52 11.60 32.88 7.22
N GLY J 53 12.31 33.87 6.66
CA GLY J 53 11.99 34.41 5.36
C GLY J 53 11.91 33.34 4.28
N PRO J 54 13.01 32.61 4.06
CA PRO J 54 12.95 31.49 3.10
C PRO J 54 11.94 30.42 3.49
N ALA J 55 11.80 30.14 4.79
CA ALA J 55 10.87 29.08 5.21
C ALA J 55 9.44 29.41 4.83
N LEU J 56 9.05 30.69 4.96
CA LEU J 56 7.70 31.10 4.59
C LEU J 56 7.44 30.89 3.11
N LYS J 57 8.43 31.20 2.26
CA LYS J 57 8.25 31.00 0.82
C LYS J 57 8.29 29.52 0.46
N ILE J 58 9.14 28.75 1.14
CA ILE J 58 9.23 27.32 0.88
C ILE J 58 7.88 26.65 1.13
N TYR J 59 7.24 26.99 2.25
CA TYR J 59 5.94 26.41 2.55
C TYR J 59 4.88 26.90 1.58
N GLU J 60 4.80 28.23 1.37
CA GLU J 60 3.69 28.81 0.63
C GLU J 60 3.75 28.41 -0.84
N HIS J 61 4.91 28.55 -1.47
CA HIS J 61 5.01 28.45 -2.92
C HIS J 61 5.54 27.10 -3.41
N HIS J 62 5.75 26.14 -2.51
CA HIS J 62 6.29 24.86 -2.96
C HIS J 62 5.65 23.68 -2.23
N ILE J 63 5.80 23.61 -0.91
CA ILE J 63 5.21 22.51 -0.17
C ILE J 63 3.69 22.54 -0.29
N LYS J 64 3.09 23.73 -0.19
CA LYS J 64 1.65 23.86 -0.37
C LYS J 64 1.22 23.42 -1.76
N VAL J 65 1.88 23.95 -2.80
CA VAL J 65 1.41 23.70 -4.16
C VAL J 65 1.71 22.27 -4.59
N LEU J 66 2.76 21.66 -4.03
CA LEU J 66 2.99 20.24 -4.29
C LEU J 66 1.88 19.40 -3.70
N GLN J 67 1.47 19.72 -2.47
CA GLN J 67 0.36 19.00 -1.84
C GLN J 67 -0.98 19.26 -2.54
N GLN J 68 -1.11 20.38 -3.26
CA GLN J 68 -2.34 20.71 -3.96
C GLN J 68 -2.32 20.30 -5.43
N GLY J 69 -1.20 19.79 -5.92
CA GLY J 69 -1.07 19.48 -7.33
C GLY J 69 -1.30 18.02 -7.67
N SER K 1 -15.57 55.47 28.95
CA SER K 1 -14.87 54.21 29.18
C SER K 1 -15.75 53.03 28.80
N PRO K 2 -15.27 52.21 27.86
CA PRO K 2 -16.14 51.18 27.27
C PRO K 2 -16.74 50.22 28.28
N VAL K 3 -16.00 49.83 29.32
CA VAL K 3 -16.49 48.82 30.26
C VAL K 3 -17.74 49.29 30.99
N GLU K 4 -18.04 50.59 30.95
CA GLU K 4 -19.23 51.14 31.59
C GLU K 4 -20.40 51.32 30.62
N TRP K 5 -20.19 51.06 29.32
CA TRP K 5 -21.24 51.30 28.34
C TRP K 5 -22.39 50.33 28.51
N THR K 6 -23.61 50.85 28.39
CA THR K 6 -24.79 49.99 28.31
C THR K 6 -24.92 49.48 26.87
N VAL K 7 -25.95 48.66 26.64
CA VAL K 7 -26.24 48.21 25.29
C VAL K 7 -26.52 49.40 24.38
N MET K 8 -27.29 50.37 24.87
CA MET K 8 -27.60 51.54 24.05
C MET K 8 -26.36 52.36 23.75
N ASP K 9 -25.42 52.46 24.69
CA ASP K 9 -24.16 53.12 24.41
C ASP K 9 -23.39 52.40 23.31
N VAL K 10 -23.42 51.06 23.31
CA VAL K 10 -22.78 50.30 22.25
C VAL K 10 -23.44 50.61 20.91
N VAL K 11 -24.78 50.63 20.90
CA VAL K 11 -25.50 50.97 19.67
C VAL K 11 -25.13 52.37 19.22
N GLU K 12 -25.01 53.30 20.16
CA GLU K 12 -24.62 54.67 19.82
C GLU K 12 -23.22 54.71 19.23
N TYR K 13 -22.28 53.95 19.80
CA TYR K 13 -20.91 53.94 19.30
C TYR K 13 -20.86 53.53 17.84
N PHE K 14 -21.52 52.41 17.50
CA PHE K 14 -21.41 51.91 16.13
C PHE K 14 -22.26 52.75 15.17
N THR K 15 -23.33 53.38 15.67
CA THR K 15 -24.05 54.35 14.86
C THR K 15 -23.12 55.50 14.46
N GLU K 16 -22.41 56.07 15.44
CA GLU K 16 -21.51 57.18 15.15
C GLU K 16 -20.29 56.73 14.36
N ALA K 17 -19.88 55.47 14.49
CA ALA K 17 -18.75 54.94 13.74
C ALA K 17 -19.09 54.62 12.29
N GLY K 18 -20.34 54.82 11.87
CA GLY K 18 -20.72 54.56 10.50
C GLY K 18 -21.29 53.19 10.24
N PHE K 19 -21.71 52.46 11.27
CA PHE K 19 -22.33 51.14 11.12
C PHE K 19 -23.70 51.10 11.80
N PRO K 20 -24.61 52.02 11.47
CA PRO K 20 -25.89 52.04 12.19
C PRO K 20 -26.78 50.84 11.89
N GLU K 21 -26.70 50.28 10.69
CA GLU K 21 -27.52 49.11 10.37
C GLU K 21 -27.04 47.88 11.14
N GLN K 22 -25.72 47.73 11.30
CA GLN K 22 -25.18 46.63 12.10
C GLN K 22 -25.31 46.89 13.60
N ALA K 23 -25.46 48.15 14.00
CA ALA K 23 -25.59 48.48 15.42
C ALA K 23 -26.81 47.80 16.06
N THR K 24 -27.87 47.58 15.28
CA THR K 24 -29.06 46.95 15.84
C THR K 24 -28.78 45.51 16.29
N ALA K 25 -27.82 44.84 15.65
CA ALA K 25 -27.48 43.48 16.05
C ALA K 25 -26.85 43.42 17.43
N PHE K 26 -26.08 44.45 17.80
CA PHE K 26 -25.56 44.51 19.16
C PHE K 26 -26.68 44.65 20.19
N GLN K 27 -27.76 45.34 19.82
CA GLN K 27 -28.93 45.40 20.68
C GLN K 27 -29.63 44.05 20.72
N GLU K 28 -29.77 43.40 19.56
CA GLU K 28 -30.39 42.08 19.52
C GLU K 28 -29.65 41.08 20.40
N GLN K 29 -28.32 41.11 20.35
CA GLN K 29 -27.50 40.20 21.15
C GLN K 29 -27.21 40.72 22.54
N GLU K 30 -27.75 41.89 22.92
CA GLU K 30 -27.65 42.43 24.26
C GLU K 30 -26.18 42.59 24.69
N ILE K 31 -25.39 43.21 23.83
CA ILE K 31 -23.97 43.40 24.06
C ILE K 31 -23.76 44.78 24.65
N ASP K 32 -23.36 44.82 25.92
CA ASP K 32 -22.97 46.07 26.55
C ASP K 32 -21.45 46.23 26.42
N GLY K 33 -20.89 47.27 27.04
CA GLY K 33 -19.46 47.50 26.95
C GLY K 33 -18.65 46.36 27.55
N LYS K 34 -19.10 45.81 28.68
CA LYS K 34 -18.42 44.68 29.28
C LYS K 34 -18.34 43.50 28.31
N SER K 35 -19.48 43.16 27.71
CA SER K 35 -19.50 42.06 26.74
C SER K 35 -18.68 42.38 25.50
N LEU K 36 -18.71 43.65 25.06
CA LEU K 36 -17.93 44.05 23.90
C LEU K 36 -16.46 43.75 24.09
N LEU K 37 -15.92 44.01 25.30
CA LEU K 37 -14.51 43.78 25.55
C LEU K 37 -14.17 42.29 25.66
N LEU K 38 -15.16 41.42 25.70
CA LEU K 38 -14.94 39.97 25.73
C LEU K 38 -15.07 39.32 24.35
N MET K 39 -15.48 40.08 23.33
CA MET K 39 -15.75 39.49 22.03
C MET K 39 -14.45 39.07 21.34
N GLN K 40 -14.50 37.92 20.68
CA GLN K 40 -13.43 37.44 19.82
C GLN K 40 -13.90 37.52 18.37
N ARG K 41 -12.99 37.18 17.45
CA ARG K 41 -13.27 37.39 16.02
C ARG K 41 -14.53 36.66 15.59
N THR K 42 -14.66 35.37 15.93
CA THR K 42 -15.81 34.60 15.47
C THR K 42 -17.12 35.09 16.09
N ASP K 43 -17.07 35.76 17.24
CA ASP K 43 -18.29 36.30 17.83
C ASP K 43 -18.88 37.41 16.97
N VAL K 44 -18.03 38.23 16.37
CA VAL K 44 -18.50 39.30 15.50
C VAL K 44 -18.92 38.76 14.15
N LEU K 45 -18.10 37.88 13.56
CA LEU K 45 -18.35 37.42 12.20
C LEU K 45 -19.48 36.40 12.13
N THR K 46 -19.75 35.67 13.20
CA THR K 46 -20.69 34.57 13.20
C THR K 46 -21.84 34.73 14.18
N GLY K 47 -21.63 35.41 15.30
CA GLY K 47 -22.63 35.49 16.34
C GLY K 47 -23.60 36.65 16.27
N LEU K 48 -23.47 37.55 15.30
CA LEU K 48 -24.32 38.73 15.22
C LEU K 48 -25.37 38.67 14.11
N SER K 49 -25.22 37.76 13.14
CA SER K 49 -26.11 37.68 11.99
C SER K 49 -26.12 38.98 11.20
N ILE K 50 -24.92 39.51 10.93
CA ILE K 50 -24.75 40.70 10.11
C ILE K 50 -23.94 40.31 8.86
N ARG K 51 -23.90 41.24 7.91
CA ARG K 51 -23.17 40.99 6.67
C ARG K 51 -21.66 40.93 6.96
N LEU K 52 -20.97 40.06 6.23
CA LEU K 52 -19.58 39.74 6.54
C LEU K 52 -18.66 40.94 6.31
N GLY K 53 -18.90 41.69 5.23
CA GLY K 53 -18.09 42.85 4.91
C GLY K 53 -17.99 43.84 6.05
N PRO K 54 -19.14 44.35 6.51
CA PRO K 54 -19.11 45.25 7.69
C PRO K 54 -18.60 44.56 8.95
N ALA K 55 -18.94 43.29 9.15
CA ALA K 55 -18.48 42.57 10.33
C ALA K 55 -16.95 42.56 10.41
N LEU K 56 -16.28 42.35 9.27
CA LEU K 56 -14.83 42.31 9.26
C LEU K 56 -14.23 43.64 9.70
N LYS K 57 -14.79 44.74 9.21
CA LYS K 57 -14.29 46.06 9.58
C LYS K 57 -14.68 46.41 11.02
N ILE K 58 -15.85 45.95 11.48
CA ILE K 58 -16.27 46.22 12.84
C ILE K 58 -15.29 45.57 13.82
N TYR K 59 -14.93 44.32 13.57
CA TYR K 59 -14.00 43.63 14.48
C TYR K 59 -12.61 44.25 14.40
N GLU K 60 -12.11 44.50 13.19
CA GLU K 60 -10.72 44.89 13.02
C GLU K 60 -10.46 46.30 13.53
N HIS K 61 -11.32 47.24 13.17
CA HIS K 61 -11.05 48.65 13.42
C HIS K 61 -11.83 49.22 14.59
N HIS K 62 -12.61 48.41 15.30
CA HIS K 62 -13.37 48.94 16.42
C HIS K 62 -13.34 48.02 17.62
N ILE K 63 -13.74 46.75 17.45
CA ILE K 63 -13.72 45.80 18.57
C ILE K 63 -12.29 45.64 19.08
N LYS K 64 -11.36 45.31 18.19
CA LYS K 64 -9.96 45.16 18.61
C LYS K 64 -9.39 46.48 19.11
N VAL K 65 -9.73 47.59 18.45
CA VAL K 65 -9.20 48.89 18.86
C VAL K 65 -9.65 49.22 20.27
N LEU K 66 -10.93 49.00 20.57
CA LEU K 66 -11.42 49.26 21.92
C LEU K 66 -10.78 48.33 22.94
N GLN K 67 -10.60 47.05 22.59
CA GLN K 67 -9.98 46.12 23.51
C GLN K 67 -8.51 46.42 23.76
N GLN K 68 -7.85 47.11 22.84
CA GLN K 68 -6.42 47.35 22.95
C GLN K 68 -6.09 48.69 23.61
N GLY K 69 -7.08 49.36 24.18
CA GLY K 69 -6.82 50.48 25.08
C GLY K 69 -7.15 51.86 24.56
N SER L 1 -14.56 -5.78 20.55
CA SER L 1 -13.62 -4.73 20.17
C SER L 1 -14.35 -3.55 19.53
N PRO L 2 -14.09 -2.34 20.03
CA PRO L 2 -14.85 -1.17 19.54
C PRO L 2 -14.73 -0.94 18.05
N VAL L 3 -13.54 -1.17 17.47
CA VAL L 3 -13.38 -0.98 16.04
C VAL L 3 -14.27 -1.93 15.24
N GLU L 4 -14.68 -3.05 15.83
CA GLU L 4 -15.57 -3.99 15.17
C GLU L 4 -17.05 -3.67 15.36
N TRP L 5 -17.38 -2.68 16.18
CA TRP L 5 -18.77 -2.41 16.52
C TRP L 5 -19.56 -1.93 15.31
N THR L 6 -20.76 -2.48 15.14
CA THR L 6 -21.70 -1.95 14.17
C THR L 6 -22.34 -0.69 14.72
N VAL L 7 -23.15 -0.04 13.88
CA VAL L 7 -23.90 1.13 14.33
C VAL L 7 -24.81 0.75 15.51
N MET L 8 -25.46 -0.40 15.41
CA MET L 8 -26.34 -0.84 16.49
C MET L 8 -25.57 -1.17 17.76
N ASP L 9 -24.33 -1.66 17.63
CA ASP L 9 -23.50 -1.87 18.82
C ASP L 9 -23.19 -0.54 19.51
N VAL L 10 -22.93 0.50 18.73
CA VAL L 10 -22.71 1.82 19.30
C VAL L 10 -23.97 2.31 20.01
N VAL L 11 -25.14 2.12 19.37
CA VAL L 11 -26.40 2.50 19.98
C VAL L 11 -26.61 1.75 21.29
N GLU L 12 -26.32 0.45 21.29
CA GLU L 12 -26.48 -0.35 22.50
C GLU L 12 -25.56 0.13 23.61
N TYR L 13 -24.32 0.50 23.28
CA TYR L 13 -23.37 0.92 24.31
C TYR L 13 -23.89 2.17 25.04
N PHE L 14 -24.35 3.17 24.29
CA PHE L 14 -24.73 4.42 24.92
C PHE L 14 -26.09 4.31 25.61
N THR L 15 -26.95 3.40 25.17
CA THR L 15 -28.16 3.10 25.91
C THR L 15 -27.84 2.46 27.26
N GLU L 16 -26.97 1.44 27.25
CA GLU L 16 -26.55 0.82 28.49
C GLU L 16 -25.72 1.76 29.34
N ALA L 17 -25.06 2.74 28.73
CA ALA L 17 -24.29 3.72 29.48
C ALA L 17 -25.16 4.77 30.16
N GLY L 18 -26.47 4.74 29.93
CA GLY L 18 -27.37 5.69 30.54
C GLY L 18 -27.76 6.87 29.67
N PHE L 19 -27.57 6.78 28.35
CA PHE L 19 -27.97 7.85 27.43
C PHE L 19 -28.89 7.30 26.35
N PRO L 20 -30.02 6.69 26.71
CA PRO L 20 -30.87 6.07 25.69
C PRO L 20 -31.41 7.06 24.67
N GLU L 21 -31.71 8.30 25.09
CA GLU L 21 -32.23 9.29 24.14
C GLU L 21 -31.15 9.76 23.17
N GLN L 22 -29.94 10.01 23.68
CA GLN L 22 -28.85 10.44 22.81
C GLN L 22 -28.34 9.31 21.92
N ALA L 23 -28.53 8.06 22.35
CA ALA L 23 -28.01 6.92 21.58
C ALA L 23 -28.62 6.86 20.19
N THR L 24 -29.85 7.35 20.01
CA THR L 24 -30.47 7.35 18.70
C THR L 24 -29.76 8.28 17.72
N ALA L 25 -29.08 9.32 18.21
CA ALA L 25 -28.33 10.20 17.32
C ALA L 25 -27.19 9.45 16.63
N PHE L 26 -26.56 8.52 17.33
CA PHE L 26 -25.53 7.69 16.69
C PHE L 26 -26.12 6.83 15.59
N GLN L 27 -27.40 6.45 15.71
CA GLN L 27 -28.08 5.78 14.61
C GLN L 27 -28.35 6.75 13.47
N GLU L 28 -28.82 7.96 13.79
CA GLU L 28 -29.15 8.94 12.77
C GLU L 28 -27.94 9.32 11.94
N GLN L 29 -26.76 9.38 12.56
CA GLN L 29 -25.53 9.72 11.85
C GLN L 29 -24.76 8.50 11.37
N GLU L 30 -25.30 7.31 11.59
CA GLU L 30 -24.69 6.05 11.14
C GLU L 30 -23.23 5.96 11.58
N ILE L 31 -23.04 6.08 12.89
CA ILE L 31 -21.71 6.04 13.50
C ILE L 31 -21.49 4.62 14.02
N ASP L 32 -20.66 3.86 13.33
CA ASP L 32 -20.25 2.55 13.81
C ASP L 32 -19.02 2.72 14.70
N GLY L 33 -18.38 1.61 15.07
CA GLY L 33 -17.23 1.69 15.94
C GLY L 33 -16.04 2.39 15.31
N LYS L 34 -15.78 2.10 14.02
CA LYS L 34 -14.69 2.77 13.33
C LYS L 34 -14.92 4.28 13.27
N SER L 35 -16.15 4.69 12.98
CA SER L 35 -16.44 6.13 12.98
C SER L 35 -16.33 6.71 14.39
N LEU L 36 -16.76 5.95 15.41
CA LEU L 36 -16.62 6.41 16.78
C LEU L 36 -15.17 6.74 17.11
N LEU L 37 -14.25 5.87 16.70
CA LEU L 37 -12.83 6.08 16.98
C LEU L 37 -12.23 7.26 16.22
N LEU L 38 -12.97 7.82 15.26
CA LEU L 38 -12.52 8.99 14.51
C LEU L 38 -13.12 10.30 15.02
N MET L 39 -14.02 10.24 16.00
CA MET L 39 -14.73 11.43 16.44
C MET L 39 -13.83 12.35 17.27
N GLN L 40 -14.02 13.65 17.10
CA GLN L 40 -13.40 14.67 17.93
C GLN L 40 -14.50 15.44 18.67
N ARG L 41 -14.06 16.33 19.57
CA ARG L 41 -14.98 16.93 20.52
C ARG L 41 -16.14 17.64 19.82
N THR L 42 -15.84 18.47 18.82
CA THR L 42 -16.90 19.20 18.15
C THR L 42 -17.88 18.28 17.44
N ASP L 43 -17.42 17.10 17.00
CA ASP L 43 -18.33 16.16 16.34
C ASP L 43 -19.45 15.71 17.28
N VAL L 44 -19.11 15.47 18.55
CA VAL L 44 -20.12 15.09 19.52
C VAL L 44 -20.93 16.30 19.96
N LEU L 45 -20.25 17.42 20.23
CA LEU L 45 -20.92 18.58 20.80
C LEU L 45 -21.85 19.26 19.81
N THR L 46 -21.49 19.27 18.52
CA THR L 46 -22.25 19.98 17.50
C THR L 46 -22.83 19.10 16.41
N GLY L 47 -22.18 17.97 16.09
CA GLY L 47 -22.59 17.19 14.94
C GLY L 47 -23.63 16.13 15.19
N LEU L 48 -24.07 15.94 16.44
CA LEU L 48 -25.04 14.90 16.76
C LEU L 48 -26.44 15.44 17.03
N SER L 49 -26.61 16.76 17.10
CA SER L 49 -27.90 17.38 17.39
C SER L 49 -28.49 16.85 18.70
N ILE L 50 -27.65 16.76 19.72
CA ILE L 50 -28.08 16.33 21.05
C ILE L 50 -27.83 17.46 22.03
N ARG L 51 -28.45 17.33 23.19
CA ARG L 51 -28.37 18.39 24.20
C ARG L 51 -26.97 18.46 24.79
N LEU L 52 -26.62 19.66 25.27
CA LEU L 52 -25.23 19.96 25.63
C LEU L 52 -24.78 19.17 26.84
N GLY L 53 -25.61 19.10 27.88
CA GLY L 53 -25.27 18.40 29.09
C GLY L 53 -24.85 16.97 28.88
N PRO L 54 -25.72 16.17 28.25
CA PRO L 54 -25.31 14.79 27.92
C PRO L 54 -24.14 14.71 26.96
N ALA L 55 -24.09 15.60 25.96
CA ALA L 55 -23.02 15.56 24.96
C ALA L 55 -21.65 15.72 25.62
N LEU L 56 -21.54 16.61 26.61
CA LEU L 56 -20.27 16.79 27.30
C LEU L 56 -19.83 15.50 28.00
N LYS L 57 -20.77 14.83 28.66
CA LYS L 57 -20.45 13.59 29.34
C LYS L 57 -20.18 12.46 28.35
N ILE L 58 -20.93 12.43 27.26
CA ILE L 58 -20.74 11.40 26.23
C ILE L 58 -19.32 11.48 25.66
N TYR L 59 -18.83 12.70 25.42
CA TYR L 59 -17.48 12.83 24.89
C TYR L 59 -16.43 12.54 25.96
N GLU L 60 -16.56 13.18 27.12
CA GLU L 60 -15.49 13.10 28.12
C GLU L 60 -15.37 11.71 28.70
N HIS L 61 -16.48 11.07 29.05
CA HIS L 61 -16.46 9.83 29.80
C HIS L 61 -16.69 8.59 28.95
N HIS L 62 -16.80 8.73 27.63
CA HIS L 62 -17.11 7.56 26.82
C HIS L 62 -16.38 7.57 25.49
N ILE L 63 -16.57 8.63 24.68
CA ILE L 63 -15.85 8.72 23.42
C ILE L 63 -14.34 8.75 23.68
N LYS L 64 -13.90 9.63 24.58
CA LYS L 64 -12.48 9.72 24.89
C LYS L 64 -11.98 8.44 25.55
N VAL L 65 -12.77 7.86 26.46
CA VAL L 65 -12.34 6.67 27.19
C VAL L 65 -12.15 5.50 26.23
N LEU L 66 -13.08 5.32 25.29
CA LEU L 66 -12.96 4.23 24.32
C LEU L 66 -11.78 4.45 23.39
N GLN L 67 -11.58 5.70 22.94
CA GLN L 67 -10.46 5.98 22.05
C GLN L 67 -9.12 5.75 22.72
N GLN L 68 -9.06 5.90 24.04
CA GLN L 68 -7.83 5.70 24.78
C GLN L 68 -7.64 4.28 25.30
N GLY L 69 -8.68 3.47 25.32
CA GLY L 69 -8.58 2.14 25.87
C GLY L 69 -8.14 1.07 24.89
N SER M 1 -3.66 48.85 -4.26
CA SER M 1 -4.88 49.23 -4.97
C SER M 1 -6.06 48.27 -4.75
N PRO M 2 -5.82 46.97 -4.51
CA PRO M 2 -6.92 46.11 -4.04
C PRO M 2 -7.67 46.70 -2.85
N VAL M 3 -6.95 47.35 -1.93
CA VAL M 3 -7.59 48.01 -0.79
C VAL M 3 -8.57 49.10 -1.23
N GLU M 4 -8.43 49.60 -2.46
CA GLU M 4 -9.30 50.64 -2.97
C GLU M 4 -10.52 50.11 -3.72
N TRP M 5 -10.62 48.80 -3.91
CA TRP M 5 -11.71 48.24 -4.69
C TRP M 5 -13.06 48.50 -4.04
N THR M 6 -14.05 48.83 -4.85
CA THR M 6 -15.42 48.94 -4.38
C THR M 6 -16.03 47.55 -4.26
N VAL M 7 -17.27 47.50 -3.75
CA VAL M 7 -17.98 46.22 -3.69
C VAL M 7 -18.12 45.63 -5.09
N MET M 8 -18.49 46.45 -6.06
CA MET M 8 -18.69 45.94 -7.41
C MET M 8 -17.37 45.67 -8.12
N ASP M 9 -16.29 46.36 -7.74
CA ASP M 9 -14.96 45.96 -8.21
C ASP M 9 -14.65 44.53 -7.79
N VAL M 10 -14.98 44.18 -6.55
CA VAL M 10 -14.78 42.82 -6.06
C VAL M 10 -15.67 41.85 -6.84
N VAL M 11 -16.94 42.20 -7.02
CA VAL M 11 -17.86 41.37 -7.80
C VAL M 11 -17.32 41.15 -9.20
N GLU M 12 -16.81 42.21 -9.83
CA GLU M 12 -16.29 42.09 -11.20
C GLU M 12 -15.04 41.22 -11.24
N TYR M 13 -14.20 41.30 -10.21
CA TYR M 13 -12.99 40.48 -10.20
C TYR M 13 -13.34 38.99 -10.24
N PHE M 14 -14.27 38.57 -9.38
CA PHE M 14 -14.60 37.15 -9.32
C PHE M 14 -15.45 36.70 -10.49
N THR M 15 -16.21 37.62 -11.08
CA THR M 15 -16.86 37.31 -12.36
C THR M 15 -15.82 37.07 -13.45
N GLU M 16 -14.83 37.97 -13.54
CA GLU M 16 -13.76 37.81 -14.53
C GLU M 16 -12.90 36.59 -14.24
N ALA M 17 -12.74 36.22 -12.96
CA ALA M 17 -11.95 35.05 -12.61
C ALA M 17 -12.66 33.74 -12.93
N GLY M 18 -13.92 33.78 -13.35
CA GLY M 18 -14.65 32.58 -13.67
C GLY M 18 -15.59 32.09 -12.60
N PHE M 19 -16.00 32.94 -11.66
CA PHE M 19 -16.98 32.58 -10.63
C PHE M 19 -18.15 33.56 -10.64
N PRO M 20 -18.88 33.65 -11.76
CA PRO M 20 -19.97 34.64 -11.82
C PRO M 20 -21.10 34.35 -10.84
N GLU M 21 -21.42 33.08 -10.58
CA GLU M 21 -22.48 32.76 -9.65
C GLU M 21 -22.09 33.10 -8.21
N GLN M 22 -20.84 32.83 -7.84
CA GLN M 22 -20.39 33.12 -6.49
C GLN M 22 -20.11 34.60 -6.26
N ALA M 23 -19.80 35.35 -7.34
CA ALA M 23 -19.42 36.74 -7.19
C ALA M 23 -20.55 37.57 -6.57
N THR M 24 -21.80 37.16 -6.76
CA THR M 24 -22.92 37.90 -6.17
C THR M 24 -22.92 37.85 -4.66
N ALA M 25 -22.31 36.82 -4.06
CA ALA M 25 -22.24 36.77 -2.60
C ALA M 25 -21.43 37.93 -2.05
N PHE M 26 -20.41 38.39 -2.79
CA PHE M 26 -19.61 39.51 -2.33
C PHE M 26 -20.42 40.80 -2.32
N GLN M 27 -21.34 40.95 -3.26
CA GLN M 27 -22.28 42.06 -3.17
C GLN M 27 -23.24 41.86 -1.99
N GLU M 28 -23.72 40.63 -1.80
CA GLU M 28 -24.65 40.33 -0.72
C GLU M 28 -24.04 40.64 0.64
N GLN M 29 -22.78 40.30 0.84
CA GLN M 29 -22.11 40.54 2.11
C GLN M 29 -21.44 41.91 2.18
N GLU M 30 -21.62 42.74 1.14
CA GLU M 30 -21.04 44.08 1.07
C GLU M 30 -19.54 44.04 1.36
N ILE M 31 -18.83 43.23 0.58
CA ILE M 31 -17.39 43.05 0.72
C ILE M 31 -16.70 43.90 -0.33
N ASP M 32 -16.03 44.96 0.11
CA ASP M 32 -15.20 45.76 -0.77
C ASP M 32 -13.76 45.26 -0.67
N GLY M 33 -12.82 46.01 -1.24
CA GLY M 33 -11.43 45.58 -1.21
C GLY M 33 -10.84 45.53 0.19
N LYS M 34 -11.17 46.51 1.02
CA LYS M 34 -10.65 46.52 2.38
C LYS M 34 -11.14 45.33 3.18
N SER M 35 -12.44 45.00 3.06
CA SER M 35 -12.96 43.80 3.69
C SER M 35 -12.35 42.55 3.07
N LEU M 36 -12.12 42.57 1.76
CA LEU M 36 -11.49 41.45 1.06
C LEU M 36 -10.17 41.06 1.72
N LEU M 37 -9.33 42.06 1.99
CA LEU M 37 -8.01 41.82 2.57
C LEU M 37 -8.06 41.44 4.04
N LEU M 38 -9.24 41.45 4.67
CA LEU M 38 -9.41 41.03 6.05
C LEU M 38 -9.92 39.60 6.17
N MET M 39 -10.31 38.98 5.07
CA MET M 39 -10.98 37.68 5.13
C MET M 39 -9.99 36.58 5.44
N GLN M 40 -10.48 35.58 6.19
CA GLN M 40 -9.74 34.35 6.44
C GLN M 40 -10.51 33.18 5.83
N ARG M 41 -9.88 32.01 5.84
CA ARG M 41 -10.39 30.86 5.11
C ARG M 41 -11.84 30.56 5.47
N THR M 42 -12.16 30.56 6.77
CA THR M 42 -13.51 30.17 7.20
C THR M 42 -14.55 31.20 6.76
N ASP M 43 -14.17 32.47 6.60
CA ASP M 43 -15.13 33.46 6.14
C ASP M 43 -15.60 33.16 4.72
N VAL M 44 -14.70 32.70 3.87
CA VAL M 44 -15.05 32.37 2.49
C VAL M 44 -15.86 31.07 2.45
N LEU M 45 -15.52 30.11 3.32
CA LEU M 45 -16.08 28.77 3.22
C LEU M 45 -17.46 28.68 3.87
N THR M 46 -17.68 29.39 4.98
CA THR M 46 -18.93 29.30 5.72
C THR M 46 -19.70 30.60 5.82
N GLY M 47 -19.11 31.73 5.42
CA GLY M 47 -19.76 33.01 5.61
C GLY M 47 -20.31 33.67 4.37
N LEU M 48 -20.24 32.97 3.23
CA LEU M 48 -20.69 33.53 1.96
C LEU M 48 -21.92 32.84 1.39
N SER M 49 -22.33 31.70 1.95
CA SER M 49 -23.46 30.91 1.43
C SER M 49 -23.24 30.50 -0.02
N ILE M 50 -22.02 30.10 -0.35
CA ILE M 50 -21.69 29.62 -1.69
C ILE M 50 -21.31 28.15 -1.61
N ARG M 51 -21.28 27.51 -2.78
CA ARG M 51 -20.90 26.10 -2.84
C ARG M 51 -19.45 25.91 -2.43
N LEU M 52 -19.18 24.76 -1.80
CA LEU M 52 -17.89 24.54 -1.16
C LEU M 52 -16.75 24.44 -2.18
N GLY M 53 -16.99 23.74 -3.29
CA GLY M 53 -15.99 23.57 -4.32
C GLY M 53 -15.44 24.89 -4.82
N PRO M 54 -16.31 25.77 -5.33
CA PRO M 54 -15.84 27.10 -5.75
C PRO M 54 -15.24 27.91 -4.61
N ALA M 55 -15.82 27.82 -3.41
CA ALA M 55 -15.30 28.57 -2.28
C ALA M 55 -13.84 28.23 -2.00
N LEU M 56 -13.50 26.93 -2.06
CA LEU M 56 -12.13 26.50 -1.80
C LEU M 56 -11.17 27.12 -2.81
N LYS M 57 -11.55 27.14 -4.08
CA LYS M 57 -10.71 27.78 -5.10
C LYS M 57 -10.71 29.29 -4.94
N ILE M 58 -11.87 29.87 -4.62
CA ILE M 58 -11.97 31.31 -4.47
C ILE M 58 -11.04 31.82 -3.39
N TYR M 59 -10.89 31.06 -2.31
CA TYR M 59 -9.99 31.46 -1.24
C TYR M 59 -8.53 31.17 -1.59
N GLU M 60 -8.24 29.96 -2.06
CA GLU M 60 -6.85 29.53 -2.22
C GLU M 60 -6.17 30.25 -3.37
N HIS M 61 -6.87 30.44 -4.48
CA HIS M 61 -6.26 30.96 -5.70
C HIS M 61 -6.57 32.43 -5.97
N HIS M 62 -7.29 33.10 -5.07
CA HIS M 62 -7.65 34.48 -5.36
C HIS M 62 -7.54 35.37 -4.13
N ILE M 63 -8.33 35.09 -3.09
CA ILE M 63 -8.28 35.93 -1.90
C ILE M 63 -6.91 35.85 -1.24
N LYS M 64 -6.41 34.63 -1.04
CA LYS M 64 -5.07 34.47 -0.48
C LYS M 64 -4.02 35.12 -1.37
N VAL M 65 -4.13 34.92 -2.69
CA VAL M 65 -3.15 35.48 -3.61
C VAL M 65 -3.21 37.01 -3.58
N LEU M 66 -4.41 37.59 -3.53
CA LEU M 66 -4.54 39.04 -3.46
C LEU M 66 -3.97 39.57 -2.15
N GLN M 67 -4.17 38.84 -1.05
CA GLN M 67 -3.67 39.28 0.25
C GLN M 67 -2.15 39.20 0.35
N GLN M 68 -1.52 38.32 -0.43
CA GLN M 68 -0.09 38.10 -0.35
C GLN M 68 0.71 38.88 -1.38
N GLY M 69 0.06 39.74 -2.16
CA GLY M 69 0.77 40.54 -3.14
C GLY M 69 -0.11 41.18 -4.19
N SER N 1 -4.23 11.42 -12.34
CA SER N 1 -4.02 11.95 -11.00
C SER N 1 -5.27 12.70 -10.51
N PRO N 2 -5.48 12.73 -9.19
CA PRO N 2 -6.71 13.34 -8.66
C PRO N 2 -6.89 14.81 -9.03
N VAL N 3 -5.79 15.56 -9.22
CA VAL N 3 -5.90 16.99 -9.48
C VAL N 3 -6.68 17.28 -10.76
N GLU N 4 -6.70 16.33 -11.69
CA GLU N 4 -7.38 16.51 -12.96
C GLU N 4 -8.82 16.01 -12.94
N TRP N 5 -9.27 15.44 -11.84
CA TRP N 5 -10.63 14.91 -11.77
C TRP N 5 -11.65 16.03 -11.92
N THR N 6 -12.72 15.75 -12.66
CA THR N 6 -13.84 16.64 -12.77
C THR N 6 -14.81 16.37 -11.63
N VAL N 7 -15.89 17.17 -11.56
CA VAL N 7 -16.92 16.93 -10.56
C VAL N 7 -17.50 15.53 -10.73
N MET N 8 -17.78 15.14 -11.98
CA MET N 8 -18.32 13.82 -12.25
C MET N 8 -17.33 12.72 -11.87
N ASP N 9 -16.02 12.99 -12.00
CA ASP N 9 -15.02 11.99 -11.61
C ASP N 9 -15.00 11.80 -10.09
N VAL N 10 -15.16 12.88 -9.34
CA VAL N 10 -15.21 12.77 -7.88
C VAL N 10 -16.42 11.98 -7.45
N VAL N 11 -17.57 12.24 -8.06
CA VAL N 11 -18.80 11.52 -7.72
C VAL N 11 -18.63 10.03 -7.97
N GLU N 12 -18.06 9.66 -9.12
CA GLU N 12 -17.87 8.25 -9.43
C GLU N 12 -16.85 7.59 -8.51
N TYR N 13 -15.87 8.36 -8.03
CA TYR N 13 -14.90 7.79 -7.08
C TYR N 13 -15.59 7.38 -5.79
N PHE N 14 -16.37 8.28 -5.20
CA PHE N 14 -17.00 7.99 -3.92
C PHE N 14 -18.17 7.02 -4.07
N THR N 15 -18.82 7.00 -5.24
CA THR N 15 -19.84 6.01 -5.50
C THR N 15 -19.24 4.60 -5.51
N GLU N 16 -18.13 4.44 -6.25
CA GLU N 16 -17.46 3.16 -6.34
C GLU N 16 -16.67 2.81 -5.08
N ALA N 17 -16.50 3.74 -4.16
CA ALA N 17 -15.82 3.48 -2.90
C ALA N 17 -16.79 3.08 -1.79
N GLY N 18 -18.09 3.00 -2.09
CA GLY N 18 -19.08 2.59 -1.11
C GLY N 18 -19.90 3.71 -0.51
N PHE N 19 -19.82 4.93 -1.04
CA PHE N 19 -20.57 6.08 -0.52
C PHE N 19 -21.41 6.70 -1.62
N PRO N 20 -22.39 5.97 -2.17
CA PRO N 20 -23.19 6.56 -3.26
C PRO N 20 -24.09 7.70 -2.80
N GLU N 21 -24.64 7.60 -1.59
CA GLU N 21 -25.54 8.64 -1.10
C GLU N 21 -24.77 9.93 -0.82
N GLN N 22 -23.55 9.82 -0.28
CA GLN N 22 -22.75 11.00 -0.01
C GLN N 22 -22.10 11.57 -1.26
N ALA N 23 -21.94 10.75 -2.31
CA ALA N 23 -21.30 11.22 -3.53
C ALA N 23 -22.07 12.36 -4.16
N THR N 24 -23.40 12.38 -4.02
CA THR N 24 -24.20 13.45 -4.60
C THR N 24 -23.90 14.80 -3.94
N ALA N 25 -23.43 14.79 -2.69
CA ALA N 25 -23.08 16.04 -2.03
C ALA N 25 -21.87 16.68 -2.70
N PHE N 26 -20.91 15.86 -3.15
CA PHE N 26 -19.80 16.39 -3.92
C PHE N 26 -20.28 17.01 -5.23
N GLN N 27 -21.32 16.43 -5.83
CA GLN N 27 -21.94 17.06 -6.99
C GLN N 27 -22.67 18.34 -6.60
N GLU N 28 -23.43 18.30 -5.51
CA GLU N 28 -24.16 19.47 -5.04
C GLU N 28 -23.22 20.64 -4.77
N GLN N 29 -22.06 20.37 -4.17
CA GLN N 29 -21.10 21.41 -3.84
C GLN N 29 -20.08 21.66 -4.94
N GLU N 30 -20.22 20.97 -6.08
CA GLU N 30 -19.33 21.15 -7.23
C GLU N 30 -17.85 20.98 -6.83
N ILE N 31 -17.56 19.84 -6.22
CA ILE N 31 -16.21 19.50 -5.77
C ILE N 31 -15.54 18.70 -6.89
N ASP N 32 -14.55 19.29 -7.54
CA ASP N 32 -13.73 18.56 -8.49
C ASP N 32 -12.44 18.12 -7.80
N GLY N 33 -11.52 17.56 -8.58
CA GLY N 33 -10.28 17.07 -8.00
C GLY N 33 -9.45 18.17 -7.37
N LYS N 34 -9.36 19.31 -8.03
CA LYS N 34 -8.61 20.44 -7.48
C LYS N 34 -9.21 20.88 -6.14
N SER N 35 -10.53 21.02 -6.08
CA SER N 35 -11.18 21.37 -4.82
C SER N 35 -10.99 20.27 -3.79
N LEU N 36 -11.06 19.01 -4.21
CA LEU N 36 -10.89 17.89 -3.29
C LEU N 36 -9.55 17.96 -2.57
N LEU N 37 -8.47 18.27 -3.30
CA LEU N 37 -7.16 18.36 -2.68
C LEU N 37 -7.00 19.60 -1.82
N LEU N 38 -7.98 20.52 -1.84
CA LEU N 38 -7.98 21.68 -0.97
C LEU N 38 -8.80 21.49 0.29
N MET N 39 -9.49 20.35 0.42
CA MET N 39 -10.43 20.15 1.51
C MET N 39 -9.71 19.87 2.83
N GLN N 40 -10.25 20.45 3.91
CA GLN N 40 -9.81 20.17 5.26
C GLN N 40 -10.92 19.45 6.01
N ARG N 41 -10.62 19.05 7.25
CA ARG N 41 -11.51 18.15 7.99
C ARG N 41 -12.90 18.74 8.15
N THR N 42 -12.98 20.00 8.57
CA THR N 42 -14.29 20.61 8.82
C THR N 42 -15.09 20.82 7.52
N ASP N 43 -14.42 20.91 6.37
CA ASP N 43 -15.13 21.02 5.11
C ASP N 43 -15.94 19.76 4.83
N VAL N 44 -15.42 18.60 5.22
CA VAL N 44 -16.12 17.34 4.98
C VAL N 44 -17.21 17.14 6.01
N LEU N 45 -16.89 17.37 7.28
CA LEU N 45 -17.82 17.01 8.36
C LEU N 45 -18.99 17.99 8.45
N THR N 46 -18.80 19.25 8.05
CA THR N 46 -19.84 20.26 8.16
C THR N 46 -20.23 20.91 6.86
N GLY N 47 -19.37 20.90 5.84
CA GLY N 47 -19.66 21.63 4.62
C GLY N 47 -20.42 20.87 3.56
N LEU N 48 -20.60 19.56 3.70
CA LEU N 48 -21.27 18.76 2.69
C LEU N 48 -22.71 18.40 3.06
N SER N 49 -23.12 18.66 4.31
CA SER N 49 -24.45 18.29 4.80
C SER N 49 -24.68 16.79 4.65
N ILE N 50 -23.70 16.00 5.09
CA ILE N 50 -23.80 14.55 5.05
C ILE N 50 -23.75 14.00 6.47
N ARG N 51 -24.14 12.74 6.60
CA ARG N 51 -24.17 12.09 7.89
C ARG N 51 -22.75 11.96 8.46
N LEU N 52 -22.65 12.09 9.78
CA LEU N 52 -21.35 12.20 10.43
C LEU N 52 -20.53 10.92 10.28
N GLY N 53 -21.16 9.76 10.44
CA GLY N 53 -20.49 8.48 10.31
C GLY N 53 -19.74 8.33 9.01
N PRO N 54 -20.46 8.38 7.88
CA PRO N 54 -19.77 8.33 6.58
C PRO N 54 -18.82 9.49 6.35
N ALA N 55 -19.13 10.69 6.85
CA ALA N 55 -18.25 11.84 6.66
C ALA N 55 -16.87 11.57 7.25
N LEU N 56 -16.82 11.01 8.46
CA LEU N 56 -15.54 10.76 9.12
C LEU N 56 -14.69 9.79 8.31
N LYS N 57 -15.31 8.75 7.76
CA LYS N 57 -14.58 7.79 6.93
C LYS N 57 -14.15 8.40 5.62
N ILE N 58 -15.03 9.21 5.01
CA ILE N 58 -14.72 9.84 3.73
C ILE N 58 -13.48 10.71 3.86
N TYR N 59 -13.39 11.48 4.94
CA TYR N 59 -12.21 12.33 5.13
C TYR N 59 -10.99 11.50 5.50
N GLU N 60 -11.13 10.57 6.45
CA GLU N 60 -9.97 9.89 6.99
C GLU N 60 -9.34 8.93 5.98
N HIS N 61 -10.17 8.17 5.26
CA HIS N 61 -9.68 7.07 4.45
C HIS N 61 -9.72 7.35 2.95
N HIS N 62 -10.17 8.53 2.54
CA HIS N 62 -10.20 8.81 1.10
C HIS N 62 -9.63 10.17 0.77
N ILE N 63 -10.22 11.23 1.32
CA ILE N 63 -9.73 12.57 1.01
C ILE N 63 -8.33 12.78 1.56
N LYS N 64 -8.07 12.28 2.76
CA LYS N 64 -6.73 12.41 3.34
C LYS N 64 -5.71 11.58 2.56
N VAL N 65 -6.09 10.37 2.12
CA VAL N 65 -5.11 9.53 1.45
C VAL N 65 -4.85 10.02 0.02
N LEU N 66 -5.87 10.57 -0.64
CA LEU N 66 -5.63 11.15 -1.97
C LEU N 66 -4.72 12.37 -1.87
N GLN N 67 -4.89 13.17 -0.82
CA GLN N 67 -4.05 14.36 -0.65
C GLN N 67 -2.61 14.00 -0.36
N GLN N 68 -2.36 12.82 0.22
CA GLN N 68 -1.03 12.44 0.66
C GLN N 68 -0.25 11.64 -0.39
N GLY N 69 -0.80 11.48 -1.59
CA GLY N 69 -0.04 10.96 -2.70
C GLY N 69 -0.19 9.48 -2.98
N SER O 1 -19.74 21.65 46.66
CA SER O 1 -18.92 22.01 45.51
C SER O 1 -19.73 21.83 44.22
N PRO O 2 -19.40 22.61 43.19
CA PRO O 2 -20.18 22.56 41.94
C PRO O 2 -20.33 21.18 41.34
N VAL O 3 -19.36 20.28 41.51
CA VAL O 3 -19.45 18.96 40.90
C VAL O 3 -20.68 18.20 41.37
N GLU O 4 -21.22 18.52 42.54
CA GLU O 4 -22.39 17.87 43.08
C GLU O 4 -23.69 18.59 42.73
N TRP O 5 -23.62 19.71 42.02
CA TRP O 5 -24.81 20.47 41.70
C TRP O 5 -25.72 19.69 40.75
N THR O 6 -27.02 19.75 41.01
CA THR O 6 -28.00 19.22 40.08
C THR O 6 -28.24 20.24 38.96
N VAL O 7 -29.09 19.86 37.99
CA VAL O 7 -29.49 20.82 36.95
C VAL O 7 -30.20 22.00 37.58
N MET O 8 -31.03 21.74 38.59
CA MET O 8 -31.75 22.83 39.26
C MET O 8 -30.80 23.70 40.07
N ASP O 9 -29.77 23.11 40.68
CA ASP O 9 -28.75 23.91 41.36
C ASP O 9 -28.08 24.89 40.40
N VAL O 10 -27.80 24.44 39.18
CA VAL O 10 -27.20 25.31 38.18
C VAL O 10 -28.15 26.43 37.80
N VAL O 11 -29.43 26.10 37.58
CA VAL O 11 -30.42 27.13 37.27
C VAL O 11 -30.50 28.14 38.41
N GLU O 12 -30.55 27.64 39.65
CA GLU O 12 -30.61 28.54 40.80
C GLU O 12 -29.36 29.42 40.87
N TYR O 13 -28.19 28.85 40.56
CA TYR O 13 -26.95 29.63 40.62
C TYR O 13 -27.00 30.81 39.65
N PHE O 14 -27.43 30.58 38.41
CA PHE O 14 -27.39 31.64 37.42
C PHE O 14 -28.51 32.64 37.60
N THR O 15 -29.66 32.20 38.15
CA THR O 15 -30.70 33.16 38.54
C THR O 15 -30.16 34.12 39.59
N GLU O 16 -29.55 33.59 40.65
CA GLU O 16 -29.02 34.43 41.71
C GLU O 16 -27.82 35.25 41.25
N ALA O 17 -27.08 34.77 40.24
CA ALA O 17 -25.93 35.51 39.73
C ALA O 17 -26.32 36.70 38.87
N GLY O 18 -27.60 36.84 38.55
CA GLY O 18 -28.04 37.94 37.71
C GLY O 18 -28.35 37.59 36.27
N PHE O 19 -28.59 36.31 35.95
CA PHE O 19 -28.92 35.89 34.59
C PHE O 19 -30.21 35.07 34.59
N PRO O 20 -31.31 35.62 35.11
CA PRO O 20 -32.55 34.83 35.19
C PRO O 20 -33.13 34.49 33.82
N GLU O 21 -32.95 35.36 32.83
CA GLU O 21 -33.43 35.07 31.48
C GLU O 21 -32.66 33.92 30.84
N GLN O 22 -31.40 33.73 31.23
CA GLN O 22 -30.55 32.69 30.66
C GLN O 22 -30.51 31.42 31.50
N ALA O 23 -30.97 31.48 32.75
CA ALA O 23 -30.82 30.34 33.66
C ALA O 23 -31.48 29.09 33.10
N THR O 24 -32.67 29.23 32.49
CA THR O 24 -33.39 28.06 32.02
C THR O 24 -32.79 27.45 30.76
N ALA O 25 -31.81 28.10 30.13
CA ALA O 25 -31.09 27.45 29.05
C ALA O 25 -30.26 26.29 29.56
N PHE O 26 -29.68 26.44 30.76
CA PHE O 26 -28.98 25.33 31.38
C PHE O 26 -29.95 24.19 31.70
N GLN O 27 -31.17 24.54 32.12
CA GLN O 27 -32.21 23.54 32.33
C GLN O 27 -32.54 22.83 31.04
N GLU O 28 -32.81 23.59 29.97
CA GLU O 28 -33.20 22.98 28.71
C GLU O 28 -32.11 22.09 28.15
N GLN O 29 -30.85 22.42 28.41
CA GLN O 29 -29.72 21.62 27.92
C GLN O 29 -29.28 20.55 28.91
N GLU O 30 -29.97 20.40 30.03
CA GLU O 30 -29.67 19.37 31.03
C GLU O 30 -28.22 19.46 31.51
N ILE O 31 -27.82 20.64 31.92
CA ILE O 31 -26.46 20.90 32.39
C ILE O 31 -26.48 20.92 33.91
N ASP O 32 -25.89 19.90 34.52
CA ASP O 32 -25.66 19.88 35.95
C ASP O 32 -24.25 20.41 36.24
N GLY O 33 -23.84 20.35 37.51
CA GLY O 33 -22.53 20.87 37.87
C GLY O 33 -21.40 20.08 37.24
N LYS O 34 -21.57 18.76 37.08
CA LYS O 34 -20.57 17.96 36.41
C LYS O 34 -20.39 18.40 34.97
N SER O 35 -21.49 18.60 34.24
CA SER O 35 -21.40 19.08 32.86
C SER O 35 -20.88 20.51 32.83
N LEU O 36 -21.26 21.33 33.81
CA LEU O 36 -20.78 22.70 33.90
C LEU O 36 -19.26 22.75 33.93
N LEU O 37 -18.63 21.84 34.66
CA LEU O 37 -17.18 21.80 34.78
C LEU O 37 -16.49 21.26 33.54
N LEU O 38 -17.25 20.81 32.53
CA LEU O 38 -16.68 20.35 31.28
C LEU O 38 -16.83 21.36 30.14
N MET O 39 -17.59 22.43 30.34
CA MET O 39 -17.91 23.34 29.27
C MET O 39 -16.71 24.16 28.84
N GLN O 40 -16.65 24.47 27.55
CA GLN O 40 -15.67 25.36 26.97
C GLN O 40 -16.38 26.56 26.35
N ARG O 41 -15.59 27.52 25.86
CA ARG O 41 -16.13 28.81 25.46
C ARG O 41 -17.21 28.66 24.39
N THR O 42 -16.92 27.89 23.34
CA THR O 42 -17.90 27.74 22.26
C THR O 42 -19.17 27.03 22.71
N ASP O 43 -19.09 26.21 23.78
CA ASP O 43 -20.29 25.58 24.29
C ASP O 43 -21.27 26.62 24.84
N VAL O 44 -20.75 27.62 25.54
CA VAL O 44 -21.62 28.65 26.12
C VAL O 44 -22.16 29.58 25.03
N LEU O 45 -21.30 29.96 24.08
CA LEU O 45 -21.68 31.00 23.13
C LEU O 45 -22.55 30.48 22.00
N THR O 46 -22.44 29.20 21.64
CA THR O 46 -23.18 28.65 20.51
C THR O 46 -24.04 27.45 20.85
N GLY O 47 -23.96 26.92 22.07
CA GLY O 47 -24.67 25.69 22.39
C GLY O 47 -25.86 25.84 23.32
N LEU O 48 -26.02 27.03 23.91
CA LEU O 48 -27.10 27.27 24.87
C LEU O 48 -28.30 27.97 24.27
N SER O 49 -28.18 28.51 23.05
CA SER O 49 -29.26 29.26 22.40
C SER O 49 -29.65 30.49 23.21
N ILE O 50 -28.66 31.16 23.79
CA ILE O 50 -28.86 32.43 24.49
C ILE O 50 -28.17 33.53 23.71
N ARG O 51 -28.46 34.77 24.10
CA ARG O 51 -27.87 35.92 23.44
C ARG O 51 -26.37 36.02 23.74
N LEU O 52 -25.63 36.57 22.79
CA LEU O 52 -24.17 36.56 22.86
C LEU O 52 -23.65 37.39 24.02
N GLY O 53 -24.26 38.55 24.28
CA GLY O 53 -23.83 39.42 25.34
C GLY O 53 -23.80 38.72 26.70
N PRO O 54 -24.97 38.26 27.16
CA PRO O 54 -24.99 37.48 28.40
C PRO O 54 -24.12 36.24 28.36
N ALA O 55 -24.05 35.54 27.24
CA ALA O 55 -23.26 34.32 27.15
C ALA O 55 -21.78 34.60 27.40
N LEU O 56 -21.28 35.73 26.90
CA LEU O 56 -19.87 36.08 27.12
C LEU O 56 -19.58 36.32 28.60
N LYS O 57 -20.50 36.98 29.30
CA LYS O 57 -20.31 37.22 30.73
C LYS O 57 -20.49 35.93 31.53
N ILE O 58 -21.45 35.09 31.13
CA ILE O 58 -21.68 33.84 31.82
C ILE O 58 -20.44 32.95 31.76
N TYR O 59 -19.78 32.89 30.60
CA TYR O 59 -18.59 32.06 30.49
C TYR O 59 -17.42 32.66 31.25
N GLU O 60 -17.15 33.95 31.04
CA GLU O 60 -15.93 34.55 31.56
C GLU O 60 -15.97 34.72 33.07
N HIS O 61 -17.09 35.18 33.61
CA HIS O 61 -17.17 35.57 35.01
C HIS O 61 -17.84 34.52 35.88
N HIS O 62 -18.23 33.39 35.32
CA HIS O 62 -18.92 32.39 36.14
C HIS O 62 -18.43 30.97 35.85
N ILE O 63 -18.58 30.52 34.61
CA ILE O 63 -18.15 29.17 34.27
C ILE O 63 -16.64 29.02 34.43
N LYS O 64 -15.88 29.98 33.89
CA LYS O 64 -14.44 29.99 34.09
C LYS O 64 -14.09 30.03 35.58
N VAL O 65 -14.79 30.88 36.34
CA VAL O 65 -14.48 31.05 37.76
C VAL O 65 -14.78 29.76 38.52
N LEU O 66 -15.93 29.15 38.26
CA LEU O 66 -16.28 27.91 38.93
C LEU O 66 -15.29 26.80 38.59
N GLN O 67 -14.86 26.72 37.33
CA GLN O 67 -13.94 25.68 36.92
C GLN O 67 -12.56 25.83 37.55
N GLN O 68 -12.19 27.04 37.96
CA GLN O 68 -10.88 27.29 38.52
C GLN O 68 -10.84 27.11 40.04
N GLY O 69 -11.91 26.58 40.63
CA GLY O 69 -11.90 26.18 42.02
C GLY O 69 -11.92 27.31 43.04
N SER P 1 -20.71 -34.21 -34.01
CA SER P 1 -19.87 -33.39 -33.13
C SER P 1 -19.01 -34.27 -32.23
N PRO P 2 -17.74 -33.92 -32.07
CA PRO P 2 -16.80 -34.83 -31.39
C PRO P 2 -17.20 -35.21 -29.98
N VAL P 3 -17.80 -34.30 -29.21
CA VAL P 3 -18.14 -34.60 -27.82
C VAL P 3 -19.10 -35.78 -27.71
N GLU P 4 -19.87 -36.06 -28.76
CA GLU P 4 -20.80 -37.18 -28.78
C GLU P 4 -20.19 -38.46 -29.31
N TRP P 5 -18.95 -38.41 -29.78
CA TRP P 5 -18.35 -39.58 -30.43
C TRP P 5 -18.18 -40.73 -29.44
N THR P 6 -18.55 -41.92 -29.89
CA THR P 6 -18.27 -43.13 -29.14
C THR P 6 -16.82 -43.55 -29.37
N VAL P 7 -16.38 -44.59 -28.66
CA VAL P 7 -15.05 -45.14 -28.91
C VAL P 7 -14.96 -45.61 -30.36
N MET P 8 -16.03 -46.22 -30.88
CA MET P 8 -16.05 -46.65 -32.27
C MET P 8 -15.94 -45.46 -33.22
N ASP P 9 -16.60 -44.35 -32.88
CA ASP P 9 -16.49 -43.14 -33.71
C ASP P 9 -15.05 -42.64 -33.78
N VAL P 10 -14.36 -42.65 -32.64
CA VAL P 10 -12.96 -42.19 -32.63
C VAL P 10 -12.10 -43.11 -33.47
N VAL P 11 -12.28 -44.42 -33.34
CA VAL P 11 -11.52 -45.37 -34.14
C VAL P 11 -11.76 -45.13 -35.62
N GLU P 12 -13.02 -44.90 -36.01
CA GLU P 12 -13.32 -44.64 -37.41
C GLU P 12 -12.68 -43.35 -37.90
N TYR P 13 -12.67 -42.31 -37.05
CA TYR P 13 -12.10 -41.03 -37.47
C TYR P 13 -10.62 -41.21 -37.81
N PHE P 14 -9.85 -41.82 -36.91
CA PHE P 14 -8.42 -41.96 -37.15
C PHE P 14 -8.11 -42.99 -38.22
N THR P 15 -9.00 -43.95 -38.45
CA THR P 15 -8.86 -44.85 -39.59
C THR P 15 -9.04 -44.08 -40.89
N GLU P 16 -10.13 -43.31 -40.99
CA GLU P 16 -10.37 -42.50 -42.18
C GLU P 16 -9.24 -41.49 -42.38
N ALA P 17 -8.69 -40.96 -41.28
CA ALA P 17 -7.66 -39.93 -41.35
C ALA P 17 -6.31 -40.45 -41.80
N GLY P 18 -6.18 -41.76 -42.05
CA GLY P 18 -4.91 -42.32 -42.48
C GLY P 18 -4.07 -42.91 -41.36
N PHE P 19 -4.66 -43.20 -40.21
CA PHE P 19 -3.95 -43.80 -39.08
C PHE P 19 -4.66 -45.08 -38.64
N PRO P 20 -4.80 -46.07 -39.52
CA PRO P 20 -5.55 -47.29 -39.12
C PRO P 20 -4.82 -48.13 -38.09
N GLU P 21 -3.49 -48.17 -38.11
CA GLU P 21 -2.75 -48.93 -37.10
C GLU P 21 -2.86 -48.27 -35.74
N GLN P 22 -2.74 -46.95 -35.67
CA GLN P 22 -2.83 -46.24 -34.40
C GLN P 22 -4.26 -46.13 -33.89
N ALA P 23 -5.25 -46.25 -34.77
CA ALA P 23 -6.65 -46.11 -34.35
C ALA P 23 -7.04 -47.19 -33.36
N THR P 24 -6.36 -48.34 -33.39
CA THR P 24 -6.66 -49.41 -32.44
C THR P 24 -6.31 -49.01 -31.01
N ALA P 25 -5.27 -48.19 -30.83
CA ALA P 25 -4.90 -47.74 -29.49
C ALA P 25 -6.04 -46.97 -28.83
N PHE P 26 -6.88 -46.32 -29.62
CA PHE P 26 -8.00 -45.58 -29.03
C PHE P 26 -9.06 -46.53 -28.48
N GLN P 27 -9.23 -47.70 -29.09
CA GLN P 27 -10.07 -48.72 -28.47
C GLN P 27 -9.42 -49.27 -27.22
N GLU P 28 -8.13 -49.61 -27.30
CA GLU P 28 -7.42 -50.19 -26.16
C GLU P 28 -7.48 -49.28 -24.94
N GLN P 29 -7.42 -47.96 -25.16
CA GLN P 29 -7.46 -47.01 -24.06
C GLN P 29 -8.86 -46.50 -23.77
N GLU P 30 -9.88 -46.99 -24.49
CA GLU P 30 -11.27 -46.66 -24.21
C GLU P 30 -11.49 -45.15 -24.26
N ILE P 31 -11.09 -44.55 -25.38
CA ILE P 31 -11.15 -43.10 -25.56
C ILE P 31 -12.33 -42.78 -26.47
N ASP P 32 -13.38 -42.21 -25.89
CA ASP P 32 -14.50 -41.72 -26.67
C ASP P 32 -14.27 -40.24 -26.99
N GLY P 33 -15.27 -39.58 -27.56
CA GLY P 33 -15.09 -38.19 -27.96
C GLY P 33 -14.87 -37.27 -26.78
N LYS P 34 -15.63 -37.47 -25.70
CA LYS P 34 -15.45 -36.67 -24.49
C LYS P 34 -14.02 -36.78 -23.97
N SER P 35 -13.46 -37.98 -23.96
CA SER P 35 -12.10 -38.15 -23.49
C SER P 35 -11.10 -37.56 -24.48
N LEU P 36 -11.39 -37.68 -25.78
CA LEU P 36 -10.52 -37.11 -26.79
C LEU P 36 -10.33 -35.61 -26.58
N LEU P 37 -11.42 -34.91 -26.28
CA LEU P 37 -11.38 -33.46 -26.06
C LEU P 37 -10.67 -33.08 -24.77
N LEU P 38 -10.28 -34.04 -23.95
CA LEU P 38 -9.49 -33.78 -22.74
C LEU P 38 -8.02 -34.09 -22.92
N MET P 39 -7.63 -34.68 -24.04
CA MET P 39 -6.26 -35.14 -24.20
C MET P 39 -5.30 -33.96 -24.36
N GLN P 40 -4.13 -34.09 -23.76
CA GLN P 40 -3.03 -33.17 -23.94
C GLN P 40 -1.88 -33.89 -24.66
N ARG P 41 -0.82 -33.14 -24.95
CA ARG P 41 0.22 -33.64 -25.84
C ARG P 41 0.84 -34.93 -25.32
N THR P 42 1.25 -34.93 -24.05
CA THR P 42 1.91 -36.11 -23.49
C THR P 42 1.00 -37.32 -23.48
N ASP P 43 -0.33 -37.11 -23.36
CA ASP P 43 -1.26 -38.22 -23.41
C ASP P 43 -1.17 -38.97 -24.74
N VAL P 44 -1.03 -38.24 -25.85
CA VAL P 44 -0.93 -38.88 -27.15
C VAL P 44 0.43 -39.53 -27.32
N LEU P 45 1.49 -38.84 -26.92
CA LEU P 45 2.84 -39.28 -27.23
C LEU P 45 3.30 -40.44 -26.36
N THR P 46 2.81 -40.51 -25.11
CA THR P 46 3.27 -41.54 -24.18
C THR P 46 2.17 -42.43 -23.62
N GLY P 47 0.90 -42.08 -23.80
CA GLY P 47 -0.19 -42.82 -23.20
C GLY P 47 -0.93 -43.78 -24.10
N LEU P 48 -0.59 -43.81 -25.40
CA LEU P 48 -1.30 -44.67 -26.35
C LEU P 48 -0.49 -45.89 -26.77
N SER P 49 0.82 -45.92 -26.50
CA SER P 49 1.70 -47.01 -26.94
C SER P 49 1.72 -47.12 -28.46
N ILE P 50 1.80 -45.98 -29.15
CA ILE P 50 1.91 -45.93 -30.59
C ILE P 50 3.27 -45.33 -30.95
N ARG P 51 3.63 -45.46 -32.23
CA ARG P 51 4.88 -44.90 -32.72
C ARG P 51 4.86 -43.38 -32.60
N LEU P 52 6.02 -42.80 -32.32
CA LEU P 52 6.12 -41.38 -32.01
C LEU P 52 5.83 -40.51 -33.23
N GLY P 53 6.23 -40.95 -34.42
CA GLY P 53 6.01 -40.21 -35.63
C GLY P 53 4.54 -39.97 -35.91
N PRO P 54 3.74 -41.04 -36.01
CA PRO P 54 2.29 -40.86 -36.14
C PRO P 54 1.66 -40.13 -34.96
N ALA P 55 2.14 -40.38 -33.74
CA ALA P 55 1.59 -39.71 -32.57
C ALA P 55 1.73 -38.20 -32.65
N LEU P 56 2.88 -37.72 -33.13
CA LEU P 56 3.07 -36.28 -33.28
C LEU P 56 2.05 -35.68 -34.22
N LYS P 57 1.79 -36.34 -35.36
CA LYS P 57 0.82 -35.83 -36.32
C LYS P 57 -0.60 -36.00 -35.81
N ILE P 58 -0.89 -37.10 -35.13
CA ILE P 58 -2.22 -37.32 -34.57
C ILE P 58 -2.58 -36.19 -33.62
N TYR P 59 -1.63 -35.76 -32.79
CA TYR P 59 -1.93 -34.71 -31.82
C TYR P 59 -1.99 -33.35 -32.50
N GLU P 60 -0.98 -33.03 -33.32
CA GLU P 60 -0.87 -31.67 -33.87
C GLU P 60 -2.00 -31.37 -34.85
N HIS P 61 -2.32 -32.30 -35.73
CA HIS P 61 -3.21 -32.03 -36.85
C HIS P 61 -4.60 -32.63 -36.70
N HIS P 62 -4.90 -33.26 -35.57
CA HIS P 62 -6.20 -33.90 -35.45
C HIS P 62 -6.81 -33.66 -34.08
N ILE P 63 -6.15 -34.12 -33.02
CA ILE P 63 -6.68 -33.91 -31.67
C ILE P 63 -6.71 -32.41 -31.35
N LYS P 64 -5.60 -31.71 -31.61
CA LYS P 64 -5.57 -30.26 -31.39
C LYS P 64 -6.60 -29.55 -32.27
N VAL P 65 -6.72 -29.98 -33.53
CA VAL P 65 -7.64 -29.32 -34.45
C VAL P 65 -9.08 -29.54 -34.02
N LEU P 66 -9.43 -30.77 -33.62
CA LEU P 66 -10.78 -31.02 -33.13
C LEU P 66 -11.07 -30.22 -31.86
N GLN P 67 -10.08 -30.11 -30.97
CA GLN P 67 -10.29 -29.38 -29.73
C GLN P 67 -10.50 -27.89 -29.97
N GLN P 68 -9.83 -27.33 -30.98
CA GLN P 68 -9.90 -25.91 -31.27
C GLN P 68 -11.01 -25.54 -32.24
N GLY P 69 -11.76 -26.52 -32.76
CA GLY P 69 -12.77 -26.25 -33.77
C GLY P 69 -14.19 -26.40 -33.26
N SER Q 1 20.40 -31.31 12.12
CA SER Q 1 19.57 -30.87 11.00
C SER Q 1 19.59 -31.92 9.89
N PRO Q 2 18.55 -31.93 9.05
CA PRO Q 2 18.46 -32.98 8.02
C PRO Q 2 19.66 -33.07 7.09
N VAL Q 3 20.34 -31.96 6.81
CA VAL Q 3 21.45 -31.99 5.87
C VAL Q 3 22.56 -32.93 6.30
N GLU Q 4 22.65 -33.26 7.59
CA GLU Q 4 23.67 -34.16 8.10
C GLU Q 4 23.18 -35.59 8.22
N TRP Q 5 21.93 -35.86 7.89
CA TRP Q 5 21.38 -37.20 8.05
C TRP Q 5 22.08 -38.19 7.12
N THR Q 6 22.36 -39.37 7.65
CA THR Q 6 22.82 -40.50 6.85
C THR Q 6 21.65 -41.14 6.12
N VAL Q 7 21.97 -42.11 5.26
CA VAL Q 7 20.92 -42.86 4.55
C VAL Q 7 20.00 -43.53 5.56
N MET Q 8 20.57 -44.20 6.57
CA MET Q 8 19.74 -44.86 7.57
C MET Q 8 19.04 -43.87 8.50
N ASP Q 9 19.57 -42.66 8.66
CA ASP Q 9 18.81 -41.61 9.33
C ASP Q 9 17.53 -41.29 8.55
N VAL Q 10 17.62 -41.20 7.23
CA VAL Q 10 16.46 -40.90 6.41
C VAL Q 10 15.46 -42.04 6.49
N VAL Q 11 15.94 -43.28 6.34
CA VAL Q 11 15.07 -44.44 6.48
C VAL Q 11 14.37 -44.42 7.84
N GLU Q 12 15.11 -44.07 8.89
CA GLU Q 12 14.52 -44.04 10.23
C GLU Q 12 13.46 -42.96 10.34
N TYR Q 13 13.72 -41.78 9.76
CA TYR Q 13 12.73 -40.70 9.82
C TYR Q 13 11.40 -41.16 9.24
N PHE Q 14 11.43 -41.82 8.07
CA PHE Q 14 10.19 -42.22 7.43
C PHE Q 14 9.57 -43.45 8.07
N THR Q 15 10.36 -44.29 8.74
CA THR Q 15 9.79 -45.36 9.56
C THR Q 15 9.01 -44.78 10.74
N GLU Q 16 9.64 -43.89 11.50
CA GLU Q 16 8.98 -43.28 12.65
C GLU Q 16 7.85 -42.34 12.25
N ALA Q 17 7.77 -41.93 10.99
CA ALA Q 17 6.70 -41.10 10.49
C ALA Q 17 5.47 -41.90 10.06
N GLY Q 18 5.53 -43.23 10.13
CA GLY Q 18 4.42 -44.06 9.72
C GLY Q 18 4.52 -44.63 8.32
N PHE Q 19 5.68 -44.60 7.70
CA PHE Q 19 5.89 -45.17 6.37
C PHE Q 19 7.03 -46.21 6.40
N PRO Q 20 6.90 -47.25 7.22
CA PRO Q 20 8.00 -48.22 7.30
C PRO Q 20 8.22 -48.98 6.01
N GLU Q 21 7.16 -49.25 5.25
CA GLU Q 21 7.30 -50.00 4.01
C GLU Q 21 7.90 -49.16 2.89
N GLN Q 22 7.58 -47.86 2.85
CA GLN Q 22 8.19 -46.99 1.85
C GLN Q 22 9.59 -46.53 2.25
N ALA Q 23 9.91 -46.55 3.55
CA ALA Q 23 11.20 -46.04 4.00
C ALA Q 23 12.37 -46.80 3.36
N THR Q 24 12.14 -48.05 2.96
CA THR Q 24 13.21 -48.85 2.35
C THR Q 24 13.67 -48.29 1.01
N ALA Q 25 12.79 -47.58 0.30
CA ALA Q 25 13.19 -47.04 -0.99
C ALA Q 25 14.29 -46.01 -0.86
N PHE Q 26 14.35 -45.31 0.27
CA PHE Q 26 15.43 -44.34 0.47
C PHE Q 26 16.77 -45.03 0.64
N GLN Q 27 16.78 -46.23 1.24
CA GLN Q 27 18.00 -47.02 1.22
C GLN Q 27 18.32 -47.51 -0.18
N GLU Q 28 17.31 -48.01 -0.90
CA GLU Q 28 17.51 -48.53 -2.26
C GLU Q 28 18.14 -47.48 -3.15
N GLN Q 29 17.68 -46.23 -3.05
CA GLN Q 29 18.17 -45.15 -3.89
C GLN Q 29 19.33 -44.38 -3.27
N GLU Q 30 19.83 -44.81 -2.11
CA GLU Q 30 20.99 -44.19 -1.47
C GLU Q 30 20.75 -42.69 -1.25
N ILE Q 31 19.64 -42.38 -0.60
CA ILE Q 31 19.24 -41.00 -0.36
C ILE Q 31 19.58 -40.66 1.08
N ASP Q 32 20.62 -39.84 1.27
CA ASP Q 32 20.93 -39.32 2.60
C ASP Q 32 20.22 -37.98 2.78
N GLY Q 33 20.56 -37.27 3.85
CA GLY Q 33 19.90 -35.99 4.11
C GLY Q 33 20.19 -34.95 3.05
N LYS Q 34 21.43 -34.90 2.57
CA LYS Q 34 21.78 -33.94 1.53
C LYS Q 34 20.98 -34.18 0.26
N SER Q 35 20.82 -35.45 -0.14
CA SER Q 35 20.01 -35.77 -1.31
C SER Q 35 18.54 -35.49 -1.06
N LEU Q 36 18.06 -35.77 0.15
CA LEU Q 36 16.66 -35.52 0.48
C LEU Q 36 16.29 -34.06 0.26
N LEU Q 37 17.15 -33.13 0.68
CA LEU Q 37 16.88 -31.71 0.53
C LEU Q 37 16.97 -31.25 -0.92
N LEU Q 38 17.40 -32.12 -1.84
CA LEU Q 38 17.44 -31.80 -3.27
C LEU Q 38 16.26 -32.37 -4.03
N MET Q 39 15.45 -33.22 -3.41
CA MET Q 39 14.39 -33.90 -4.13
C MET Q 39 13.27 -32.95 -4.53
N GLN Q 40 12.66 -33.23 -5.67
CA GLN Q 40 11.46 -32.53 -6.11
C GLN Q 40 10.33 -33.55 -6.22
N ARG Q 41 9.13 -33.03 -6.51
CA ARG Q 41 7.92 -33.86 -6.42
C ARG Q 41 8.02 -35.10 -7.29
N THR Q 42 8.45 -34.95 -8.54
CA THR Q 42 8.49 -36.11 -9.44
C THR Q 42 9.51 -37.14 -8.99
N ASP Q 43 10.56 -36.71 -8.27
CA ASP Q 43 11.53 -37.68 -7.76
C ASP Q 43 10.88 -38.64 -6.78
N VAL Q 44 9.96 -38.15 -5.95
CA VAL Q 44 9.30 -38.98 -4.96
C VAL Q 44 8.21 -39.83 -5.60
N LEU Q 45 7.45 -39.27 -6.53
CA LEU Q 45 6.28 -39.95 -7.08
C LEU Q 45 6.65 -41.00 -8.11
N THR Q 46 7.76 -40.82 -8.84
CA THR Q 46 8.14 -41.73 -9.90
C THR Q 46 9.54 -42.31 -9.78
N GLY Q 47 10.40 -41.75 -8.92
CA GLY Q 47 11.77 -42.20 -8.82
C GLY Q 47 12.07 -43.15 -7.69
N LEU Q 48 11.09 -43.43 -6.81
CA LEU Q 48 11.31 -44.31 -5.67
C LEU Q 48 10.66 -45.68 -5.82
N SER Q 49 9.83 -45.88 -6.85
CA SER Q 49 9.11 -47.15 -7.06
C SER Q 49 8.28 -47.53 -5.84
N ILE Q 50 7.65 -46.53 -5.22
CA ILE Q 50 6.73 -46.77 -4.11
C ILE Q 50 5.31 -46.50 -4.61
N ARG Q 51 4.33 -46.96 -3.82
CA ARG Q 51 2.94 -46.75 -4.18
C ARG Q 51 2.57 -45.27 -4.12
N LEU Q 52 1.65 -44.86 -4.99
CA LEU Q 52 1.40 -43.44 -5.21
C LEU Q 52 0.82 -42.76 -3.98
N GLY Q 53 -0.13 -43.42 -3.31
CA GLY Q 53 -0.79 -42.85 -2.14
C GLY Q 53 0.16 -42.39 -1.06
N PRO Q 54 1.01 -43.29 -0.57
CA PRO Q 54 2.01 -42.87 0.42
C PRO Q 54 3.03 -41.89 -0.14
N ALA Q 55 3.42 -42.05 -1.41
CA ALA Q 55 4.38 -41.13 -2.02
C ALA Q 55 3.88 -39.69 -1.99
N LEU Q 56 2.57 -39.50 -2.22
CA LEU Q 56 2.02 -38.15 -2.19
C LEU Q 56 2.16 -37.51 -0.82
N LYS Q 57 1.90 -38.29 0.24
CA LYS Q 57 2.02 -37.74 1.59
C LYS Q 57 3.48 -37.59 2.01
N ILE Q 58 4.33 -38.53 1.58
CA ILE Q 58 5.75 -38.45 1.90
C ILE Q 58 6.35 -37.15 1.38
N TYR Q 59 5.97 -36.75 0.16
CA TYR Q 59 6.52 -35.51 -0.38
C TYR Q 59 5.89 -34.30 0.28
N GLU Q 60 4.55 -34.25 0.33
CA GLU Q 60 3.87 -33.01 0.73
C GLU Q 60 4.02 -32.74 2.22
N HIS Q 61 3.96 -33.78 3.06
CA HIS Q 61 3.92 -33.62 4.51
C HIS Q 61 5.25 -33.87 5.19
N HIS Q 62 6.29 -34.21 4.45
CA HIS Q 62 7.56 -34.52 5.10
C HIS Q 62 8.73 -33.94 4.33
N ILE Q 63 8.91 -34.34 3.07
CA ILE Q 63 10.03 -33.84 2.28
C ILE Q 63 9.91 -32.33 2.08
N LYS Q 64 8.72 -31.87 1.70
CA LYS Q 64 8.49 -30.43 1.57
C LYS Q 64 8.73 -29.72 2.90
N VAL Q 65 8.21 -30.29 3.99
CA VAL Q 65 8.34 -29.67 5.31
C VAL Q 65 9.80 -29.59 5.73
N LEU Q 66 10.57 -30.65 5.47
CA LEU Q 66 11.99 -30.65 5.82
C LEU Q 66 12.75 -29.59 5.03
N GLN Q 67 12.45 -29.46 3.74
CA GLN Q 67 13.16 -28.50 2.90
C GLN Q 67 12.84 -27.07 3.30
N GLN Q 68 11.67 -26.83 3.86
CA GLN Q 68 11.24 -25.49 4.23
C GLN Q 68 11.54 -25.13 5.68
N GLY Q 69 12.02 -26.08 6.48
CA GLY Q 69 12.24 -25.83 7.89
C GLY Q 69 13.67 -25.48 8.23
N SER R 1 11.83 -27.77 -47.52
CA SER R 1 12.09 -29.09 -48.08
C SER R 1 12.23 -30.21 -47.03
N PRO R 2 12.87 -29.96 -45.88
CA PRO R 2 12.89 -30.99 -44.83
C PRO R 2 11.50 -31.47 -44.44
N VAL R 3 10.50 -30.60 -44.51
CA VAL R 3 9.12 -30.99 -44.27
C VAL R 3 8.65 -32.05 -45.26
N GLU R 4 9.32 -32.17 -46.41
CA GLU R 4 8.97 -33.16 -47.42
C GLU R 4 9.71 -34.47 -47.25
N TRP R 5 10.65 -34.55 -46.31
CA TRP R 5 11.43 -35.78 -46.12
C TRP R 5 10.53 -36.94 -45.74
N THR R 6 10.76 -38.09 -46.35
CA THR R 6 10.14 -39.32 -45.93
C THR R 6 10.87 -39.87 -44.69
N VAL R 7 10.34 -40.96 -44.14
CA VAL R 7 11.01 -41.62 -43.02
C VAL R 7 12.42 -42.02 -43.41
N MET R 8 12.59 -42.59 -44.61
CA MET R 8 13.92 -43.02 -45.03
C MET R 8 14.82 -41.85 -45.36
N ASP R 9 14.25 -40.71 -45.78
CA ASP R 9 15.05 -39.49 -45.91
C ASP R 9 15.62 -39.08 -44.56
N VAL R 10 14.81 -39.16 -43.51
CA VAL R 10 15.28 -38.82 -42.17
C VAL R 10 16.37 -39.79 -41.72
N VAL R 11 16.18 -41.09 -41.97
CA VAL R 11 17.20 -42.07 -41.64
C VAL R 11 18.50 -41.75 -42.37
N GLU R 12 18.41 -41.33 -43.63
CA GLU R 12 19.61 -41.01 -44.40
C GLU R 12 20.30 -39.76 -43.84
N TYR R 13 19.52 -38.73 -43.47
CA TYR R 13 20.10 -37.51 -42.94
C TYR R 13 20.98 -37.80 -41.72
N PHE R 14 20.45 -38.53 -40.74
CA PHE R 14 21.20 -38.76 -39.51
C PHE R 14 22.31 -39.78 -39.70
N THR R 15 22.18 -40.68 -40.68
CA THR R 15 23.32 -41.53 -41.05
C THR R 15 24.46 -40.69 -41.60
N GLU R 16 24.16 -39.78 -42.53
CA GLU R 16 25.19 -38.92 -43.09
C GLU R 16 25.70 -37.90 -42.08
N ALA R 17 24.88 -37.53 -41.10
CA ALA R 17 25.28 -36.59 -40.07
C ALA R 17 26.20 -37.21 -39.02
N GLY R 18 26.49 -38.50 -39.13
CA GLY R 18 27.35 -39.17 -38.18
C GLY R 18 26.65 -39.90 -37.05
N PHE R 19 25.37 -40.24 -37.20
CA PHE R 19 24.64 -41.00 -36.18
C PHE R 19 24.02 -42.25 -36.80
N PRO R 20 24.83 -43.14 -37.39
CA PRO R 20 24.25 -44.32 -38.05
C PRO R 20 23.48 -45.23 -37.10
N GLU R 21 23.95 -45.40 -35.87
CA GLU R 21 23.27 -46.32 -34.96
C GLU R 21 21.99 -45.73 -34.39
N GLN R 22 21.90 -44.41 -34.28
CA GLN R 22 20.66 -43.78 -33.82
C GLN R 22 19.66 -43.55 -34.93
N ALA R 23 20.12 -43.48 -36.19
CA ALA R 23 19.22 -43.22 -37.31
C ALA R 23 18.09 -44.22 -37.39
N THR R 24 18.36 -45.48 -37.01
CA THR R 24 17.34 -46.52 -37.09
C THR R 24 16.17 -46.27 -36.15
N ALA R 25 16.36 -45.51 -35.07
CA ALA R 25 15.25 -45.19 -34.19
C ALA R 25 14.21 -44.31 -34.89
N PHE R 26 14.64 -43.47 -35.83
CA PHE R 26 13.67 -42.67 -36.58
C PHE R 26 12.84 -43.55 -37.49
N GLN R 27 13.42 -44.63 -38.03
CA GLN R 27 12.62 -45.59 -38.78
C GLN R 27 11.68 -46.37 -37.86
N GLU R 28 12.18 -46.80 -36.70
CA GLU R 28 11.35 -47.54 -35.75
C GLU R 28 10.13 -46.74 -35.33
N GLN R 29 10.30 -45.44 -35.13
CA GLN R 29 9.21 -44.57 -34.71
C GLN R 29 8.47 -43.92 -35.87
N GLU R 30 8.83 -44.26 -37.11
CA GLU R 30 8.15 -43.75 -38.30
C GLU R 30 8.15 -42.21 -38.35
N ILE R 31 9.30 -41.62 -38.07
CA ILE R 31 9.43 -40.17 -38.02
C ILE R 31 9.89 -39.68 -39.39
N ASP R 32 9.00 -39.01 -40.12
CA ASP R 32 9.34 -38.38 -41.38
C ASP R 32 9.70 -36.91 -41.13
N GLY R 33 9.79 -36.14 -42.21
CA GLY R 33 10.19 -34.75 -42.08
C GLY R 33 9.17 -33.92 -41.31
N LYS R 34 7.88 -34.14 -41.56
CA LYS R 34 6.84 -33.40 -40.84
C LYS R 34 6.90 -33.68 -39.35
N SER R 35 7.03 -34.96 -38.98
CA SER R 35 7.10 -35.32 -37.56
C SER R 35 8.38 -34.77 -36.93
N LEU R 36 9.49 -34.81 -37.66
CA LEU R 36 10.74 -34.25 -37.16
C LEU R 36 10.57 -32.82 -36.71
N LEU R 37 9.89 -32.00 -37.51
CA LEU R 37 9.68 -30.59 -37.19
C LEU R 37 8.67 -30.38 -36.07
N LEU R 38 8.03 -31.44 -35.58
CA LEU R 38 7.11 -31.37 -34.46
C LEU R 38 7.72 -31.83 -33.15
N MET R 39 8.93 -32.39 -33.18
CA MET R 39 9.51 -32.98 -31.99
C MET R 39 9.95 -31.93 -30.99
N GLN R 40 9.74 -32.22 -29.71
CA GLN R 40 10.28 -31.43 -28.61
C GLN R 40 11.40 -32.20 -27.94
N ARG R 41 12.05 -31.55 -26.97
CA ARG R 41 13.26 -32.10 -26.39
C ARG R 41 13.04 -33.51 -25.83
N THR R 42 11.98 -33.70 -25.05
CA THR R 42 11.75 -34.99 -24.42
C THR R 42 11.44 -36.09 -25.42
N ASP R 43 10.96 -35.73 -26.61
CA ASP R 43 10.69 -36.75 -27.63
C ASP R 43 11.99 -37.37 -28.13
N VAL R 44 13.04 -36.56 -28.26
CA VAL R 44 14.33 -37.09 -28.69
C VAL R 44 15.01 -37.84 -27.55
N LEU R 45 14.97 -37.28 -26.34
CA LEU R 45 15.78 -37.80 -25.25
C LEU R 45 15.18 -39.04 -24.61
N THR R 46 13.85 -39.17 -24.59
CA THR R 46 13.20 -40.32 -23.98
C THR R 46 12.30 -41.10 -24.91
N GLY R 47 11.92 -40.56 -26.06
CA GLY R 47 10.99 -41.22 -26.95
C GLY R 47 11.58 -42.05 -28.05
N LEU R 48 12.91 -42.08 -28.18
CA LEU R 48 13.58 -42.80 -29.26
C LEU R 48 14.29 -44.08 -28.82
N SER R 49 14.50 -44.26 -27.51
CA SER R 49 15.27 -45.40 -26.98
C SER R 49 16.69 -45.43 -27.54
N ILE R 50 17.34 -44.25 -27.55
CA ILE R 50 18.73 -44.13 -27.96
C ILE R 50 19.54 -43.62 -26.78
N ARG R 51 20.86 -43.77 -26.87
CA ARG R 51 21.73 -43.37 -25.78
C ARG R 51 21.73 -41.85 -25.61
N LEU R 52 21.87 -41.41 -24.36
CA LEU R 52 21.62 -40.02 -24.00
C LEU R 52 22.61 -39.07 -24.67
N GLY R 53 23.89 -39.45 -24.71
CA GLY R 53 24.92 -38.63 -25.31
C GLY R 53 24.59 -38.23 -26.74
N PRO R 54 24.42 -39.23 -27.62
CA PRO R 54 24.03 -38.90 -29.00
C PRO R 54 22.69 -38.17 -29.09
N ALA R 55 21.73 -38.52 -28.21
CA ALA R 55 20.42 -37.89 -28.28
C ALA R 55 20.51 -36.38 -28.01
N LEU R 56 21.37 -35.98 -27.08
CA LEU R 56 21.52 -34.56 -26.77
C LEU R 56 22.05 -33.79 -27.96
N LYS R 57 23.02 -34.37 -28.68
CA LYS R 57 23.58 -33.70 -29.85
C LYS R 57 22.62 -33.72 -31.03
N ILE R 58 21.85 -34.81 -31.17
CA ILE R 58 20.89 -34.92 -32.26
C ILE R 58 19.81 -33.83 -32.13
N TYR R 59 19.34 -33.60 -30.90
CA TYR R 59 18.34 -32.56 -30.71
C TYR R 59 18.93 -31.17 -30.87
N GLU R 60 20.04 -30.88 -30.17
CA GLU R 60 20.56 -29.53 -30.13
C GLU R 60 21.10 -29.09 -31.49
N HIS R 61 21.87 -29.94 -32.15
CA HIS R 61 22.63 -29.54 -33.33
C HIS R 61 21.99 -29.97 -34.64
N HIS R 62 20.82 -30.59 -34.61
CA HIS R 62 20.20 -31.02 -35.86
C HIS R 62 18.70 -30.75 -35.86
N ILE R 63 17.97 -31.36 -34.93
CA ILE R 63 16.52 -31.17 -34.89
C ILE R 63 16.18 -29.72 -34.56
N LYS R 64 16.86 -29.14 -33.58
CA LYS R 64 16.66 -27.73 -33.25
C LYS R 64 17.02 -26.83 -34.43
N VAL R 65 18.14 -27.13 -35.09
CA VAL R 65 18.59 -26.32 -36.23
C VAL R 65 17.58 -26.42 -37.37
N LEU R 66 17.07 -27.62 -37.62
CA LEU R 66 16.08 -27.80 -38.67
C LEU R 66 14.80 -27.03 -38.37
N GLN R 67 14.37 -27.04 -37.12
CA GLN R 67 13.12 -26.36 -36.75
C GLN R 67 13.27 -24.85 -36.80
N GLN R 68 14.47 -24.33 -36.57
CA GLN R 68 14.71 -22.89 -36.57
C GLN R 68 15.15 -22.37 -37.93
N GLY R 69 15.24 -23.23 -38.94
CA GLY R 69 15.59 -22.81 -40.28
C GLY R 69 14.35 -22.58 -41.14
N SER S 1 39.14 -27.28 -21.12
CA SER S 1 37.78 -26.94 -20.75
C SER S 1 36.87 -28.14 -20.95
N PRO S 2 35.74 -28.18 -20.21
CA PRO S 2 34.85 -29.36 -20.30
C PRO S 2 34.38 -29.68 -21.71
N VAL S 3 34.19 -28.69 -22.58
CA VAL S 3 33.65 -28.96 -23.92
C VAL S 3 34.56 -29.89 -24.71
N GLU S 4 35.84 -29.95 -24.39
CA GLU S 4 36.79 -30.79 -25.10
C GLU S 4 36.96 -32.16 -24.48
N TRP S 5 36.28 -32.44 -23.37
CA TRP S 5 36.45 -33.72 -22.69
C TRP S 5 35.89 -34.86 -23.52
N THR S 6 36.65 -35.96 -23.57
CA THR S 6 36.17 -37.18 -24.18
C THR S 6 35.20 -37.89 -23.24
N VAL S 7 34.61 -38.99 -23.72
CA VAL S 7 33.76 -39.80 -22.86
C VAL S 7 34.55 -40.31 -21.67
N MET S 8 35.77 -40.80 -21.91
CA MET S 8 36.59 -41.32 -20.82
C MET S 8 37.04 -40.22 -19.88
N ASP S 9 37.23 -39.00 -20.39
CA ASP S 9 37.50 -37.87 -19.51
C ASP S 9 36.34 -37.64 -18.55
N VAL S 10 35.10 -37.76 -19.04
CA VAL S 10 33.93 -37.59 -18.19
C VAL S 10 33.89 -38.67 -17.13
N VAL S 11 34.15 -39.93 -17.52
CA VAL S 11 34.21 -41.02 -16.57
C VAL S 11 35.28 -40.76 -15.51
N GLU S 12 36.44 -40.26 -15.94
CA GLU S 12 37.50 -39.94 -15.01
C GLU S 12 37.08 -38.84 -14.05
N TYR S 13 36.44 -37.79 -14.55
CA TYR S 13 36.02 -36.69 -13.68
C TYR S 13 35.13 -37.19 -12.56
N PHE S 14 34.12 -37.99 -12.89
CA PHE S 14 33.19 -38.46 -11.87
C PHE S 14 33.79 -39.53 -10.98
N THR S 15 34.77 -40.28 -11.48
CA THR S 15 35.53 -41.16 -10.60
C THR S 15 36.32 -40.36 -9.57
N GLU S 16 37.06 -39.35 -10.02
CA GLU S 16 37.84 -38.51 -9.11
C GLU S 16 36.96 -37.63 -8.23
N ALA S 17 35.71 -37.37 -8.65
CA ALA S 17 34.78 -36.63 -7.81
C ALA S 17 34.14 -37.48 -6.73
N GLY S 18 34.38 -38.80 -6.73
CA GLY S 18 33.81 -39.67 -5.73
C GLY S 18 32.56 -40.42 -6.14
N PHE S 19 32.27 -40.50 -7.44
CA PHE S 19 31.15 -41.28 -7.95
C PHE S 19 31.61 -42.33 -8.96
N PRO S 20 32.57 -43.19 -8.58
CA PRO S 20 33.10 -44.13 -9.57
C PRO S 20 32.09 -45.17 -10.00
N GLU S 21 31.13 -45.52 -9.15
CA GLU S 21 30.10 -46.47 -9.56
C GLU S 21 29.15 -45.86 -10.58
N GLN S 22 28.75 -44.59 -10.36
CA GLN S 22 27.88 -43.91 -11.31
C GLN S 22 28.63 -43.49 -12.57
N ALA S 23 29.96 -43.36 -12.51
CA ALA S 23 30.72 -42.87 -13.64
C ALA S 23 30.56 -43.77 -14.87
N THR S 24 30.36 -45.07 -14.66
CA THR S 24 30.22 -45.99 -15.78
C THR S 24 28.99 -45.65 -16.64
N ALA S 25 27.96 -45.07 -16.03
CA ALA S 25 26.75 -44.73 -16.78
C ALA S 25 27.02 -43.68 -17.85
N PHE S 26 27.95 -42.77 -17.59
CA PHE S 26 28.30 -41.80 -18.62
C PHE S 26 28.98 -42.47 -19.80
N GLN S 27 29.73 -43.55 -19.55
CA GLN S 27 30.28 -44.33 -20.64
C GLN S 27 29.19 -45.10 -21.37
N GLU S 28 28.29 -45.75 -20.61
CA GLU S 28 27.18 -46.47 -21.23
C GLU S 28 26.34 -45.55 -22.12
N GLN S 29 26.18 -44.30 -21.74
CA GLN S 29 25.39 -43.35 -22.50
C GLN S 29 26.21 -42.52 -23.47
N GLU S 30 27.53 -42.75 -23.55
CA GLU S 30 28.43 -42.04 -24.45
C GLU S 30 28.29 -40.52 -24.29
N ILE S 31 28.49 -40.05 -23.06
CA ILE S 31 28.41 -38.64 -22.74
C ILE S 31 29.82 -38.09 -22.66
N ASP S 32 30.22 -37.30 -23.65
CA ASP S 32 31.47 -36.56 -23.60
C ASP S 32 31.20 -35.20 -22.96
N GLY S 33 32.21 -34.32 -22.97
CA GLY S 33 32.04 -33.02 -22.36
C GLY S 33 31.00 -32.17 -23.07
N LYS S 34 30.94 -32.27 -24.40
CA LYS S 34 29.94 -31.52 -25.15
C LYS S 34 28.53 -31.93 -24.75
N SER S 35 28.28 -33.24 -24.66
CA SER S 35 26.97 -33.71 -24.23
C SER S 35 26.71 -33.35 -22.77
N LEU S 36 27.76 -33.40 -21.94
CA LEU S 36 27.60 -33.03 -20.54
C LEU S 36 27.09 -31.59 -20.40
N LEU S 37 27.62 -30.67 -21.20
CA LEU S 37 27.21 -29.27 -21.14
C LEU S 37 25.78 -29.08 -21.65
N LEU S 38 25.18 -30.08 -22.28
CA LEU S 38 23.80 -30.00 -22.75
C LEU S 38 22.80 -30.66 -21.80
N MET S 39 23.27 -31.31 -20.74
CA MET S 39 22.37 -32.08 -19.89
C MET S 39 21.49 -31.18 -19.04
N GLN S 40 20.26 -31.61 -18.83
CA GLN S 40 19.33 -30.98 -17.91
C GLN S 40 19.05 -31.95 -16.76
N ARG S 41 18.28 -31.46 -15.78
CA ARG S 41 18.09 -32.19 -14.53
C ARG S 41 17.51 -33.57 -14.76
N THR S 42 16.44 -33.67 -15.55
CA THR S 42 15.80 -34.95 -15.77
C THR S 42 16.69 -35.93 -16.53
N ASP S 43 17.66 -35.44 -17.30
CA ASP S 43 18.56 -36.35 -18.01
C ASP S 43 19.43 -37.14 -17.03
N VAL S 44 19.85 -36.49 -15.93
CA VAL S 44 20.66 -37.16 -14.93
C VAL S 44 19.82 -38.09 -14.07
N LEU S 45 18.63 -37.63 -13.68
CA LEU S 45 17.82 -38.39 -12.73
C LEU S 45 17.12 -39.58 -13.37
N THR S 46 16.81 -39.51 -14.66
CA THR S 46 16.03 -40.56 -15.31
C THR S 46 16.71 -41.19 -16.52
N GLY S 47 17.77 -40.59 -17.05
CA GLY S 47 18.35 -41.08 -18.29
C GLY S 47 19.64 -41.84 -18.15
N LEU S 48 20.20 -41.87 -16.94
CA LEU S 48 21.46 -42.55 -16.69
C LEU S 48 21.31 -43.93 -16.08
N SER S 49 20.11 -44.26 -15.59
CA SER S 49 19.85 -45.54 -14.92
C SER S 49 20.75 -45.71 -13.70
N ILE S 50 20.88 -44.66 -12.90
CA ILE S 50 21.63 -44.70 -11.66
C ILE S 50 20.68 -44.40 -10.51
N ARG S 51 21.18 -44.61 -9.29
CA ARG S 51 20.38 -44.38 -8.10
C ARG S 51 20.11 -42.89 -7.90
N LEU S 52 18.92 -42.60 -7.36
CA LEU S 52 18.44 -41.22 -7.29
C LEU S 52 19.30 -40.36 -6.37
N GLY S 53 19.69 -40.89 -5.22
CA GLY S 53 20.48 -40.16 -4.26
C GLY S 53 21.76 -39.60 -4.86
N PRO S 54 22.62 -40.47 -5.39
CA PRO S 54 23.82 -39.97 -6.08
C PRO S 54 23.50 -39.10 -7.28
N ALA S 55 22.43 -39.41 -8.03
CA ALA S 55 22.09 -38.64 -9.22
C ALA S 55 21.77 -37.19 -8.87
N LEU S 56 21.08 -36.97 -7.74
CA LEU S 56 20.75 -35.61 -7.33
C LEU S 56 22.02 -34.81 -7.03
N LYS S 57 22.99 -35.44 -6.37
CA LYS S 57 24.25 -34.76 -6.08
C LYS S 57 25.07 -34.54 -7.34
N ILE S 58 25.07 -35.52 -8.25
CA ILE S 58 25.84 -35.42 -9.49
C ILE S 58 25.36 -34.22 -10.30
N TYR S 59 24.04 -34.03 -10.40
CA TYR S 59 23.53 -32.90 -11.16
C TYR S 59 23.78 -31.58 -10.43
N GLU S 60 23.41 -31.52 -9.16
CA GLU S 60 23.42 -30.23 -8.45
C GLU S 60 24.84 -29.71 -8.24
N HIS S 61 25.76 -30.60 -7.85
CA HIS S 61 27.08 -30.17 -7.41
C HIS S 61 28.19 -30.42 -8.42
N HIS S 62 27.88 -30.94 -9.60
CA HIS S 62 28.93 -31.20 -10.57
C HIS S 62 28.51 -30.78 -11.97
N ILE S 63 27.42 -31.37 -12.48
CA ILE S 63 26.98 -31.01 -13.82
C ILE S 63 26.55 -29.55 -13.87
N LYS S 64 25.79 -29.10 -12.87
CA LYS S 64 25.32 -27.72 -12.85
C LYS S 64 26.49 -26.75 -12.71
N VAL S 65 27.47 -27.05 -11.85
CA VAL S 65 28.56 -26.09 -11.64
C VAL S 65 29.53 -26.12 -12.82
N LEU S 66 29.68 -27.26 -13.50
CA LEU S 66 30.48 -27.30 -14.71
C LEU S 66 29.85 -26.44 -15.80
N GLN S 67 28.52 -26.47 -15.90
CA GLN S 67 27.81 -25.67 -16.90
C GLN S 67 27.85 -24.18 -16.59
N GLN S 68 28.02 -23.81 -15.33
CA GLN S 68 28.02 -22.42 -14.90
C GLN S 68 29.42 -21.83 -14.77
N GLY S 69 30.46 -22.63 -14.94
CA GLY S 69 31.82 -22.18 -14.72
C GLY S 69 32.58 -21.89 -16.00
N SER T 1 -16.68 -35.76 4.54
CA SER T 1 -15.88 -34.98 3.60
C SER T 1 -14.73 -35.83 3.05
N PRO T 2 -14.30 -35.54 1.82
CA PRO T 2 -13.30 -36.40 1.16
C PRO T 2 -12.03 -36.63 1.96
N VAL T 3 -11.57 -35.63 2.73
CA VAL T 3 -10.29 -35.73 3.41
C VAL T 3 -10.27 -36.87 4.42
N GLU T 4 -11.42 -37.31 4.90
CA GLU T 4 -11.50 -38.40 5.89
C GLU T 4 -11.72 -39.76 5.26
N TRP T 5 -11.88 -39.81 3.93
CA TRP T 5 -12.15 -41.08 3.26
C TRP T 5 -11.00 -42.06 3.45
N THR T 6 -11.34 -43.32 3.69
CA THR T 6 -10.36 -44.39 3.69
C THR T 6 -10.05 -44.79 2.24
N VAL T 7 -9.09 -45.70 2.09
CA VAL T 7 -8.81 -46.25 0.77
C VAL T 7 -10.04 -46.97 0.24
N MET T 8 -10.74 -47.71 1.12
CA MET T 8 -11.98 -48.36 0.74
C MET T 8 -13.07 -47.36 0.36
N ASP T 9 -13.13 -46.22 1.05
CA ASP T 9 -14.08 -45.17 0.67
C ASP T 9 -13.80 -44.67 -0.74
N VAL T 10 -12.52 -44.49 -1.08
CA VAL T 10 -12.17 -44.05 -2.42
C VAL T 10 -12.54 -45.11 -3.45
N VAL T 11 -12.27 -46.39 -3.14
CA VAL T 11 -12.67 -47.46 -4.05
C VAL T 11 -14.18 -47.49 -4.21
N GLU T 12 -14.91 -47.27 -3.12
CA GLU T 12 -16.37 -47.26 -3.21
C GLU T 12 -16.87 -46.07 -4.03
N TYR T 13 -16.24 -44.91 -3.88
CA TYR T 13 -16.67 -43.74 -4.64
C TYR T 13 -16.58 -43.99 -6.14
N PHE T 14 -15.45 -44.52 -6.60
CA PHE T 14 -15.25 -44.67 -8.04
C PHE T 14 -16.05 -45.84 -8.59
N THR T 15 -16.31 -46.86 -7.77
CA THR T 15 -17.27 -47.89 -8.16
C THR T 15 -18.64 -47.29 -8.42
N GLU T 16 -19.16 -46.54 -7.45
CA GLU T 16 -20.47 -45.90 -7.60
C GLU T 16 -20.47 -44.83 -8.69
N ALA T 17 -19.30 -44.27 -9.01
CA ALA T 17 -19.22 -43.24 -10.04
C ALA T 17 -19.21 -43.82 -11.45
N GLY T 18 -19.20 -45.14 -11.58
CA GLY T 18 -19.18 -45.77 -12.89
C GLY T 18 -17.82 -46.19 -13.39
N PHE T 19 -16.81 -46.23 -12.52
CA PHE T 19 -15.47 -46.68 -12.88
C PHE T 19 -15.02 -47.83 -11.99
N PRO T 20 -15.78 -48.94 -11.94
CA PRO T 20 -15.42 -50.02 -11.02
C PRO T 20 -14.12 -50.72 -11.39
N GLU T 21 -13.82 -50.86 -12.68
CA GLU T 21 -12.58 -51.51 -13.09
C GLU T 21 -11.37 -50.67 -12.72
N GLN T 22 -11.48 -49.36 -12.84
CA GLN T 22 -10.38 -48.48 -12.46
C GLN T 22 -10.31 -48.26 -10.95
N ALA T 23 -11.41 -48.48 -10.24
CA ALA T 23 -11.43 -48.27 -8.80
C ALA T 23 -10.42 -49.13 -8.06
N THR T 24 -10.02 -50.28 -8.63
CA THR T 24 -9.07 -51.14 -7.94
C THR T 24 -7.68 -50.52 -7.90
N ALA T 25 -7.33 -49.70 -8.88
CA ALA T 25 -6.02 -49.05 -8.89
C ALA T 25 -5.83 -48.15 -7.67
N PHE T 26 -6.92 -47.60 -7.13
CA PHE T 26 -6.81 -46.76 -5.95
C PHE T 26 -6.50 -47.59 -4.70
N GLN T 27 -6.96 -48.84 -4.65
CA GLN T 27 -6.55 -49.71 -3.56
C GLN T 27 -5.13 -50.20 -3.76
N GLU T 28 -4.76 -50.56 -4.99
CA GLU T 28 -3.39 -50.99 -5.27
C GLU T 28 -2.37 -49.91 -4.93
N GLN T 29 -2.72 -48.64 -5.13
CA GLN T 29 -1.82 -47.53 -4.82
C GLN T 29 -2.03 -46.95 -3.44
N GLU T 30 -2.97 -47.51 -2.66
CA GLU T 30 -3.23 -47.08 -1.28
C GLU T 30 -3.55 -45.59 -1.22
N ILE T 31 -4.49 -45.16 -2.04
CA ILE T 31 -4.90 -43.77 -2.12
C ILE T 31 -6.16 -43.61 -1.30
N ASP T 32 -6.04 -42.96 -0.14
CA ASP T 32 -7.19 -42.58 0.65
C ASP T 32 -7.64 -41.19 0.22
N GLY T 33 -8.61 -40.62 0.94
CA GLY T 33 -9.10 -39.30 0.57
C GLY T 33 -8.06 -38.21 0.72
N LYS T 34 -7.17 -38.34 1.71
CA LYS T 34 -6.12 -37.35 1.90
C LYS T 34 -5.15 -37.35 0.73
N SER T 35 -4.72 -38.53 0.28
CA SER T 35 -3.87 -38.59 -0.91
C SER T 35 -4.64 -38.17 -2.16
N LEU T 36 -5.93 -38.49 -2.22
CA LEU T 36 -6.77 -38.06 -3.34
C LEU T 36 -6.66 -36.56 -3.55
N LEU T 37 -6.78 -35.80 -2.46
CA LEU T 37 -6.74 -34.34 -2.55
C LEU T 37 -5.36 -33.79 -2.89
N LEU T 38 -4.32 -34.63 -2.89
CA LEU T 38 -2.98 -34.23 -3.27
C LEU T 38 -2.66 -34.56 -4.72
N MET T 39 -3.50 -35.33 -5.40
CA MET T 39 -3.17 -35.82 -6.73
C MET T 39 -3.17 -34.68 -7.74
N GLN T 40 -2.22 -34.74 -8.66
CA GLN T 40 -2.20 -33.86 -9.82
C GLN T 40 -2.51 -34.68 -11.06
N ARG T 41 -2.66 -33.97 -12.19
CA ARG T 41 -3.14 -34.61 -13.41
C ARG T 41 -2.28 -35.79 -13.81
N THR T 42 -0.96 -35.62 -13.83
CA THR T 42 -0.08 -36.69 -14.28
C THR T 42 -0.15 -37.90 -13.35
N ASP T 43 -0.47 -37.71 -12.08
CA ASP T 43 -0.58 -38.83 -11.15
C ASP T 43 -1.72 -39.76 -11.56
N VAL T 44 -2.82 -39.19 -12.05
CA VAL T 44 -3.96 -40.02 -12.46
C VAL T 44 -3.66 -40.72 -13.78
N LEU T 45 -3.10 -39.99 -14.75
CA LEU T 45 -2.97 -40.52 -16.11
C LEU T 45 -1.79 -41.47 -16.26
N THR T 46 -0.77 -41.35 -15.41
CA THR T 46 0.43 -42.18 -15.52
C THR T 46 0.76 -42.98 -14.27
N GLY T 47 0.15 -42.67 -13.13
CA GLY T 47 0.55 -43.31 -11.89
C GLY T 47 -0.34 -44.43 -11.41
N LEU T 48 -1.49 -44.62 -12.06
CA LEU T 48 -2.46 -45.62 -11.64
C LEU T 48 -2.45 -46.88 -12.50
N SER T 49 -1.83 -46.82 -13.69
CA SER T 49 -1.82 -47.95 -14.61
C SER T 49 -3.22 -48.35 -15.03
N ILE T 50 -4.06 -47.36 -15.32
CA ILE T 50 -5.39 -47.57 -15.86
C ILE T 50 -5.43 -47.06 -17.29
N ARG T 51 -6.50 -47.41 -18.00
CA ARG T 51 -6.67 -46.96 -19.38
C ARG T 51 -6.81 -45.44 -19.43
N LEU T 52 -6.33 -44.86 -20.53
CA LEU T 52 -6.22 -43.40 -20.63
C LEU T 52 -7.59 -42.74 -20.71
N GLY T 53 -8.53 -43.34 -21.45
CA GLY T 53 -9.87 -42.81 -21.59
C GLY T 53 -10.56 -42.58 -20.26
N PRO T 54 -10.73 -43.65 -19.48
CA PRO T 54 -11.31 -43.47 -18.13
C PRO T 54 -10.50 -42.57 -17.23
N ALA T 55 -9.16 -42.65 -17.31
CA ALA T 55 -8.32 -41.82 -16.46
C ALA T 55 -8.58 -40.33 -16.69
N LEU T 56 -8.80 -39.94 -17.94
CA LEU T 56 -9.06 -38.54 -18.24
C LEU T 56 -10.35 -38.06 -17.58
N LYS T 57 -11.41 -38.88 -17.65
CA LYS T 57 -12.68 -38.52 -17.03
C LYS T 57 -12.59 -38.59 -15.50
N ILE T 58 -11.83 -39.55 -14.99
CA ILE T 58 -11.67 -39.69 -13.53
C ILE T 58 -11.03 -38.44 -12.95
N TYR T 59 -10.03 -37.89 -13.63
CA TYR T 59 -9.39 -36.68 -13.13
C TYR T 59 -10.28 -35.46 -13.34
N GLU T 60 -10.77 -35.26 -14.57
CA GLU T 60 -11.44 -34.01 -14.92
C GLU T 60 -12.80 -33.89 -14.25
N HIS T 61 -13.54 -34.99 -14.14
CA HIS T 61 -14.91 -34.95 -13.69
C HIS T 61 -15.10 -35.40 -12.24
N HIS T 62 -14.04 -35.86 -11.58
CA HIS T 62 -14.19 -36.36 -10.22
C HIS T 62 -13.09 -35.85 -9.29
N ILE T 63 -11.84 -36.19 -9.58
CA ILE T 63 -10.74 -35.79 -8.69
C ILE T 63 -10.61 -34.27 -8.67
N LYS T 64 -10.63 -33.63 -9.85
CA LYS T 64 -10.57 -32.19 -9.91
C LYS T 64 -11.76 -31.56 -9.18
N VAL T 65 -12.95 -32.11 -9.38
CA VAL T 65 -14.14 -31.56 -8.73
C VAL T 65 -14.06 -31.74 -7.22
N LEU T 66 -13.55 -32.88 -6.75
CA LEU T 66 -13.40 -33.07 -5.31
C LEU T 66 -12.41 -32.05 -4.73
N GLN T 67 -11.30 -31.81 -5.41
CA GLN T 67 -10.30 -30.87 -4.90
C GLN T 67 -10.79 -29.43 -4.93
N GLN T 68 -11.74 -29.10 -5.80
CA GLN T 68 -12.22 -27.74 -5.97
C GLN T 68 -13.48 -27.46 -5.14
N GLY T 69 -14.03 -28.46 -4.46
CA GLY T 69 -15.26 -28.28 -3.70
C GLY T 69 -15.09 -28.48 -2.21
#